data_3EER
# 
_entry.id   3EER 
# 
_audit_conform.dict_name       mmcif_pdbx.dic 
_audit_conform.dict_version    5.398 
_audit_conform.dict_location   http://mmcif.pdb.org/dictionaries/ascii/mmcif_pdbx.dic 
# 
loop_
_database_2.database_id 
_database_2.database_code 
_database_2.pdbx_database_accession 
_database_2.pdbx_DOI 
PDB   3EER         pdb_00003eer 10.2210/pdb3eer/pdb 
RCSB  RCSB049231   ?            ?                   
WWPDB D_1000049231 ?            ?                   
# 
loop_
_pdbx_audit_revision_history.ordinal 
_pdbx_audit_revision_history.data_content_type 
_pdbx_audit_revision_history.major_revision 
_pdbx_audit_revision_history.minor_revision 
_pdbx_audit_revision_history.revision_date 
1 'Structure model' 1 0 2008-10-21 
2 'Structure model' 1 1 2011-07-13 
3 'Structure model' 1 2 2024-11-13 
# 
_pdbx_audit_revision_details.ordinal             1 
_pdbx_audit_revision_details.revision_ordinal    1 
_pdbx_audit_revision_details.data_content_type   'Structure model' 
_pdbx_audit_revision_details.provider            repository 
_pdbx_audit_revision_details.type                'Initial release' 
_pdbx_audit_revision_details.description         ? 
_pdbx_audit_revision_details.details             ? 
# 
loop_
_pdbx_audit_revision_group.ordinal 
_pdbx_audit_revision_group.revision_ordinal 
_pdbx_audit_revision_group.data_content_type 
_pdbx_audit_revision_group.group 
1 2 'Structure model' Advisory                    
2 2 'Structure model' 'Version format compliance' 
3 3 'Structure model' 'Data collection'           
4 3 'Structure model' 'Database references'       
5 3 'Structure model' 'Derived calculations'      
6 3 'Structure model' 'Structure summary'         
# 
loop_
_pdbx_audit_revision_category.ordinal 
_pdbx_audit_revision_category.revision_ordinal 
_pdbx_audit_revision_category.data_content_type 
_pdbx_audit_revision_category.category 
1 3 'Structure model' chem_comp_atom            
2 3 'Structure model' chem_comp_bond            
3 3 'Structure model' database_2                
4 3 'Structure model' pdbx_entry_details        
5 3 'Structure model' pdbx_modification_feature 
6 3 'Structure model' pdbx_struct_conn_angle    
7 3 'Structure model' struct_conn               
8 3 'Structure model' struct_ref_seq_dif        
# 
loop_
_pdbx_audit_revision_item.ordinal 
_pdbx_audit_revision_item.revision_ordinal 
_pdbx_audit_revision_item.data_content_type 
_pdbx_audit_revision_item.item 
1  3 'Structure model' '_database_2.pdbx_DOI'                         
2  3 'Structure model' '_database_2.pdbx_database_accession'          
3  3 'Structure model' '_pdbx_entry_details.has_protein_modification' 
4  3 'Structure model' '_pdbx_struct_conn_angle.ptnr1_auth_seq_id'    
5  3 'Structure model' '_pdbx_struct_conn_angle.ptnr3_auth_seq_id'    
6  3 'Structure model' '_pdbx_struct_conn_angle.value'                
7  3 'Structure model' '_struct_conn.pdbx_dist_value'                 
8  3 'Structure model' '_struct_conn.pdbx_leaving_atom_flag'          
9  3 'Structure model' '_struct_conn.ptnr2_auth_seq_id'               
10 3 'Structure model' '_struct_ref_seq_dif.details'                  
# 
_pdbx_database_status.status_code                     REL 
_pdbx_database_status.entry_id                        3EER 
_pdbx_database_status.recvd_initial_deposition_date   2008-09-05 
_pdbx_database_status.deposit_site                    RCSB 
_pdbx_database_status.process_site                    RCSB 
_pdbx_database_status.status_code_sf                  REL 
_pdbx_database_status.status_code_mr                  ? 
_pdbx_database_status.SG_entry                        Y 
_pdbx_database_status.pdb_format_compatible           Y 
_pdbx_database_status.status_code_cs                  ? 
_pdbx_database_status.status_code_nmr_data            ? 
_pdbx_database_status.methods_development_category    ? 
# 
_pdbx_database_related.db_name        TargetDB 
_pdbx_database_related.db_id          IDP001325 
_pdbx_database_related.details        . 
_pdbx_database_related.content_type   unspecified 
# 
loop_
_audit_author.name 
_audit_author.pdbx_ordinal 
'Nocek, B.'                                                     1 
'Maltseva, N.'                                                  2 
'Kwon, K.'                                                      3 
'Anderson, W.F.'                                                4 
'Joachimiak, A.'                                                5 
'Center for Structural Genomics of Infectious Diseases (CSGID)' 6 
# 
_citation.id                        primary 
_citation.title                     
;High resolution crystal structure of the organic hydroperoxide 
resistance protein from Vibrio cholerae O1 biovar eltor str. N16961
;
_citation.journal_abbrev            'To be Published' 
_citation.journal_volume            ? 
_citation.page_first                ? 
_citation.page_last                 ? 
_citation.year                      ? 
_citation.journal_id_ASTM           ? 
_citation.country                   ? 
_citation.journal_id_ISSN           ? 
_citation.journal_id_CSD            0353 
_citation.book_publisher            ? 
_citation.pdbx_database_id_PubMed   ? 
_citation.pdbx_database_id_DOI      ? 
# 
loop_
_citation_author.citation_id 
_citation_author.name 
_citation_author.ordinal 
_citation_author.identifier_ORCID 
primary 'Nocek, B.'      1 ? 
primary 'Mulligan, R.'   2 ? 
primary 'Kwon, K.'       3 ? 
primary 'Anderson, W.F.' 4 ? 
primary 'Joachimiak, A.' 5 ? 
# 
loop_
_entity.id 
_entity.type 
_entity.src_method 
_entity.pdbx_description 
_entity.formula_weight 
_entity.pdbx_number_of_molecules 
_entity.pdbx_ec 
_entity.pdbx_mutation 
_entity.pdbx_fragment 
_entity.details 
1 polymer     man 'Organic hydroperoxide resistance protein, putative' 15436.041 1   ? ? ? ? 
2 non-polymer syn 'ACETATE ION'                                        59.044    7   ? ? ? ? 
3 non-polymer syn 'ZINC ION'                                           65.409    6   ? ? ? ? 
4 non-polymer syn IMIDAZOLE                                            69.085    1   ? ? ? ? 
5 water       nat water                                                18.015    182 ? ? ? ? 
# 
_entity_poly.entity_id                      1 
_entity_poly.type                           'polypeptide(L)' 
_entity_poly.nstd_linkage                   no 
_entity_poly.nstd_monomer                   yes 
_entity_poly.pdbx_seq_one_letter_code       
;SNAMRNKN(MSE)STIYQTSATASAGRNGVVSTEDKLLELNLSYPKE(MSE)GGSGTATNPEQLFAVGYAACFSNAILHV
AREAKVALKEAPVTATVGIGPNGQGGFALSVALAAHIALEDEQARQLVTVAHQVCPYSNAVRGNIDVQVSVNGLAL
;
_entity_poly.pdbx_seq_one_letter_code_can   
;SNAMRNKNMSTIYQTSATASAGRNGVVSTEDKLLELNLSYPKEMGGSGTATNPEQLFAVGYAACFSNAILHVAREAKVAL
KEAPVTATVGIGPNGQGGFALSVALAAHIALEDEQARQLVTVAHQVCPYSNAVRGNIDVQVSVNGLAL
;
_entity_poly.pdbx_strand_id                 A 
_entity_poly.pdbx_target_identifier         IDP001325 
# 
loop_
_pdbx_entity_nonpoly.entity_id 
_pdbx_entity_nonpoly.name 
_pdbx_entity_nonpoly.comp_id 
2 'ACETATE ION' ACT 
3 'ZINC ION'    ZN  
4 IMIDAZOLE     IMD 
5 water         HOH 
# 
loop_
_entity_poly_seq.entity_id 
_entity_poly_seq.num 
_entity_poly_seq.mon_id 
_entity_poly_seq.hetero 
1 1   SER n 
1 2   ASN n 
1 3   ALA n 
1 4   MET n 
1 5   ARG n 
1 6   ASN n 
1 7   LYS n 
1 8   ASN n 
1 9   MSE n 
1 10  SER n 
1 11  THR n 
1 12  ILE n 
1 13  TYR n 
1 14  GLN n 
1 15  THR n 
1 16  SER n 
1 17  ALA n 
1 18  THR n 
1 19  ALA n 
1 20  SER n 
1 21  ALA n 
1 22  GLY n 
1 23  ARG n 
1 24  ASN n 
1 25  GLY n 
1 26  VAL n 
1 27  VAL n 
1 28  SER n 
1 29  THR n 
1 30  GLU n 
1 31  ASP n 
1 32  LYS n 
1 33  LEU n 
1 34  LEU n 
1 35  GLU n 
1 36  LEU n 
1 37  ASN n 
1 38  LEU n 
1 39  SER n 
1 40  TYR n 
1 41  PRO n 
1 42  LYS n 
1 43  GLU n 
1 44  MSE n 
1 45  GLY n 
1 46  GLY n 
1 47  SER n 
1 48  GLY n 
1 49  THR n 
1 50  ALA n 
1 51  THR n 
1 52  ASN n 
1 53  PRO n 
1 54  GLU n 
1 55  GLN n 
1 56  LEU n 
1 57  PHE n 
1 58  ALA n 
1 59  VAL n 
1 60  GLY n 
1 61  TYR n 
1 62  ALA n 
1 63  ALA n 
1 64  CYS n 
1 65  PHE n 
1 66  SER n 
1 67  ASN n 
1 68  ALA n 
1 69  ILE n 
1 70  LEU n 
1 71  HIS n 
1 72  VAL n 
1 73  ALA n 
1 74  ARG n 
1 75  GLU n 
1 76  ALA n 
1 77  LYS n 
1 78  VAL n 
1 79  ALA n 
1 80  LEU n 
1 81  LYS n 
1 82  GLU n 
1 83  ALA n 
1 84  PRO n 
1 85  VAL n 
1 86  THR n 
1 87  ALA n 
1 88  THR n 
1 89  VAL n 
1 90  GLY n 
1 91  ILE n 
1 92  GLY n 
1 93  PRO n 
1 94  ASN n 
1 95  GLY n 
1 96  GLN n 
1 97  GLY n 
1 98  GLY n 
1 99  PHE n 
1 100 ALA n 
1 101 LEU n 
1 102 SER n 
1 103 VAL n 
1 104 ALA n 
1 105 LEU n 
1 106 ALA n 
1 107 ALA n 
1 108 HIS n 
1 109 ILE n 
1 110 ALA n 
1 111 LEU n 
1 112 GLU n 
1 113 ASP n 
1 114 GLU n 
1 115 GLN n 
1 116 ALA n 
1 117 ARG n 
1 118 GLN n 
1 119 LEU n 
1 120 VAL n 
1 121 THR n 
1 122 VAL n 
1 123 ALA n 
1 124 HIS n 
1 125 GLN n 
1 126 VAL n 
1 127 CYS n 
1 128 PRO n 
1 129 TYR n 
1 130 SER n 
1 131 ASN n 
1 132 ALA n 
1 133 VAL n 
1 134 ARG n 
1 135 GLY n 
1 136 ASN n 
1 137 ILE n 
1 138 ASP n 
1 139 VAL n 
1 140 GLN n 
1 141 VAL n 
1 142 SER n 
1 143 VAL n 
1 144 ASN n 
1 145 GLY n 
1 146 LEU n 
1 147 ALA n 
1 148 LEU n 
# 
_entity_src_gen.entity_id                          1 
_entity_src_gen.pdbx_src_id                        1 
_entity_src_gen.pdbx_alt_source_flag               sample 
_entity_src_gen.pdbx_seq_type                      ? 
_entity_src_gen.pdbx_beg_seq_num                   ? 
_entity_src_gen.pdbx_end_seq_num                   ? 
_entity_src_gen.gene_src_common_name               ? 
_entity_src_gen.gene_src_genus                     ? 
_entity_src_gen.pdbx_gene_src_gene                 VC_A1006 
_entity_src_gen.gene_src_species                   ? 
_entity_src_gen.gene_src_strain                    N16961 
_entity_src_gen.gene_src_tissue                    ? 
_entity_src_gen.gene_src_tissue_fraction           ? 
_entity_src_gen.gene_src_details                   ? 
_entity_src_gen.pdbx_gene_src_fragment             ? 
_entity_src_gen.pdbx_gene_src_scientific_name      'Vibrio cholerae O1 biovar El Tor' 
_entity_src_gen.pdbx_gene_src_ncbi_taxonomy_id     243277 
_entity_src_gen.pdbx_gene_src_variant              ? 
_entity_src_gen.pdbx_gene_src_cell_line            ? 
_entity_src_gen.pdbx_gene_src_atcc                 ? 
_entity_src_gen.pdbx_gene_src_organ                ? 
_entity_src_gen.pdbx_gene_src_organelle            ? 
_entity_src_gen.pdbx_gene_src_cell                 ? 
_entity_src_gen.pdbx_gene_src_cellular_location    ? 
_entity_src_gen.host_org_common_name               ? 
_entity_src_gen.pdbx_host_org_scientific_name      'Escherichia coli' 
_entity_src_gen.pdbx_host_org_ncbi_taxonomy_id     562 
_entity_src_gen.host_org_genus                     ? 
_entity_src_gen.pdbx_host_org_gene                 ? 
_entity_src_gen.pdbx_host_org_organ                ? 
_entity_src_gen.host_org_species                   ? 
_entity_src_gen.pdbx_host_org_tissue               ? 
_entity_src_gen.pdbx_host_org_tissue_fraction      ? 
_entity_src_gen.pdbx_host_org_strain               'BLD21(DE3)' 
_entity_src_gen.pdbx_host_org_variant              ? 
_entity_src_gen.pdbx_host_org_cell_line            ? 
_entity_src_gen.pdbx_host_org_atcc                 ? 
_entity_src_gen.pdbx_host_org_culture_collection   ? 
_entity_src_gen.pdbx_host_org_cell                 ? 
_entity_src_gen.pdbx_host_org_organelle            ? 
_entity_src_gen.pdbx_host_org_cellular_location    ? 
_entity_src_gen.pdbx_host_org_vector_type          pMCSG7 
_entity_src_gen.pdbx_host_org_vector               ? 
_entity_src_gen.host_org_details                   ? 
_entity_src_gen.expression_system_id               ? 
_entity_src_gen.plasmid_name                       ? 
_entity_src_gen.plasmid_details                    ? 
_entity_src_gen.pdbx_description                   ? 
# 
loop_
_chem_comp.id 
_chem_comp.type 
_chem_comp.mon_nstd_flag 
_chem_comp.name 
_chem_comp.pdbx_synonyms 
_chem_comp.formula 
_chem_comp.formula_weight 
ACT non-polymer         . 'ACETATE ION'    ? 'C2 H3 O2 -1'    59.044  
ALA 'L-peptide linking' y ALANINE          ? 'C3 H7 N O2'     89.093  
ARG 'L-peptide linking' y ARGININE         ? 'C6 H15 N4 O2 1' 175.209 
ASN 'L-peptide linking' y ASPARAGINE       ? 'C4 H8 N2 O3'    132.118 
ASP 'L-peptide linking' y 'ASPARTIC ACID'  ? 'C4 H7 N O4'     133.103 
CYS 'L-peptide linking' y CYSTEINE         ? 'C3 H7 N O2 S'   121.158 
GLN 'L-peptide linking' y GLUTAMINE        ? 'C5 H10 N2 O3'   146.144 
GLU 'L-peptide linking' y 'GLUTAMIC ACID'  ? 'C5 H9 N O4'     147.129 
GLY 'peptide linking'   y GLYCINE          ? 'C2 H5 N O2'     75.067  
HIS 'L-peptide linking' y HISTIDINE        ? 'C6 H10 N3 O2 1' 156.162 
HOH non-polymer         . WATER            ? 'H2 O'           18.015  
ILE 'L-peptide linking' y ISOLEUCINE       ? 'C6 H13 N O2'    131.173 
IMD non-polymer         . IMIDAZOLE        ? 'C3 H5 N2 1'     69.085  
LEU 'L-peptide linking' y LEUCINE          ? 'C6 H13 N O2'    131.173 
LYS 'L-peptide linking' y LYSINE           ? 'C6 H15 N2 O2 1' 147.195 
MET 'L-peptide linking' y METHIONINE       ? 'C5 H11 N O2 S'  149.211 
MSE 'L-peptide linking' n SELENOMETHIONINE ? 'C5 H11 N O2 Se' 196.106 
PHE 'L-peptide linking' y PHENYLALANINE    ? 'C9 H11 N O2'    165.189 
PRO 'L-peptide linking' y PROLINE          ? 'C5 H9 N O2'     115.130 
SER 'L-peptide linking' y SERINE           ? 'C3 H7 N O3'     105.093 
THR 'L-peptide linking' y THREONINE        ? 'C4 H9 N O3'     119.119 
TYR 'L-peptide linking' y TYROSINE         ? 'C9 H11 N O3'    181.189 
VAL 'L-peptide linking' y VALINE           ? 'C5 H11 N O2'    117.146 
ZN  non-polymer         . 'ZINC ION'       ? 'Zn 2'           65.409  
# 
loop_
_pdbx_poly_seq_scheme.asym_id 
_pdbx_poly_seq_scheme.entity_id 
_pdbx_poly_seq_scheme.seq_id 
_pdbx_poly_seq_scheme.mon_id 
_pdbx_poly_seq_scheme.ndb_seq_num 
_pdbx_poly_seq_scheme.pdb_seq_num 
_pdbx_poly_seq_scheme.auth_seq_num 
_pdbx_poly_seq_scheme.pdb_mon_id 
_pdbx_poly_seq_scheme.auth_mon_id 
_pdbx_poly_seq_scheme.pdb_strand_id 
_pdbx_poly_seq_scheme.pdb_ins_code 
_pdbx_poly_seq_scheme.hetero 
A 1 1   SER 1   -2  ?   ?   ?   A . n 
A 1 2   ASN 2   -1  ?   ?   ?   A . n 
A 1 3   ALA 3   0   ?   ?   ?   A . n 
A 1 4   MET 4   1   ?   ?   ?   A . n 
A 1 5   ARG 5   2   ?   ?   ?   A . n 
A 1 6   ASN 6   3   ?   ?   ?   A . n 
A 1 7   LYS 7   4   ?   ?   ?   A . n 
A 1 8   ASN 8   5   ?   ?   ?   A . n 
A 1 9   MSE 9   6   6   MSE MSE A . n 
A 1 10  SER 10  7   7   SER SER A . n 
A 1 11  THR 11  8   8   THR THR A . n 
A 1 12  ILE 12  9   9   ILE ILE A . n 
A 1 13  TYR 13  10  10  TYR TYR A . n 
A 1 14  GLN 14  11  11  GLN GLN A . n 
A 1 15  THR 15  12  12  THR THR A . n 
A 1 16  SER 16  13  13  SER SER A . n 
A 1 17  ALA 17  14  14  ALA ALA A . n 
A 1 18  THR 18  15  15  THR THR A . n 
A 1 19  ALA 19  16  16  ALA ALA A . n 
A 1 20  SER 20  17  17  SER SER A . n 
A 1 21  ALA 21  18  18  ALA ALA A . n 
A 1 22  GLY 22  19  19  GLY GLY A . n 
A 1 23  ARG 23  20  20  ARG ARG A . n 
A 1 24  ASN 24  21  21  ASN ASN A . n 
A 1 25  GLY 25  22  22  GLY GLY A . n 
A 1 26  VAL 26  23  23  VAL VAL A . n 
A 1 27  VAL 27  24  24  VAL VAL A . n 
A 1 28  SER 28  25  25  SER SER A . n 
A 1 29  THR 29  26  26  THR THR A . n 
A 1 30  GLU 30  27  27  GLU GLU A . n 
A 1 31  ASP 31  28  28  ASP ASP A . n 
A 1 32  LYS 32  29  29  LYS LYS A . n 
A 1 33  LEU 33  30  30  LEU LEU A . n 
A 1 34  LEU 34  31  31  LEU LEU A . n 
A 1 35  GLU 35  32  32  GLU GLU A . n 
A 1 36  LEU 36  33  33  LEU LEU A . n 
A 1 37  ASN 37  34  34  ASN ASN A . n 
A 1 38  LEU 38  35  35  LEU LEU A . n 
A 1 39  SER 39  36  36  SER SER A . n 
A 1 40  TYR 40  37  37  TYR TYR A . n 
A 1 41  PRO 41  38  38  PRO PRO A . n 
A 1 42  LYS 42  39  39  LYS LYS A . n 
A 1 43  GLU 43  40  40  GLU GLU A . n 
A 1 44  MSE 44  41  41  MSE MSE A . n 
A 1 45  GLY 45  42  42  GLY GLY A . n 
A 1 46  GLY 46  43  43  GLY GLY A . n 
A 1 47  SER 47  44  44  SER SER A . n 
A 1 48  GLY 48  45  45  GLY GLY A . n 
A 1 49  THR 49  46  46  THR THR A . n 
A 1 50  ALA 50  47  47  ALA ALA A . n 
A 1 51  THR 51  48  48  THR THR A . n 
A 1 52  ASN 52  49  49  ASN ASN A . n 
A 1 53  PRO 53  50  50  PRO PRO A . n 
A 1 54  GLU 54  51  51  GLU GLU A . n 
A 1 55  GLN 55  52  52  GLN GLN A . n 
A 1 56  LEU 56  53  53  LEU LEU A . n 
A 1 57  PHE 57  54  54  PHE PHE A . n 
A 1 58  ALA 58  55  55  ALA ALA A . n 
A 1 59  VAL 59  56  56  VAL VAL A . n 
A 1 60  GLY 60  57  57  GLY GLY A . n 
A 1 61  TYR 61  58  58  TYR TYR A . n 
A 1 62  ALA 62  59  59  ALA ALA A . n 
A 1 63  ALA 63  60  60  ALA ALA A . n 
A 1 64  CYS 64  61  61  CYS CYS A . n 
A 1 65  PHE 65  62  62  PHE PHE A . n 
A 1 66  SER 66  63  63  SER SER A . n 
A 1 67  ASN 67  64  64  ASN ASN A . n 
A 1 68  ALA 68  65  65  ALA ALA A . n 
A 1 69  ILE 69  66  66  ILE ILE A . n 
A 1 70  LEU 70  67  67  LEU LEU A . n 
A 1 71  HIS 71  68  68  HIS HIS A . n 
A 1 72  VAL 72  69  69  VAL VAL A . n 
A 1 73  ALA 73  70  70  ALA ALA A . n 
A 1 74  ARG 74  71  71  ARG ARG A . n 
A 1 75  GLU 75  72  72  GLU GLU A . n 
A 1 76  ALA 76  73  73  ALA ALA A . n 
A 1 77  LYS 77  74  74  LYS LYS A . n 
A 1 78  VAL 78  75  75  VAL VAL A . n 
A 1 79  ALA 79  76  76  ALA ALA A . n 
A 1 80  LEU 80  77  77  LEU LEU A . n 
A 1 81  LYS 81  78  78  LYS LYS A . n 
A 1 82  GLU 82  79  79  GLU GLU A . n 
A 1 83  ALA 83  80  80  ALA ALA A . n 
A 1 84  PRO 84  81  81  PRO PRO A . n 
A 1 85  VAL 85  82  82  VAL VAL A . n 
A 1 86  THR 86  83  83  THR THR A . n 
A 1 87  ALA 87  84  84  ALA ALA A . n 
A 1 88  THR 88  85  85  THR THR A . n 
A 1 89  VAL 89  86  86  VAL VAL A . n 
A 1 90  GLY 90  87  87  GLY GLY A . n 
A 1 91  ILE 91  88  88  ILE ILE A . n 
A 1 92  GLY 92  89  89  GLY GLY A . n 
A 1 93  PRO 93  90  90  PRO PRO A . n 
A 1 94  ASN 94  91  91  ASN ASN A . n 
A 1 95  GLY 95  92  92  GLY GLY A . n 
A 1 96  GLN 96  93  93  GLN GLN A . n 
A 1 97  GLY 97  94  94  GLY GLY A . n 
A 1 98  GLY 98  95  95  GLY GLY A . n 
A 1 99  PHE 99  96  96  PHE PHE A . n 
A 1 100 ALA 100 97  97  ALA ALA A . n 
A 1 101 LEU 101 98  98  LEU LEU A . n 
A 1 102 SER 102 99  99  SER SER A . n 
A 1 103 VAL 103 100 100 VAL VAL A . n 
A 1 104 ALA 104 101 101 ALA ALA A . n 
A 1 105 LEU 105 102 102 LEU LEU A . n 
A 1 106 ALA 106 103 103 ALA ALA A . n 
A 1 107 ALA 107 104 104 ALA ALA A . n 
A 1 108 HIS 108 105 105 HIS HIS A . n 
A 1 109 ILE 109 106 106 ILE ILE A . n 
A 1 110 ALA 110 107 107 ALA ALA A . n 
A 1 111 LEU 111 108 108 LEU LEU A . n 
A 1 112 GLU 112 109 109 GLU GLU A . n 
A 1 113 ASP 113 110 110 ASP ASP A . n 
A 1 114 GLU 114 111 111 GLU GLU A . n 
A 1 115 GLN 115 112 112 GLN GLN A . n 
A 1 116 ALA 116 113 113 ALA ALA A . n 
A 1 117 ARG 117 114 114 ARG ARG A . n 
A 1 118 GLN 118 115 115 GLN GLN A . n 
A 1 119 LEU 119 116 116 LEU LEU A . n 
A 1 120 VAL 120 117 117 VAL VAL A . n 
A 1 121 THR 121 118 118 THR THR A . n 
A 1 122 VAL 122 119 119 VAL VAL A . n 
A 1 123 ALA 123 120 120 ALA ALA A . n 
A 1 124 HIS 124 121 121 HIS HIS A . n 
A 1 125 GLN 125 122 122 GLN GLN A . n 
A 1 126 VAL 126 123 123 VAL VAL A . n 
A 1 127 CYS 127 124 124 CYS CYS A . n 
A 1 128 PRO 128 125 125 PRO PRO A . n 
A 1 129 TYR 129 126 126 TYR TYR A . n 
A 1 130 SER 130 127 127 SER SER A . n 
A 1 131 ASN 131 128 128 ASN ASN A . n 
A 1 132 ALA 132 129 129 ALA ALA A . n 
A 1 133 VAL 133 130 130 VAL VAL A . n 
A 1 134 ARG 134 131 131 ARG ARG A . n 
A 1 135 GLY 135 132 132 GLY GLY A . n 
A 1 136 ASN 136 133 133 ASN ASN A . n 
A 1 137 ILE 137 134 134 ILE ILE A . n 
A 1 138 ASP 138 135 135 ASP ASP A . n 
A 1 139 VAL 139 136 136 VAL VAL A . n 
A 1 140 GLN 140 137 137 GLN GLN A . n 
A 1 141 VAL 141 138 138 VAL VAL A . n 
A 1 142 SER 142 139 139 SER SER A . n 
A 1 143 VAL 143 140 140 VAL VAL A . n 
A 1 144 ASN 144 141 141 ASN ASN A . n 
A 1 145 GLY 145 142 142 GLY GLY A . n 
A 1 146 LEU 146 143 143 LEU LEU A . n 
A 1 147 ALA 147 144 144 ALA ALA A . n 
A 1 148 LEU 148 145 145 LEU LEU A . n 
# 
loop_
_pdbx_nonpoly_scheme.asym_id 
_pdbx_nonpoly_scheme.entity_id 
_pdbx_nonpoly_scheme.mon_id 
_pdbx_nonpoly_scheme.ndb_seq_num 
_pdbx_nonpoly_scheme.pdb_seq_num 
_pdbx_nonpoly_scheme.auth_seq_num 
_pdbx_nonpoly_scheme.pdb_mon_id 
_pdbx_nonpoly_scheme.auth_mon_id 
_pdbx_nonpoly_scheme.pdb_strand_id 
_pdbx_nonpoly_scheme.pdb_ins_code 
B 2 ACT 1   1001 1001 ACT ACT A . 
C 2 ACT 1   1002 1002 ACT ACT A . 
D 2 ACT 1   1003 1003 ACT ACT A . 
E 2 ACT 1   1004 1004 ACT ACT A . 
F 2 ACT 1   1005 1005 ACT ACT A . 
G 2 ACT 1   1006 1006 ACT ACT A . 
H 2 ACT 1   1007 1007 ACT ACT A . 
I 3 ZN  1   2001 2001 ZN  ZN  A . 
J 3 ZN  1   2002 2002 ZN  ZN  A . 
K 3 ZN  1   2003 2003 ZN  ZN  A . 
L 3 ZN  1   2004 2004 ZN  ZN  A . 
M 3 ZN  1   2005 2005 ZN  ZN  A . 
N 3 ZN  1   2006 2006 ZN  ZN  A . 
O 4 IMD 1   3001 3001 IMD IMD A . 
P 5 HOH 1   3002 3002 HOH HOH A . 
P 5 HOH 2   3003 3003 HOH HOH A . 
P 5 HOH 3   3004 3004 HOH HOH A . 
P 5 HOH 4   3005 3005 HOH HOH A . 
P 5 HOH 5   3006 3006 HOH HOH A . 
P 5 HOH 6   3007 3007 HOH HOH A . 
P 5 HOH 7   3008 3008 HOH HOH A . 
P 5 HOH 8   3009 3009 HOH HOH A . 
P 5 HOH 9   3010 3010 HOH HOH A . 
P 5 HOH 10  3011 3011 HOH HOH A . 
P 5 HOH 11  3012 3012 HOH HOH A . 
P 5 HOH 12  3013 3013 HOH HOH A . 
P 5 HOH 13  3014 3014 HOH HOH A . 
P 5 HOH 14  3015 3015 HOH HOH A . 
P 5 HOH 15  3016 3016 HOH HOH A . 
P 5 HOH 16  3017 3017 HOH HOH A . 
P 5 HOH 17  3018 3018 HOH HOH A . 
P 5 HOH 18  3019 3019 HOH HOH A . 
P 5 HOH 19  3020 3020 HOH HOH A . 
P 5 HOH 20  3021 3021 HOH HOH A . 
P 5 HOH 21  3022 3022 HOH HOH A . 
P 5 HOH 22  3023 3023 HOH HOH A . 
P 5 HOH 23  3024 3024 HOH HOH A . 
P 5 HOH 24  3025 3025 HOH HOH A . 
P 5 HOH 25  3026 3026 HOH HOH A . 
P 5 HOH 26  3027 3027 HOH HOH A . 
P 5 HOH 27  3028 3028 HOH HOH A . 
P 5 HOH 28  3029 3029 HOH HOH A . 
P 5 HOH 29  3030 3030 HOH HOH A . 
P 5 HOH 30  3031 3031 HOH HOH A . 
P 5 HOH 31  3032 3032 HOH HOH A . 
P 5 HOH 32  3033 3033 HOH HOH A . 
P 5 HOH 33  3034 3034 HOH HOH A . 
P 5 HOH 34  3035 3035 HOH HOH A . 
P 5 HOH 35  3036 3036 HOH HOH A . 
P 5 HOH 36  3037 3037 HOH HOH A . 
P 5 HOH 37  3038 3038 HOH HOH A . 
P 5 HOH 38  3039 3039 HOH HOH A . 
P 5 HOH 39  3040 3040 HOH HOH A . 
P 5 HOH 40  3041 3041 HOH HOH A . 
P 5 HOH 41  3042 3042 HOH HOH A . 
P 5 HOH 42  3043 3043 HOH HOH A . 
P 5 HOH 43  3044 3044 HOH HOH A . 
P 5 HOH 44  3045 3045 HOH HOH A . 
P 5 HOH 45  3046 3046 HOH HOH A . 
P 5 HOH 46  3047 3047 HOH HOH A . 
P 5 HOH 47  3048 3048 HOH HOH A . 
P 5 HOH 48  3049 3049 HOH HOH A . 
P 5 HOH 49  3050 3050 HOH HOH A . 
P 5 HOH 50  3051 3051 HOH HOH A . 
P 5 HOH 51  3052 3052 HOH HOH A . 
P 5 HOH 52  3053 3053 HOH HOH A . 
P 5 HOH 53  3054 3054 HOH HOH A . 
P 5 HOH 54  3055 3055 HOH HOH A . 
P 5 HOH 55  3056 3056 HOH HOH A . 
P 5 HOH 56  3057 3057 HOH HOH A . 
P 5 HOH 57  3058 3058 HOH HOH A . 
P 5 HOH 58  3059 3059 HOH HOH A . 
P 5 HOH 59  3060 3060 HOH HOH A . 
P 5 HOH 60  3061 3061 HOH HOH A . 
P 5 HOH 61  3062 3062 HOH HOH A . 
P 5 HOH 62  3063 3063 HOH HOH A . 
P 5 HOH 63  3064 3064 HOH HOH A . 
P 5 HOH 64  3065 3065 HOH HOH A . 
P 5 HOH 65  3066 3066 HOH HOH A . 
P 5 HOH 66  3067 3067 HOH HOH A . 
P 5 HOH 67  3068 3068 HOH HOH A . 
P 5 HOH 68  3069 3069 HOH HOH A . 
P 5 HOH 69  3070 3070 HOH HOH A . 
P 5 HOH 70  3071 3071 HOH HOH A . 
P 5 HOH 71  3072 3072 HOH HOH A . 
P 5 HOH 72  3073 3073 HOH HOH A . 
P 5 HOH 73  3074 3074 HOH HOH A . 
P 5 HOH 74  3075 3075 HOH HOH A . 
P 5 HOH 75  3076 3076 HOH HOH A . 
P 5 HOH 76  3077 3077 HOH HOH A . 
P 5 HOH 77  3078 3078 HOH HOH A . 
P 5 HOH 78  3079 3079 HOH HOH A . 
P 5 HOH 79  3080 3080 HOH HOH A . 
P 5 HOH 80  3081 3081 HOH HOH A . 
P 5 HOH 81  3082 3082 HOH HOH A . 
P 5 HOH 82  3083 3083 HOH HOH A . 
P 5 HOH 83  3084 3084 HOH HOH A . 
P 5 HOH 84  3085 3085 HOH HOH A . 
P 5 HOH 85  3086 3086 HOH HOH A . 
P 5 HOH 86  3087 3087 HOH HOH A . 
P 5 HOH 87  3088 3088 HOH HOH A . 
P 5 HOH 88  3089 3089 HOH HOH A . 
P 5 HOH 89  3090 3090 HOH HOH A . 
P 5 HOH 90  3091 3091 HOH HOH A . 
P 5 HOH 91  3092 3092 HOH HOH A . 
P 5 HOH 92  3093 3093 HOH HOH A . 
P 5 HOH 93  3094 3094 HOH HOH A . 
P 5 HOH 94  3095 3095 HOH HOH A . 
P 5 HOH 95  3096 3096 HOH HOH A . 
P 5 HOH 96  3097 3097 HOH HOH A . 
P 5 HOH 97  3098 3098 HOH HOH A . 
P 5 HOH 98  3099 3099 HOH HOH A . 
P 5 HOH 99  3100 3100 HOH HOH A . 
P 5 HOH 100 3101 3101 HOH HOH A . 
P 5 HOH 101 3102 3102 HOH HOH A . 
P 5 HOH 102 3103 3103 HOH HOH A . 
P 5 HOH 103 3104 3104 HOH HOH A . 
P 5 HOH 104 3105 3105 HOH HOH A . 
P 5 HOH 105 3106 3106 HOH HOH A . 
P 5 HOH 106 3107 3107 HOH HOH A . 
P 5 HOH 107 3108 3108 HOH HOH A . 
P 5 HOH 108 3109 3109 HOH HOH A . 
P 5 HOH 109 3110 3110 HOH HOH A . 
P 5 HOH 110 3111 3111 HOH HOH A . 
P 5 HOH 111 3112 3112 HOH HOH A . 
P 5 HOH 112 3113 3113 HOH HOH A . 
P 5 HOH 113 3114 3114 HOH HOH A . 
P 5 HOH 114 3115 3115 HOH HOH A . 
P 5 HOH 115 3116 3116 HOH HOH A . 
P 5 HOH 116 3117 3117 HOH HOH A . 
P 5 HOH 117 3118 3118 HOH HOH A . 
P 5 HOH 118 3119 3119 HOH HOH A . 
P 5 HOH 119 3120 3120 HOH HOH A . 
P 5 HOH 120 3121 3121 HOH HOH A . 
P 5 HOH 121 3122 3122 HOH HOH A . 
P 5 HOH 122 3123 3123 HOH HOH A . 
P 5 HOH 123 3124 3124 HOH HOH A . 
P 5 HOH 124 3125 3125 HOH HOH A . 
P 5 HOH 125 3126 3126 HOH HOH A . 
P 5 HOH 126 3127 3127 HOH HOH A . 
P 5 HOH 127 3128 3128 HOH HOH A . 
P 5 HOH 128 3129 3129 HOH HOH A . 
P 5 HOH 129 3130 3130 HOH HOH A . 
P 5 HOH 130 3131 3131 HOH HOH A . 
P 5 HOH 131 3132 3132 HOH HOH A . 
P 5 HOH 132 3133 3133 HOH HOH A . 
P 5 HOH 133 3134 3134 HOH HOH A . 
P 5 HOH 134 3135 3135 HOH HOH A . 
P 5 HOH 135 3136 3136 HOH HOH A . 
P 5 HOH 136 3137 3137 HOH HOH A . 
P 5 HOH 137 3138 3138 HOH HOH A . 
P 5 HOH 138 3139 3139 HOH HOH A . 
P 5 HOH 139 3140 3140 HOH HOH A . 
P 5 HOH 140 3141 3141 HOH HOH A . 
P 5 HOH 141 3142 3142 HOH HOH A . 
P 5 HOH 142 3143 3143 HOH HOH A . 
P 5 HOH 143 3144 3144 HOH HOH A . 
P 5 HOH 144 3145 3145 HOH HOH A . 
P 5 HOH 145 3146 3146 HOH HOH A . 
P 5 HOH 146 3147 3147 HOH HOH A . 
P 5 HOH 147 3148 3148 HOH HOH A . 
P 5 HOH 148 3149 3149 HOH HOH A . 
P 5 HOH 149 3150 3150 HOH HOH A . 
P 5 HOH 150 3151 3151 HOH HOH A . 
P 5 HOH 151 3152 3152 HOH HOH A . 
P 5 HOH 152 3153 3153 HOH HOH A . 
P 5 HOH 153 3154 3154 HOH HOH A . 
P 5 HOH 154 3155 3155 HOH HOH A . 
P 5 HOH 155 3156 3156 HOH HOH A . 
P 5 HOH 156 3157 3157 HOH HOH A . 
P 5 HOH 157 3158 3158 HOH HOH A . 
P 5 HOH 158 3159 3159 HOH HOH A . 
P 5 HOH 159 3160 3160 HOH HOH A . 
P 5 HOH 160 3161 3161 HOH HOH A . 
P 5 HOH 161 3162 3162 HOH HOH A . 
P 5 HOH 162 3163 3163 HOH HOH A . 
P 5 HOH 163 3164 3164 HOH HOH A . 
P 5 HOH 164 3165 3165 HOH HOH A . 
P 5 HOH 165 3166 3166 HOH HOH A . 
P 5 HOH 166 3167 3167 HOH HOH A . 
P 5 HOH 167 3168 3168 HOH HOH A . 
P 5 HOH 168 3169 3169 HOH HOH A . 
P 5 HOH 169 3170 3170 HOH HOH A . 
P 5 HOH 170 3171 3171 HOH HOH A . 
P 5 HOH 171 3172 3172 HOH HOH A . 
P 5 HOH 172 3173 3173 HOH HOH A . 
P 5 HOH 173 3174 3174 HOH HOH A . 
P 5 HOH 174 3175 3175 HOH HOH A . 
P 5 HOH 175 3176 3176 HOH HOH A . 
P 5 HOH 176 3177 3177 HOH HOH A . 
P 5 HOH 177 3178 3178 HOH HOH A . 
P 5 HOH 178 3179 3179 HOH HOH A . 
P 5 HOH 179 3180 3180 HOH HOH A . 
P 5 HOH 180 3181 3181 HOH HOH A . 
P 5 HOH 181 3182 3182 HOH HOH A . 
P 5 HOH 182 3183 3183 HOH HOH A . 
# 
loop_
_pdbx_unobs_or_zero_occ_atoms.id 
_pdbx_unobs_or_zero_occ_atoms.PDB_model_num 
_pdbx_unobs_or_zero_occ_atoms.polymer_flag 
_pdbx_unobs_or_zero_occ_atoms.occupancy_flag 
_pdbx_unobs_or_zero_occ_atoms.auth_asym_id 
_pdbx_unobs_or_zero_occ_atoms.auth_comp_id 
_pdbx_unobs_or_zero_occ_atoms.auth_seq_id 
_pdbx_unobs_or_zero_occ_atoms.PDB_ins_code 
_pdbx_unobs_or_zero_occ_atoms.auth_atom_id 
_pdbx_unobs_or_zero_occ_atoms.label_alt_id 
_pdbx_unobs_or_zero_occ_atoms.label_asym_id 
_pdbx_unobs_or_zero_occ_atoms.label_comp_id 
_pdbx_unobs_or_zero_occ_atoms.label_seq_id 
_pdbx_unobs_or_zero_occ_atoms.label_atom_id 
1 1 Y 1 A MSE 6 ? CG ? A MSE 9 CG 
2 1 Y 1 A MSE 6 ? SE ? A MSE 9 SE 
3 1 Y 1 A MSE 6 ? CE ? A MSE 9 CE 
# 
loop_
_software.name 
_software.classification 
_software.version 
_software.citation_id 
_software.pdbx_ordinal 
SBC-Collect 'data collection' .        ? 1  
MOLREP      phasing           .        ? 2  
CCP4        'model building'  .        ? 3  
REFMAC      refinement        5.5.0054 ? 4  
HKL-3000    'data reduction'  .        ? 5  
HKL-3000    'data scaling'    .        ? 6  
HKL-3000    phasing           .        ? 7  
DM          phasing           .        ? 8  
ARP/wARP    'model building'  .        ? 9  
CCP4        phasing           .        ? 10 
Coot        'model building'  .        ? 11 
# 
_cell.entry_id           3EER 
_cell.length_a           59.649 
_cell.length_b           71.127 
_cell.length_c           71.629 
_cell.angle_alpha        90.00 
_cell.angle_beta         90.00 
_cell.angle_gamma        90.00 
_cell.Z_PDB              8 
_cell.pdbx_unique_axis   ? 
_cell.length_a_esd       ? 
_cell.length_b_esd       ? 
_cell.length_c_esd       ? 
_cell.angle_alpha_esd    ? 
_cell.angle_beta_esd     ? 
_cell.angle_gamma_esd    ? 
# 
_symmetry.entry_id                         3EER 
_symmetry.space_group_name_H-M             'I 21 21 21' 
_symmetry.pdbx_full_space_group_name_H-M   ? 
_symmetry.cell_setting                     ? 
_symmetry.Int_Tables_number                24 
_symmetry.space_group_name_Hall            ? 
# 
_exptl.entry_id          3EER 
_exptl.method            'X-RAY DIFFRACTION' 
_exptl.crystals_number   1 
# 
_exptl_crystal.id                    1 
_exptl_crystal.density_meas          ? 
_exptl_crystal.density_Matthews      2.46 
_exptl_crystal.density_percent_sol   50.02 
_exptl_crystal.description           ? 
_exptl_crystal.F_000                 ? 
_exptl_crystal.preparation           ? 
# 
_exptl_crystal_grow.crystal_id      1 
_exptl_crystal_grow.method          ? 
_exptl_crystal_grow.temp            291 
_exptl_crystal_grow.temp_details    ? 
_exptl_crystal_grow.pH              8.0 
_exptl_crystal_grow.pdbx_pH_range   ? 
_exptl_crystal_grow.pdbx_details    
'0.2 M ZnAcetate, 0.1 M Imidazole, 20% Peg 3000, pH 8.0, VAPOR DIFFUSION, SITTING DROP, temperature 291K' 
# 
_diffrn.id                     1 
_diffrn.ambient_temp           ? 
_diffrn.ambient_temp_details   ? 
_diffrn.crystal_id             1 
# 
_diffrn_detector.diffrn_id              1 
_diffrn_detector.detector               CCD 
_diffrn_detector.type                   SBC-3 
_diffrn_detector.pdbx_collection_date   2008-08-16 
_diffrn_detector.details                MIRRORS 
# 
_diffrn_radiation.diffrn_id                        1 
_diffrn_radiation.wavelength_id                    1 
_diffrn_radiation.pdbx_monochromatic_or_laue_m_l   M 
_diffrn_radiation.monochromator                    'DOUBLE CRYSTAL' 
_diffrn_radiation.pdbx_diffrn_protocol             'SINGLE WAVELENGTH' 
_diffrn_radiation.pdbx_scattering_type             x-ray 
# 
_diffrn_radiation_wavelength.id           1 
_diffrn_radiation_wavelength.wavelength   0.9794 
_diffrn_radiation_wavelength.wt           1.0 
# 
_diffrn_source.diffrn_id                   1 
_diffrn_source.source                      SYNCHROTRON 
_diffrn_source.type                        'APS BEAMLINE 19-BM' 
_diffrn_source.pdbx_synchrotron_site       APS 
_diffrn_source.pdbx_synchrotron_beamline   19-BM 
_diffrn_source.pdbx_wavelength             0.9794 
_diffrn_source.pdbx_wavelength_list        ? 
# 
_reflns.entry_id                     3EER 
_reflns.observed_criterion_sigma_I   0.000 
_reflns.observed_criterion_sigma_F   ? 
_reflns.d_resolution_low             40.000 
_reflns.d_resolution_high            1.450 
_reflns.number_obs                   27234 
_reflns.number_all                   ? 
_reflns.percent_possible_obs         99.1 
_reflns.pdbx_Rmerge_I_obs            0.10600 
_reflns.pdbx_Rsym_value              ? 
_reflns.pdbx_netI_over_sigmaI        19.7000 
_reflns.B_iso_Wilson_estimate        ? 
_reflns.pdbx_redundancy              6.400 
_reflns.R_free_details               ? 
_reflns.limit_h_max                  ? 
_reflns.limit_h_min                  ? 
_reflns.limit_k_max                  ? 
_reflns.limit_k_min                  ? 
_reflns.limit_l_max                  ? 
_reflns.limit_l_min                  ? 
_reflns.observed_criterion_F_max     ? 
_reflns.observed_criterion_F_min     ? 
_reflns.pdbx_chi_squared             ? 
_reflns.pdbx_scaling_rejects         ? 
_reflns.pdbx_ordinal                 1 
_reflns.pdbx_diffrn_id               1 
# 
_reflns_shell.d_res_high             1.45 
_reflns_shell.d_res_low              1.48 
_reflns_shell.percent_possible_all   90.9 
_reflns_shell.Rmerge_I_obs           0.46400 
_reflns_shell.pdbx_Rsym_value        ? 
_reflns_shell.meanI_over_sigI_obs    2.340 
_reflns_shell.pdbx_redundancy        2.80 
_reflns_shell.percent_possible_obs   ? 
_reflns_shell.number_unique_all      ? 
_reflns_shell.number_measured_all    ? 
_reflns_shell.number_measured_obs    ? 
_reflns_shell.number_unique_obs      ? 
_reflns_shell.pdbx_chi_squared       ? 
_reflns_shell.pdbx_ordinal           1 
_reflns_shell.pdbx_diffrn_id         1 
# 
_refine.entry_id                                 3EER 
_refine.ls_number_reflns_obs                     25858 
_refine.ls_number_reflns_all                     27216 
_refine.pdbx_ls_sigma_I                          ? 
_refine.pdbx_ls_sigma_F                          2.000 
_refine.pdbx_data_cutoff_high_absF               ? 
_refine.pdbx_data_cutoff_low_absF                ? 
_refine.pdbx_data_cutoff_high_rms_absF           ? 
_refine.ls_d_res_low                             40.00 
_refine.ls_d_res_high                            1.45 
_refine.ls_percent_reflns_obs                    99.0 
_refine.ls_R_factor_obs                          0.141 
_refine.ls_R_factor_all                          ? 
_refine.ls_R_factor_R_work                       0.139 
_refine.ls_R_factor_R_free                       0.164 
_refine.ls_R_factor_R_free_error                 ? 
_refine.ls_R_factor_R_free_error_details         ? 
_refine.ls_percent_reflns_R_free                 5.000 
_refine.ls_number_reflns_R_free                  1358 
_refine.ls_number_parameters                     ? 
_refine.ls_number_restraints                     ? 
_refine.occupancy_min                            ? 
_refine.occupancy_max                            ? 
_refine.correlation_coeff_Fo_to_Fc               0.969 
_refine.correlation_coeff_Fo_to_Fc_free          0.963 
_refine.B_iso_mean                               5.82 
_refine.aniso_B[1][1]                            0.47000 
_refine.aniso_B[2][2]                            -0.08000 
_refine.aniso_B[3][3]                            -0.40000 
_refine.aniso_B[1][2]                            0.00000 
_refine.aniso_B[1][3]                            0.00000 
_refine.aniso_B[2][3]                            0.00000 
_refine.solvent_model_details                    MASK 
_refine.solvent_model_param_ksol                 ? 
_refine.solvent_model_param_bsol                 ? 
_refine.pdbx_solvent_vdw_probe_radii             1.20 
_refine.pdbx_solvent_ion_probe_radii             0.80 
_refine.pdbx_solvent_shrinkage_radii             0.80 
_refine.pdbx_ls_cross_valid_method               THROUGHOUT 
_refine.details                                  'HYDROGENS HAVE BEEN ADDED IN THE RIDING POSITIONS' 
_refine.pdbx_starting_model                      ? 
_refine.pdbx_method_to_determine_struct          SAD 
_refine.pdbx_isotropic_thermal_model             ? 
_refine.pdbx_stereochemistry_target_values       'MAXIMUM LIKELIHOOD' 
_refine.pdbx_stereochem_target_val_spec_case     ? 
_refine.pdbx_R_Free_selection_details            RANDOM 
_refine.pdbx_overall_ESU_R                       0.051 
_refine.pdbx_overall_ESU_R_Free                  0.053 
_refine.overall_SU_ML                            0.031 
_refine.pdbx_overall_phase_error                 ? 
_refine.overall_SU_B                             1.360 
_refine.pdbx_refine_id                           'X-RAY DIFFRACTION' 
_refine.ls_redundancy_reflns_obs                 ? 
_refine.B_iso_min                                ? 
_refine.B_iso_max                                ? 
_refine.overall_SU_R_Cruickshank_DPI             ? 
_refine.overall_SU_R_free                        ? 
_refine.ls_wR_factor_R_free                      ? 
_refine.ls_wR_factor_R_work                      ? 
_refine.overall_FOM_free_R_set                   ? 
_refine.overall_FOM_work_R_set                   ? 
_refine.pdbx_TLS_residual_ADP_flag               'LIKELY RESIDUAL' 
_refine.pdbx_diffrn_id                           1 
_refine.pdbx_overall_SU_R_free_Cruickshank_DPI   ? 
_refine.pdbx_overall_SU_R_Blow_DPI               ? 
_refine.pdbx_overall_SU_R_free_Blow_DPI          ? 
# 
_refine_hist.pdbx_refine_id                   'X-RAY DIFFRACTION' 
_refine_hist.cycle_id                         LAST 
_refine_hist.pdbx_number_atoms_protein        1009 
_refine_hist.pdbx_number_atoms_nucleic_acid   0 
_refine_hist.pdbx_number_atoms_ligand         39 
_refine_hist.number_atoms_solvent             182 
_refine_hist.number_atoms_total               1230 
_refine_hist.d_res_high                       1.45 
_refine_hist.d_res_low                        40.00 
# 
loop_
_refine_ls_restr.type 
_refine_ls_restr.dev_ideal 
_refine_ls_restr.dev_ideal_target 
_refine_ls_restr.weight 
_refine_ls_restr.number 
_refine_ls_restr.pdbx_refine_id 
_refine_ls_restr.pdbx_restraint_function 
r_bond_refined_d             0.015  0.022  ? 1075 'X-RAY DIFFRACTION' ? 
r_bond_other_d               0.003  0.020  ? 660  'X-RAY DIFFRACTION' ? 
r_angle_refined_deg          1.508  1.975  ? 1465 'X-RAY DIFFRACTION' ? 
r_angle_other_deg            0.986  3.000  ? 1637 'X-RAY DIFFRACTION' ? 
r_dihedral_angle_1_deg       5.635  5.000  ? 149  'X-RAY DIFFRACTION' ? 
r_dihedral_angle_2_deg       41.118 25.610 ? 41   'X-RAY DIFFRACTION' ? 
r_dihedral_angle_3_deg       10.360 15.000 ? 161  'X-RAY DIFFRACTION' ? 
r_dihedral_angle_4_deg       21.242 15.000 ? 4    'X-RAY DIFFRACTION' ? 
r_chiral_restr               0.097  0.200  ? 176  'X-RAY DIFFRACTION' ? 
r_gen_planes_refined         0.007  0.020  ? 1249 'X-RAY DIFFRACTION' ? 
r_gen_planes_other           0.001  0.020  ? 197  'X-RAY DIFFRACTION' ? 
r_nbd_refined                ?      ?      ? ?    'X-RAY DIFFRACTION' ? 
r_nbd_other                  ?      ?      ? ?    'X-RAY DIFFRACTION' ? 
r_nbtor_refined              ?      ?      ? ?    'X-RAY DIFFRACTION' ? 
r_nbtor_other                ?      ?      ? ?    'X-RAY DIFFRACTION' ? 
r_xyhbond_nbd_refined        ?      ?      ? ?    'X-RAY DIFFRACTION' ? 
r_xyhbond_nbd_other          ?      ?      ? ?    'X-RAY DIFFRACTION' ? 
r_metal_ion_refined          ?      ?      ? ?    'X-RAY DIFFRACTION' ? 
r_metal_ion_other            ?      ?      ? ?    'X-RAY DIFFRACTION' ? 
r_symmetry_vdw_refined       ?      ?      ? ?    'X-RAY DIFFRACTION' ? 
r_symmetry_vdw_other         ?      ?      ? ?    'X-RAY DIFFRACTION' ? 
r_symmetry_hbond_refined     ?      ?      ? ?    'X-RAY DIFFRACTION' ? 
r_symmetry_hbond_other       ?      ?      ? ?    'X-RAY DIFFRACTION' ? 
r_symmetry_metal_ion_refined ?      ?      ? ?    'X-RAY DIFFRACTION' ? 
r_symmetry_metal_ion_other   ?      ?      ? ?    'X-RAY DIFFRACTION' ? 
r_mcbond_it                  0.843  1.500  ? 728  'X-RAY DIFFRACTION' ? 
r_mcbond_other               0.255  1.500  ? 292  'X-RAY DIFFRACTION' ? 
r_mcangle_it                 1.377  2.000  ? 1147 'X-RAY DIFFRACTION' ? 
r_scbond_it                  2.156  3.000  ? 347  'X-RAY DIFFRACTION' ? 
r_scangle_it                 3.316  4.500  ? 313  'X-RAY DIFFRACTION' ? 
r_rigid_bond_restr           ?      ?      ? ?    'X-RAY DIFFRACTION' ? 
r_sphericity_free            ?      ?      ? ?    'X-RAY DIFFRACTION' ? 
r_sphericity_bonded          ?      ?      ? ?    'X-RAY DIFFRACTION' ? 
# 
_refine_ls_shell.pdbx_total_number_of_bins_used   20 
_refine_ls_shell.d_res_high                       1.45 
_refine_ls_shell.d_res_low                        1.49 
_refine_ls_shell.number_reflns_R_work             1717 
_refine_ls_shell.R_factor_R_work                  0.2150 
_refine_ls_shell.percent_reflns_obs               90.64 
_refine_ls_shell.R_factor_R_free                  0.2710 
_refine_ls_shell.R_factor_R_free_error            ? 
_refine_ls_shell.percent_reflns_R_free            ? 
_refine_ls_shell.number_reflns_R_free             103 
_refine_ls_shell.number_reflns_all                ? 
_refine_ls_shell.R_factor_all                     ? 
_refine_ls_shell.pdbx_refine_id                   'X-RAY DIFFRACTION' 
_refine_ls_shell.redundancy_reflns_obs            ? 
_refine_ls_shell.number_reflns_obs                ? 
# 
_struct.entry_id                  3EER 
_struct.title                     
'High resolution structure of putative organic hydroperoxide resistance protein from Vibrio cholerae O1 biovar eltor str. N16961' 
_struct.pdbx_model_details        ? 
_struct.pdbx_CASP_flag            ? 
_struct.pdbx_model_type_details   ? 
# 
_struct_keywords.entry_id        3EER 
_struct_keywords.pdbx_keywords   OXIDOREDUCTASE 
_struct_keywords.text            
;CSGID, organic hydroperoxide resistance protein, ORHC, Structural Genomics, Center for Structural Genomics of Infectious Diseases, OXIDOREDUCTASE
;
# 
loop_
_struct_asym.id 
_struct_asym.pdbx_blank_PDB_chainid_flag 
_struct_asym.pdbx_modified 
_struct_asym.entity_id 
_struct_asym.details 
A N N 1 ? 
B N N 2 ? 
C N N 2 ? 
D N N 2 ? 
E N N 2 ? 
F N N 2 ? 
G N N 2 ? 
H N N 2 ? 
I N N 3 ? 
J N N 3 ? 
K N N 3 ? 
L N N 3 ? 
M N N 3 ? 
N N N 3 ? 
O N N 4 ? 
P N N 5 ? 
# 
_struct_ref.id                         1 
_struct_ref.db_name                    UNP 
_struct_ref.db_code                    Q9KKU4_VIBCH 
_struct_ref.pdbx_db_accession          Q9KKU4 
_struct_ref.entity_id                  1 
_struct_ref.pdbx_seq_one_letter_code   
;MRNKNMSTIYQTSATASAGRNGVVSTEDKLLELNLSYPKEMGGSGTATNPEQLFAVGYAACFSNAILHVAREAKVALKEA
PVTATVGIGPNGQGGFALSVALAAHIALEDEQARQLVTVAHQVCPYSNAVRGNIDVQVSVNGLAL
;
_struct_ref.pdbx_align_begin           1 
_struct_ref.pdbx_db_isoform            ? 
# 
_struct_ref_seq.align_id                      1 
_struct_ref_seq.ref_id                        1 
_struct_ref_seq.pdbx_PDB_id_code              3EER 
_struct_ref_seq.pdbx_strand_id                A 
_struct_ref_seq.seq_align_beg                 4 
_struct_ref_seq.pdbx_seq_align_beg_ins_code   ? 
_struct_ref_seq.seq_align_end                 148 
_struct_ref_seq.pdbx_seq_align_end_ins_code   ? 
_struct_ref_seq.pdbx_db_accession             Q9KKU4 
_struct_ref_seq.db_align_beg                  1 
_struct_ref_seq.pdbx_db_align_beg_ins_code    ? 
_struct_ref_seq.db_align_end                  145 
_struct_ref_seq.pdbx_db_align_end_ins_code    ? 
_struct_ref_seq.pdbx_auth_seq_align_beg       1 
_struct_ref_seq.pdbx_auth_seq_align_end       145 
# 
loop_
_struct_ref_seq_dif.align_id 
_struct_ref_seq_dif.pdbx_pdb_id_code 
_struct_ref_seq_dif.mon_id 
_struct_ref_seq_dif.pdbx_pdb_strand_id 
_struct_ref_seq_dif.seq_num 
_struct_ref_seq_dif.pdbx_pdb_ins_code 
_struct_ref_seq_dif.pdbx_seq_db_name 
_struct_ref_seq_dif.pdbx_seq_db_accession_code 
_struct_ref_seq_dif.db_mon_id 
_struct_ref_seq_dif.pdbx_seq_db_seq_num 
_struct_ref_seq_dif.details 
_struct_ref_seq_dif.pdbx_auth_seq_num 
_struct_ref_seq_dif.pdbx_ordinal 
1 3EER SER A 1 ? UNP Q9KKU4 ? ? 'expression tag' -2 1 
1 3EER ASN A 2 ? UNP Q9KKU4 ? ? 'expression tag' -1 2 
1 3EER ALA A 3 ? UNP Q9KKU4 ? ? 'expression tag' 0  3 
# 
_pdbx_struct_assembly.id                   1 
_pdbx_struct_assembly.details              author_and_software_defined_assembly 
_pdbx_struct_assembly.method_details       PISA 
_pdbx_struct_assembly.oligomeric_details   dimeric 
_pdbx_struct_assembly.oligomeric_count     2 
# 
loop_
_pdbx_struct_assembly_prop.biol_id 
_pdbx_struct_assembly_prop.type 
_pdbx_struct_assembly_prop.value 
_pdbx_struct_assembly_prop.details 
1 'ABSA (A^2)' 9150  ? 
1 MORE         -309  ? 
1 'SSA (A^2)'  11690 ? 
# 
_pdbx_struct_assembly_gen.assembly_id       1 
_pdbx_struct_assembly_gen.oper_expression   1,2 
_pdbx_struct_assembly_gen.asym_id_list      A,B,C,D,E,F,G,H,I,J,K,L,M,N,O,P 
# 
loop_
_pdbx_struct_oper_list.id 
_pdbx_struct_oper_list.type 
_pdbx_struct_oper_list.name 
_pdbx_struct_oper_list.symmetry_operation 
_pdbx_struct_oper_list.matrix[1][1] 
_pdbx_struct_oper_list.matrix[1][2] 
_pdbx_struct_oper_list.matrix[1][3] 
_pdbx_struct_oper_list.vector[1] 
_pdbx_struct_oper_list.matrix[2][1] 
_pdbx_struct_oper_list.matrix[2][2] 
_pdbx_struct_oper_list.matrix[2][3] 
_pdbx_struct_oper_list.vector[2] 
_pdbx_struct_oper_list.matrix[3][1] 
_pdbx_struct_oper_list.matrix[3][2] 
_pdbx_struct_oper_list.matrix[3][3] 
_pdbx_struct_oper_list.vector[3] 
1 'identity operation'         1_555 x,y,z       1.0000000000  0.0000000000 0.0000000000  0.0000000000  0.0000000000 1.0000000000  0.0000000000  0.0000000000  0.0000000000  0.0000000000  1.0000000000  0.0000000000 
2 'crystal symmetry operation' 8_555 x,-y,-z+1/2 -0.4696987911 0.5186088895 -0.7144423457 -2.4416030077 0.5186088895 -0.4928256324 -0.6986899998 10.0039087539 -0.7144423457 -0.6986899998 -0.0374755765 5.4494683949 
# 
_struct_biol.id        1 
_struct_biol.details   ? 
# 
loop_
_struct_conf.conf_type_id 
_struct_conf.id 
_struct_conf.pdbx_PDB_helix_id 
_struct_conf.beg_label_comp_id 
_struct_conf.beg_label_asym_id 
_struct_conf.beg_label_seq_id 
_struct_conf.pdbx_beg_PDB_ins_code 
_struct_conf.end_label_comp_id 
_struct_conf.end_label_asym_id 
_struct_conf.end_label_seq_id 
_struct_conf.pdbx_end_PDB_ins_code 
_struct_conf.beg_auth_comp_id 
_struct_conf.beg_auth_asym_id 
_struct_conf.beg_auth_seq_id 
_struct_conf.end_auth_comp_id 
_struct_conf.end_auth_asym_id 
_struct_conf.end_auth_seq_id 
_struct_conf.pdbx_PDB_helix_class 
_struct_conf.details 
_struct_conf.pdbx_PDB_helix_length 
HELX_P HELX_P1 1 PRO A 41  ? GLY A 45  ? PRO A 38  GLY A 42  5 ? 5  
HELX_P HELX_P2 2 ASN A 52  ? ALA A 76  ? ASN A 49  ALA A 73  1 ? 25 
HELX_P HELX_P3 3 GLU A 112 ? CYS A 127 ? GLU A 109 CYS A 124 1 ? 16 
HELX_P HELX_P4 4 CYS A 127 ? ARG A 134 ? CYS A 124 ARG A 131 1 ? 8  
# 
_struct_conf_type.id          HELX_P 
_struct_conf_type.criteria    ? 
_struct_conf_type.reference   ? 
# 
loop_
_struct_conn.id 
_struct_conn.conn_type_id 
_struct_conn.pdbx_leaving_atom_flag 
_struct_conn.pdbx_PDB_id 
_struct_conn.ptnr1_label_asym_id 
_struct_conn.ptnr1_label_comp_id 
_struct_conn.ptnr1_label_seq_id 
_struct_conn.ptnr1_label_atom_id 
_struct_conn.pdbx_ptnr1_label_alt_id 
_struct_conn.pdbx_ptnr1_PDB_ins_code 
_struct_conn.pdbx_ptnr1_standard_comp_id 
_struct_conn.ptnr1_symmetry 
_struct_conn.ptnr2_label_asym_id 
_struct_conn.ptnr2_label_comp_id 
_struct_conn.ptnr2_label_seq_id 
_struct_conn.ptnr2_label_atom_id 
_struct_conn.pdbx_ptnr2_label_alt_id 
_struct_conn.pdbx_ptnr2_PDB_ins_code 
_struct_conn.ptnr1_auth_asym_id 
_struct_conn.ptnr1_auth_comp_id 
_struct_conn.ptnr1_auth_seq_id 
_struct_conn.ptnr2_auth_asym_id 
_struct_conn.ptnr2_auth_comp_id 
_struct_conn.ptnr2_auth_seq_id 
_struct_conn.ptnr2_symmetry 
_struct_conn.pdbx_ptnr3_label_atom_id 
_struct_conn.pdbx_ptnr3_label_seq_id 
_struct_conn.pdbx_ptnr3_label_comp_id 
_struct_conn.pdbx_ptnr3_label_asym_id 
_struct_conn.pdbx_ptnr3_label_alt_id 
_struct_conn.pdbx_ptnr3_PDB_ins_code 
_struct_conn.details 
_struct_conn.pdbx_dist_value 
_struct_conn.pdbx_value_order 
_struct_conn.pdbx_role 
covale1  covale both ? A MSE 9   C   ? ? ? 1_555 A SER 10 N  ? ? A MSE 6    A SER 7    1_555 ? ? ? ? ? ? ? 1.339 ? ? 
covale2  covale both ? A GLU 43  C   ? ? ? 1_555 A MSE 44 N  ? ? A GLU 40   A MSE 41   1_555 ? ? ? ? ? ? ? 1.313 ? ? 
covale3  covale both ? A MSE 44  C   ? ? ? 1_555 A GLY 45 N  ? ? A MSE 41   A GLY 42   1_555 ? ? ? ? ? ? ? 1.307 ? ? 
metalc1  metalc ?    ? A GLU 43  OE1 ? ? ? 1_555 I ZN  .  ZN ? ? A GLU 40   A ZN  2001 1_555 ? ? ? ? ? ? ? 2.042 ? ? 
metalc2  metalc ?    ? A CYS 64  O   ? ? ? 1_555 L ZN  .  ZN ? ? A CYS 61   A ZN  2004 1_555 ? ? ? ? ? ? ? 2.111 ? ? 
metalc3  metalc ?    ? A CYS 64  SG  ? ? ? 1_555 L ZN  .  ZN ? ? A CYS 61   A ZN  2004 1_555 ? ? ? ? ? ? ? 2.282 ? ? 
metalc4  metalc ?    ? A HIS 71  ND1 ? ? ? 1_555 J ZN  .  ZN ? ? A HIS 68   A ZN  2002 1_555 ? ? ? ? ? ? ? 2.039 ? ? 
metalc5  metalc ?    ? A GLU 82  OE2 ? ? ? 1_555 K ZN  .  ZN ? ? A GLU 79   A ZN  2003 1_555 ? ? ? ? ? ? ? 1.937 ? ? 
metalc6  metalc ?    ? A HIS 108 NE2 ? ? ? 1_555 M ZN  .  ZN ? ? A HIS 105  A ZN  2005 1_555 ? ? ? ? ? ? ? 2.035 ? ? 
metalc7  metalc ?    ? A CYS 127 SG  ? ? ? 1_555 L ZN  .  ZN ? ? A CYS 124  A ZN  2004 1_555 ? ? ? ? ? ? ? 2.325 ? ? 
metalc8  metalc ?    ? A LEU 148 OXT ? ? ? 1_555 N ZN  .  ZN ? ? A LEU 145  A ZN  2006 1_555 ? ? ? ? ? ? ? 1.926 ? ? 
metalc9  metalc ?    ? B ACT .   O   ? ? ? 1_555 I ZN  .  ZN ? ? A ACT 1001 A ZN  2001 1_555 ? ? ? ? ? ? ? 1.935 ? ? 
metalc10 metalc ?    ? C ACT .   O   ? ? ? 1_555 L ZN  .  ZN ? ? A ACT 1002 A ZN  2004 1_555 ? ? ? ? ? ? ? 1.985 ? ? 
metalc11 metalc ?    ? D ACT .   OXT ? ? ? 1_555 J ZN  .  ZN ? ? A ACT 1003 A ZN  2002 1_555 ? ? ? ? ? ? ? 1.978 ? ? 
metalc12 metalc ?    ? E ACT .   OXT ? ? ? 1_555 M ZN  .  ZN ? ? A ACT 1004 A ZN  2005 1_555 ? ? ? ? ? ? ? 1.975 ? ? 
metalc13 metalc ?    ? H ACT .   O   ? ? ? 1_555 J ZN  .  ZN ? ? A ACT 1007 A ZN  2002 1_555 ? ? ? ? ? ? ? 2.021 ? ? 
metalc14 metalc ?    ? I ZN  .   ZN  ? ? ? 1_555 P HOH .  O  ? ? A ZN  2001 A HOH 3152 1_555 ? ? ? ? ? ? ? 1.978 ? ? 
metalc15 metalc ?    ? I ZN  .   ZN  ? ? ? 1_555 P HOH .  O  ? ? A ZN  2001 A HOH 3155 1_555 ? ? ? ? ? ? ? 2.076 ? ? 
metalc16 metalc ?    ? J ZN  .   ZN  ? ? ? 1_555 P HOH .  O  A ? A ZN  2002 A HOH 3153 1_555 ? ? ? ? ? ? ? 2.091 ? ? 
metalc17 metalc ?    ? K ZN  .   ZN  ? ? ? 1_555 O IMD .  N1 ? ? A ZN  2003 A IMD 3001 1_555 ? ? ? ? ? ? ? 1.995 ? ? 
metalc18 metalc ?    ? N ZN  .   ZN  ? ? ? 1_555 P HOH .  O  ? ? A ZN  2006 A HOH 3104 1_555 ? ? ? ? ? ? ? 2.247 ? ? 
metalc19 metalc ?    ? N ZN  .   ZN  ? ? ? 1_555 P HOH .  O  ? ? A ZN  2006 A HOH 3183 1_555 ? ? ? ? ? ? ? 1.956 ? ? 
# 
loop_
_struct_conn_type.id 
_struct_conn_type.criteria 
_struct_conn_type.reference 
covale ? ? 
metalc ? ? 
# 
loop_
_pdbx_struct_conn_angle.id 
_pdbx_struct_conn_angle.ptnr1_label_atom_id 
_pdbx_struct_conn_angle.ptnr1_label_alt_id 
_pdbx_struct_conn_angle.ptnr1_label_asym_id 
_pdbx_struct_conn_angle.ptnr1_label_comp_id 
_pdbx_struct_conn_angle.ptnr1_label_seq_id 
_pdbx_struct_conn_angle.ptnr1_auth_atom_id 
_pdbx_struct_conn_angle.ptnr1_auth_asym_id 
_pdbx_struct_conn_angle.ptnr1_auth_comp_id 
_pdbx_struct_conn_angle.ptnr1_auth_seq_id 
_pdbx_struct_conn_angle.ptnr1_PDB_ins_code 
_pdbx_struct_conn_angle.ptnr1_symmetry 
_pdbx_struct_conn_angle.ptnr2_label_atom_id 
_pdbx_struct_conn_angle.ptnr2_label_alt_id 
_pdbx_struct_conn_angle.ptnr2_label_asym_id 
_pdbx_struct_conn_angle.ptnr2_label_comp_id 
_pdbx_struct_conn_angle.ptnr2_label_seq_id 
_pdbx_struct_conn_angle.ptnr2_auth_atom_id 
_pdbx_struct_conn_angle.ptnr2_auth_asym_id 
_pdbx_struct_conn_angle.ptnr2_auth_comp_id 
_pdbx_struct_conn_angle.ptnr2_auth_seq_id 
_pdbx_struct_conn_angle.ptnr2_PDB_ins_code 
_pdbx_struct_conn_angle.ptnr2_symmetry 
_pdbx_struct_conn_angle.ptnr3_label_atom_id 
_pdbx_struct_conn_angle.ptnr3_label_alt_id 
_pdbx_struct_conn_angle.ptnr3_label_asym_id 
_pdbx_struct_conn_angle.ptnr3_label_comp_id 
_pdbx_struct_conn_angle.ptnr3_label_seq_id 
_pdbx_struct_conn_angle.ptnr3_auth_atom_id 
_pdbx_struct_conn_angle.ptnr3_auth_asym_id 
_pdbx_struct_conn_angle.ptnr3_auth_comp_id 
_pdbx_struct_conn_angle.ptnr3_auth_seq_id 
_pdbx_struct_conn_angle.ptnr3_PDB_ins_code 
_pdbx_struct_conn_angle.ptnr3_symmetry 
_pdbx_struct_conn_angle.value 
_pdbx_struct_conn_angle.value_esd 
1  OE1 ? A GLU 43  ? A GLU 40   ? 1_555 ZN ? I ZN . ? A ZN 2001 ? 1_555 O   ? B ACT .   ? A ACT 1001 ? 1_555 106.3 ? 
2  OE1 ? A GLU 43  ? A GLU 40   ? 1_555 ZN ? I ZN . ? A ZN 2001 ? 1_555 O   ? P HOH .   ? A HOH 3152 ? 1_555 112.1 ? 
3  O   ? B ACT .   ? A ACT 1001 ? 1_555 ZN ? I ZN . ? A ZN 2001 ? 1_555 O   ? P HOH .   ? A HOH 3152 ? 1_555 96.8  ? 
4  OE1 ? A GLU 43  ? A GLU 40   ? 1_555 ZN ? I ZN . ? A ZN 2001 ? 1_555 O   ? P HOH .   ? A HOH 3155 ? 1_555 120.1 ? 
5  O   ? B ACT .   ? A ACT 1001 ? 1_555 ZN ? I ZN . ? A ZN 2001 ? 1_555 O   ? P HOH .   ? A HOH 3155 ? 1_555 111.9 ? 
6  O   ? P HOH .   ? A HOH 3152 ? 1_555 ZN ? I ZN . ? A ZN 2001 ? 1_555 O   ? P HOH .   ? A HOH 3155 ? 1_555 107.1 ? 
7  O   ? A CYS 64  ? A CYS 61   ? 1_555 ZN ? L ZN . ? A ZN 2004 ? 1_555 SG  ? A CYS 64  ? A CYS 61   ? 1_555 101.0 ? 
8  O   ? A CYS 64  ? A CYS 61   ? 1_555 ZN ? L ZN . ? A ZN 2004 ? 1_555 SG  ? A CYS 127 ? A CYS 124  ? 1_555 106.8 ? 
9  SG  ? A CYS 64  ? A CYS 61   ? 1_555 ZN ? L ZN . ? A ZN 2004 ? 1_555 SG  ? A CYS 127 ? A CYS 124  ? 1_555 107.0 ? 
10 O   ? A CYS 64  ? A CYS 61   ? 1_555 ZN ? L ZN . ? A ZN 2004 ? 1_555 O   ? C ACT .   ? A ACT 1002 ? 1_555 102.8 ? 
11 SG  ? A CYS 64  ? A CYS 61   ? 1_555 ZN ? L ZN . ? A ZN 2004 ? 1_555 O   ? C ACT .   ? A ACT 1002 ? 1_555 122.7 ? 
12 SG  ? A CYS 127 ? A CYS 124  ? 1_555 ZN ? L ZN . ? A ZN 2004 ? 1_555 O   ? C ACT .   ? A ACT 1002 ? 1_555 114.5 ? 
13 ND1 ? A HIS 71  ? A HIS 68   ? 1_555 ZN ? J ZN . ? A ZN 2002 ? 1_555 OXT ? D ACT .   ? A ACT 1003 ? 1_555 113.2 ? 
14 ND1 ? A HIS 71  ? A HIS 68   ? 1_555 ZN ? J ZN . ? A ZN 2002 ? 1_555 O   ? H ACT .   ? A ACT 1007 ? 1_555 101.2 ? 
15 OXT ? D ACT .   ? A ACT 1003 ? 1_555 ZN ? J ZN . ? A ZN 2002 ? 1_555 O   ? H ACT .   ? A ACT 1007 ? 1_555 105.1 ? 
16 ND1 ? A HIS 71  ? A HIS 68   ? 1_555 ZN ? J ZN . ? A ZN 2002 ? 1_555 O   A P HOH .   ? A HOH 3153 ? 1_555 110.7 ? 
17 OXT ? D ACT .   ? A ACT 1003 ? 1_555 ZN ? J ZN . ? A ZN 2002 ? 1_555 O   A P HOH .   ? A HOH 3153 ? 1_555 111.5 ? 
18 O   ? H ACT .   ? A ACT 1007 ? 1_555 ZN ? J ZN . ? A ZN 2002 ? 1_555 O   A P HOH .   ? A HOH 3153 ? 1_555 114.9 ? 
19 OE2 ? A GLU 82  ? A GLU 79   ? 1_555 ZN ? K ZN . ? A ZN 2003 ? 1_555 N1  ? O IMD .   ? A IMD 3001 ? 1_555 110.8 ? 
20 NE2 ? A HIS 108 ? A HIS 105  ? 1_555 ZN ? M ZN . ? A ZN 2005 ? 1_555 OXT ? E ACT .   ? A ACT 1004 ? 1_555 106.7 ? 
21 OXT ? A LEU 148 ? A LEU 145  ? 1_555 ZN ? N ZN . ? A ZN 2006 ? 1_555 O   ? P HOH .   ? A HOH 3104 ? 1_555 108.3 ? 
22 OXT ? A LEU 148 ? A LEU 145  ? 1_555 ZN ? N ZN . ? A ZN 2006 ? 1_555 O   ? P HOH .   ? A HOH 3183 ? 1_555 103.3 ? 
23 O   ? P HOH .   ? A HOH 3104 ? 1_555 ZN ? N ZN . ? A ZN 2006 ? 1_555 O   ? P HOH .   ? A HOH 3183 ? 1_555 88.3  ? 
# 
loop_
_pdbx_modification_feature.ordinal 
_pdbx_modification_feature.label_comp_id 
_pdbx_modification_feature.label_asym_id 
_pdbx_modification_feature.label_seq_id 
_pdbx_modification_feature.label_alt_id 
_pdbx_modification_feature.modified_residue_label_comp_id 
_pdbx_modification_feature.modified_residue_label_asym_id 
_pdbx_modification_feature.modified_residue_label_seq_id 
_pdbx_modification_feature.modified_residue_label_alt_id 
_pdbx_modification_feature.auth_comp_id 
_pdbx_modification_feature.auth_asym_id 
_pdbx_modification_feature.auth_seq_id 
_pdbx_modification_feature.PDB_ins_code 
_pdbx_modification_feature.symmetry 
_pdbx_modification_feature.modified_residue_auth_comp_id 
_pdbx_modification_feature.modified_residue_auth_asym_id 
_pdbx_modification_feature.modified_residue_auth_seq_id 
_pdbx_modification_feature.modified_residue_PDB_ins_code 
_pdbx_modification_feature.modified_residue_symmetry 
_pdbx_modification_feature.comp_id_linking_atom 
_pdbx_modification_feature.modified_residue_id_linking_atom 
_pdbx_modification_feature.modified_residue_id 
_pdbx_modification_feature.ref_pcm_id 
_pdbx_modification_feature.ref_comp_id 
_pdbx_modification_feature.type 
_pdbx_modification_feature.category 
1 MSE A 9  ? . . . . MSE A 6  ? 1_555 . . . . . . . MET 1 MSE Selenomethionine 'Named protein modification' 
2 MSE A 44 ? . . . . MSE A 41 ? 1_555 . . . . . . . MET 1 MSE Selenomethionine 'Named protein modification' 
# 
loop_
_struct_sheet.id 
_struct_sheet.type 
_struct_sheet.number_strands 
_struct_sheet.details 
A ? 3 ? 
B ? 4 ? 
# 
loop_
_struct_sheet_order.sheet_id 
_struct_sheet_order.range_id_1 
_struct_sheet_order.range_id_2 
_struct_sheet_order.offset 
_struct_sheet_order.sense 
A 1 2 ? anti-parallel 
A 2 3 ? anti-parallel 
B 1 2 ? anti-parallel 
B 2 3 ? parallel      
B 3 4 ? anti-parallel 
# 
loop_
_struct_sheet_range.sheet_id 
_struct_sheet_range.id 
_struct_sheet_range.beg_label_comp_id 
_struct_sheet_range.beg_label_asym_id 
_struct_sheet_range.beg_label_seq_id 
_struct_sheet_range.pdbx_beg_PDB_ins_code 
_struct_sheet_range.end_label_comp_id 
_struct_sheet_range.end_label_asym_id 
_struct_sheet_range.end_label_seq_id 
_struct_sheet_range.pdbx_end_PDB_ins_code 
_struct_sheet_range.beg_auth_comp_id 
_struct_sheet_range.beg_auth_asym_id 
_struct_sheet_range.beg_auth_seq_id 
_struct_sheet_range.end_auth_comp_id 
_struct_sheet_range.end_auth_asym_id 
_struct_sheet_range.end_auth_seq_id 
A 1 ALA A 17  ? ALA A 19  ? ALA A 14  ALA A 16  
A 2 GLY A 25  ? THR A 29  ? GLY A 22  THR A 26  
A 3 GLU A 35  ? LEU A 38  ? GLU A 32  LEU A 35  
B 1 VAL A 85  ? PRO A 93  ? VAL A 82  PRO A 90  
B 2 PHE A 99  ? ALA A 107 ? PHE A 96  ALA A 104 
B 3 GLN A 140 ? VAL A 143 ? GLN A 137 VAL A 140 
B 4 LEU A 146 ? ALA A 147 ? LEU A 143 ALA A 144 
# 
loop_
_pdbx_struct_sheet_hbond.sheet_id 
_pdbx_struct_sheet_hbond.range_id_1 
_pdbx_struct_sheet_hbond.range_id_2 
_pdbx_struct_sheet_hbond.range_1_label_atom_id 
_pdbx_struct_sheet_hbond.range_1_label_comp_id 
_pdbx_struct_sheet_hbond.range_1_label_asym_id 
_pdbx_struct_sheet_hbond.range_1_label_seq_id 
_pdbx_struct_sheet_hbond.range_1_PDB_ins_code 
_pdbx_struct_sheet_hbond.range_1_auth_atom_id 
_pdbx_struct_sheet_hbond.range_1_auth_comp_id 
_pdbx_struct_sheet_hbond.range_1_auth_asym_id 
_pdbx_struct_sheet_hbond.range_1_auth_seq_id 
_pdbx_struct_sheet_hbond.range_2_label_atom_id 
_pdbx_struct_sheet_hbond.range_2_label_comp_id 
_pdbx_struct_sheet_hbond.range_2_label_asym_id 
_pdbx_struct_sheet_hbond.range_2_label_seq_id 
_pdbx_struct_sheet_hbond.range_2_PDB_ins_code 
_pdbx_struct_sheet_hbond.range_2_auth_atom_id 
_pdbx_struct_sheet_hbond.range_2_auth_comp_id 
_pdbx_struct_sheet_hbond.range_2_auth_asym_id 
_pdbx_struct_sheet_hbond.range_2_auth_seq_id 
A 1 2 N THR A 18  ? N THR A 15  O SER A 28  ? O SER A 25  
A 2 3 N VAL A 27  ? N VAL A 24  O LEU A 36  ? O LEU A 33  
B 1 2 N THR A 88  ? N THR A 85  O ALA A 104 ? O ALA A 101 
B 2 3 N ALA A 107 ? N ALA A 104 O SER A 142 ? O SER A 139 
B 3 4 N VAL A 143 ? N VAL A 140 O LEU A 146 ? O LEU A 143 
# 
loop_
_struct_site.id 
_struct_site.pdbx_evidence_code 
_struct_site.pdbx_auth_asym_id 
_struct_site.pdbx_auth_comp_id 
_struct_site.pdbx_auth_seq_id 
_struct_site.pdbx_auth_ins_code 
_struct_site.pdbx_num_residues 
_struct_site.details 
AC1 Software ? ? ? ? 9 'BINDING SITE FOR RESIDUE ACT A1001' 
AC2 Software ? ? ? ? 8 'BINDING SITE FOR RESIDUE ACT A1002' 
AC3 Software ? ? ? ? 6 'BINDING SITE FOR RESIDUE ACT A1003' 
AC4 Software ? ? ? ? 5 'BINDING SITE FOR RESIDUE ACT A1004' 
AC5 Software ? ? ? ? 6 'BINDING SITE FOR RESIDUE ACT A1005' 
AC6 Software ? ? ? ? 5 'BINDING SITE FOR RESIDUE ACT A1006' 
AC7 Software ? ? ? ? 7 'BINDING SITE FOR RESIDUE ACT A1007' 
AC8 Software ? ? ? ? 4 'BINDING SITE FOR RESIDUE ZN A2001'  
AC9 Software ? ? ? ? 4 'BINDING SITE FOR RESIDUE ZN A2002'  
BC1 Software ? ? ? ? 4 'BINDING SITE FOR RESIDUE ZN A2003'  
BC2 Software ? ? ? ? 4 'BINDING SITE FOR RESIDUE ZN A2004'  
BC3 Software ? ? ? ? 2 'BINDING SITE FOR RESIDUE ZN A2005'  
BC4 Software ? ? ? ? 4 'BINDING SITE FOR RESIDUE ZN A2006'  
BC5 Software ? ? ? ? 7 'BINDING SITE FOR RESIDUE IMD A3001' 
# 
loop_
_struct_site_gen.id 
_struct_site_gen.site_id 
_struct_site_gen.pdbx_num_res 
_struct_site_gen.label_comp_id 
_struct_site_gen.label_asym_id 
_struct_site_gen.label_seq_id 
_struct_site_gen.pdbx_auth_ins_code 
_struct_site_gen.auth_comp_id 
_struct_site_gen.auth_asym_id 
_struct_site_gen.auth_seq_id 
_struct_site_gen.label_atom_id 
_struct_site_gen.label_alt_id 
_struct_site_gen.symmetry 
_struct_site_gen.details 
1  AC1 9 TYR A 13  ? TYR A 10   . ? 8_555 ? 
2  AC1 9 LEU A 33  ? LEU A 30   . ? 8_555 ? 
3  AC1 9 PRO A 41  ? PRO A 38   . ? 1_555 ? 
4  AC1 9 LYS A 42  ? LYS A 39   . ? 1_555 ? 
5  AC1 9 GLU A 43  ? GLU A 40   . ? 1_555 ? 
6  AC1 9 GLY A 48  ? GLY A 45   . ? 1_555 ? 
7  AC1 9 ZN  I .   ? ZN  A 2001 . ? 1_555 ? 
8  AC1 9 HOH P .   ? HOH A 3026 . ? 8_555 ? 
9  AC1 9 HOH P .   ? HOH A 3152 . ? 1_555 ? 
10 AC2 8 ARG A 23  ? ARG A 20   . ? 8_555 ? 
11 AC2 8 CYS A 64  ? CYS A 61   . ? 1_555 ? 
12 AC2 8 ASN A 67  ? ASN A 64   . ? 1_555 ? 
13 AC2 8 ALA A 68  ? ALA A 65   . ? 1_555 ? 
14 AC2 8 CYS A 127 ? CYS A 124  . ? 1_555 ? 
15 AC2 8 PRO A 128 ? PRO A 125  . ? 1_555 ? 
16 AC2 8 ACT H .   ? ACT A 1007 . ? 1_555 ? 
17 AC2 8 ZN  L .   ? ZN  A 2004 . ? 1_555 ? 
18 AC3 6 TYR A 40  ? TYR A 37   . ? 8_555 ? 
19 AC3 6 ASN A 67  ? ASN A 64   . ? 1_555 ? 
20 AC3 6 HIS A 71  ? HIS A 68   . ? 1_555 ? 
21 AC3 6 ARG A 74  ? ARG A 71   . ? 1_555 ? 
22 AC3 6 ACT H .   ? ACT A 1007 . ? 1_555 ? 
23 AC3 6 ZN  J .   ? ZN  A 2002 . ? 1_555 ? 
24 AC4 5 ALA A 106 ? ALA A 103  . ? 7_555 ? 
25 AC4 5 HIS A 108 ? HIS A 105  . ? 7_555 ? 
26 AC4 5 ZN  M .   ? ZN  A 2005 . ? 1_555 ? 
27 AC4 5 HOH P .   ? HOH A 3005 . ? 1_555 ? 
28 AC4 5 HOH P .   ? HOH A 3056 . ? 7_555 ? 
29 AC5 6 GLU A 82  ? GLU A 79   . ? 7_555 ? 
30 AC5 6 ASP A 113 ? ASP A 110  . ? 1_555 ? 
31 AC5 6 ZN  K .   ? ZN  A 2003 . ? 7_555 ? 
32 AC5 6 IMD O .   ? IMD A 3001 . ? 7_555 ? 
33 AC5 6 HOH P .   ? HOH A 3011 . ? 7_555 ? 
34 AC5 6 HOH P .   ? HOH A 3042 . ? 1_555 ? 
35 AC6 5 GLU A 30  ? GLU A 27   . ? 1_555 ? 
36 AC6 5 THR A 88  ? THR A 85   . ? 2_555 ? 
37 AC6 5 ALA A 104 ? ALA A 101  . ? 2_555 ? 
38 AC6 5 HOH P .   ? HOH A 3039 . ? 2_555 ? 
39 AC6 5 HOH P .   ? HOH A 3138 . ? 1_555 ? 
40 AC7 7 TYR A 40  ? TYR A 37   . ? 8_555 ? 
41 AC7 7 ASN A 67  ? ASN A 64   . ? 1_555 ? 
42 AC7 7 HIS A 71  ? HIS A 68   . ? 1_555 ? 
43 AC7 7 PHE A 99  ? PHE A 96   . ? 8_555 ? 
44 AC7 7 ACT C .   ? ACT A 1002 . ? 1_555 ? 
45 AC7 7 ACT D .   ? ACT A 1003 . ? 1_555 ? 
46 AC7 7 ZN  J .   ? ZN  A 2002 . ? 1_555 ? 
47 AC8 4 GLU A 43  ? GLU A 40   . ? 1_555 ? 
48 AC8 4 ACT B .   ? ACT A 1001 . ? 1_555 ? 
49 AC8 4 HOH P .   ? HOH A 3152 . ? 1_555 ? 
50 AC8 4 HOH P .   ? HOH A 3155 . ? 1_555 ? 
51 AC9 4 HIS A 71  ? HIS A 68   . ? 1_555 ? 
52 AC9 4 ACT D .   ? ACT A 1003 . ? 1_555 ? 
53 AC9 4 ACT H .   ? ACT A 1007 . ? 1_555 ? 
54 AC9 4 HOH P .   ? HOH A 3153 . ? 1_555 ? 
55 BC1 4 GLU A 82  ? GLU A 79   . ? 1_555 ? 
56 BC1 4 ASP A 113 ? ASP A 110  . ? 7_555 ? 
57 BC1 4 ACT F .   ? ACT A 1005 . ? 7_555 ? 
58 BC1 4 IMD O .   ? IMD A 3001 . ? 1_555 ? 
59 BC2 4 CYS A 64  ? CYS A 61   . ? 1_555 ? 
60 BC2 4 CYS A 127 ? CYS A 124  . ? 1_555 ? 
61 BC2 4 PRO A 128 ? PRO A 125  . ? 1_555 ? 
62 BC2 4 ACT C .   ? ACT A 1002 . ? 1_555 ? 
63 BC3 2 HIS A 108 ? HIS A 105  . ? 7_555 ? 
64 BC3 2 ACT E .   ? ACT A 1004 . ? 7_555 ? 
65 BC4 4 GLU A 114 ? GLU A 111  . ? 6_655 ? 
66 BC4 4 LEU A 148 ? LEU A 145  . ? 1_555 ? 
67 BC4 4 HOH P .   ? HOH A 3104 . ? 1_555 ? 
68 BC4 4 HOH P .   ? HOH A 3183 . ? 1_555 ? 
69 BC5 7 GLU A 82  ? GLU A 79   . ? 1_555 ? 
70 BC5 7 PRO A 84  ? PRO A 81   . ? 1_555 ? 
71 BC5 7 HIS A 108 ? HIS A 105  . ? 1_555 ? 
72 BC5 7 ASP A 113 ? ASP A 110  . ? 7_555 ? 
73 BC5 7 ASN A 144 ? ASN A 141  . ? 7_555 ? 
74 BC5 7 ACT F .   ? ACT A 1005 . ? 7_555 ? 
75 BC5 7 ZN  K .   ? ZN  A 2003 . ? 1_555 ? 
# 
_pdbx_entry_details.sequence_details           'TARGET ID DOES NOT EXIST IN TARGETDB A THE TIME OF PROCESSING.' 
_pdbx_entry_details.entry_id                   3EER 
_pdbx_entry_details.compound_details           ? 
_pdbx_entry_details.source_details             ? 
_pdbx_entry_details.nonpolymer_details         ? 
_pdbx_entry_details.has_ligand_of_interest     ? 
_pdbx_entry_details.has_protein_modification   Y 
# 
_pdbx_SG_project.id                    1 
_pdbx_SG_project.project_name          ? 
_pdbx_SG_project.full_name_of_center   'Center for Structural Genomics of Infectious Diseases' 
_pdbx_SG_project.initial_of_center     CSGID 
# 
loop_
_pdbx_struct_mod_residue.id 
_pdbx_struct_mod_residue.label_asym_id 
_pdbx_struct_mod_residue.label_comp_id 
_pdbx_struct_mod_residue.label_seq_id 
_pdbx_struct_mod_residue.auth_asym_id 
_pdbx_struct_mod_residue.auth_comp_id 
_pdbx_struct_mod_residue.auth_seq_id 
_pdbx_struct_mod_residue.PDB_ins_code 
_pdbx_struct_mod_residue.parent_comp_id 
_pdbx_struct_mod_residue.details 
1 A MSE 9  A MSE 6  ? MET SELENOMETHIONINE 
2 A MSE 44 A MSE 41 ? MET SELENOMETHIONINE 
# 
loop_
_pdbx_struct_special_symmetry.id 
_pdbx_struct_special_symmetry.PDB_model_num 
_pdbx_struct_special_symmetry.auth_asym_id 
_pdbx_struct_special_symmetry.auth_comp_id 
_pdbx_struct_special_symmetry.auth_seq_id 
_pdbx_struct_special_symmetry.PDB_ins_code 
_pdbx_struct_special_symmetry.label_asym_id 
_pdbx_struct_special_symmetry.label_comp_id 
_pdbx_struct_special_symmetry.label_seq_id 
1 1 A ZN  2005 ? M ZN  . 
2 1 A HOH 3007 ? P HOH . 
3 1 A HOH 3021 ? P HOH . 
# 
loop_
_pdbx_refine_tls.id 
_pdbx_refine_tls.details 
_pdbx_refine_tls.method 
_pdbx_refine_tls.origin_x 
_pdbx_refine_tls.origin_y 
_pdbx_refine_tls.origin_z 
_pdbx_refine_tls.T[1][1] 
_pdbx_refine_tls.T[2][2] 
_pdbx_refine_tls.T[3][3] 
_pdbx_refine_tls.T[1][2] 
_pdbx_refine_tls.T[1][3] 
_pdbx_refine_tls.T[2][3] 
_pdbx_refine_tls.L[1][1] 
_pdbx_refine_tls.L[2][2] 
_pdbx_refine_tls.L[3][3] 
_pdbx_refine_tls.L[1][2] 
_pdbx_refine_tls.L[1][3] 
_pdbx_refine_tls.L[2][3] 
_pdbx_refine_tls.S[1][1] 
_pdbx_refine_tls.S[1][2] 
_pdbx_refine_tls.S[1][3] 
_pdbx_refine_tls.S[2][1] 
_pdbx_refine_tls.S[2][2] 
_pdbx_refine_tls.S[2][3] 
_pdbx_refine_tls.S[3][1] 
_pdbx_refine_tls.S[3][2] 
_pdbx_refine_tls.S[3][3] 
_pdbx_refine_tls.pdbx_refine_id 
1  ? refined 10.5723  6.3668   14.0750  0.0390 0.0482 0.0541 -0.0177 -0.0118 -0.0055 1.5337  7.0204 12.2025 -0.1695 2.8276  -3.2168 0.1426  -0.1295 -0.0086 0.3147  0.0352  0.0749  0.2883  -0.1344 -0.1777 'X-RAY DIFFRACTION' 
2  ? refined -1.3094  17.3615  3.3466   0.0512 0.0456 0.0355 -0.0067 0.0085  0.0062  0.3829  1.1320 0.8520  -0.2583 0.2351  0.2246  -0.0704 -0.0417 0.0217  -0.0734 0.0128  -0.0566 -0.0609 -0.0163 0.0575  'X-RAY DIFFRACTION' 
3  ? refined 3.1099   18.4567  0.3741   0.0977 0.0533 0.0407 -0.0056 0.0090  -0.0045 12.0242 2.5015 3.6324  -1.3021 6.3530  -1.3880 -0.1443 0.0155  0.3024  -0.0569 -0.0733 -0.1987 -0.1375 0.0324  0.2175  'X-RAY DIFFRACTION' 
4  ? refined 5.1545   16.6957  -3.5089  0.0980 0.1282 0.0565 -0.0263 0.0392  -0.0166 12.5206 1.2303 4.7761  -0.2622 7.3521  -0.9009 -0.0875 0.1533  0.2547  -0.0732 -0.1291 -0.1197 -0.0217 0.1843  0.2166  'X-RAY DIFFRACTION' 
5  ? refined -11.3554 12.9674  -11.1767 0.0961 0.0612 0.0550 0.0200  -0.0134 0.0111  4.4899  3.7662 3.5959  1.2068  1.9904  0.0540  -0.0741 0.2552  0.2975  -0.2602 0.0241  0.1517  -0.3778 -0.1244 0.0500  'X-RAY DIFFRACTION' 
6  ? refined 2.5012   0.1622   -1.5871  0.0393 0.0356 0.0204 -0.0126 -0.0002 -0.0006 1.3130  1.9507 0.8266  -1.0740 0.5147  -0.3523 -0.0172 0.0547  0.0113  0.0253  -0.0103 -0.0241 -0.0356 0.0641  0.0275  'X-RAY DIFFRACTION' 
7  ? refined 16.0230  -15.0398 4.5372   0.0819 0.1063 0.0950 0.0548  -0.0475 0.0061  4.1183  8.8347 6.0218  -3.7822 -0.1456 -1.7178 -0.0550 -0.1402 -0.0190 0.4637  0.1983  -0.3750 0.3559  0.3223  -0.1433 'X-RAY DIFFRACTION' 
8  ? refined 5.4033   -7.4546  -6.2849  0.0363 0.0405 0.0304 -0.0081 -0.0003 -0.0078 5.1535  3.3153 0.7514  -3.4836 -0.2894 0.1451  0.0605  0.0233  0.0343  -0.0149 0.0177  -0.0931 -0.0103 0.0798  -0.0782 'X-RAY DIFFRACTION' 
9  ? refined -16.9271 4.8625   1.9920   0.0266 0.0480 0.0470 -0.0056 0.0064  -0.0338 5.2359  5.3386 6.0701  -1.3432 -1.6428 1.9450  -0.0481 -0.0817 0.1101  0.2118  -0.1818 0.3473  0.1409  -0.3630 0.2299  'X-RAY DIFFRACTION' 
10 ? refined 1.5837   -12.3806 -4.5381  0.0457 0.0255 0.0364 -0.0128 0.0004  0.0001  1.7648  1.8514 1.0917  -1.1321 -0.3808 0.3855  0.0088  0.0620  -0.0590 0.0867  -0.0173 -0.0284 0.0503  0.0430  0.0085  'X-RAY DIFFRACTION' 
11 ? refined 3.6251   -19.9501 0.1434   0.0520 0.0352 0.0180 -0.0005 -0.0076 0.0050  4.0471  4.1217 3.8347  -0.4810 -1.1219 1.5403  -0.0094 0.0204  -0.0801 0.0237  0.0447  -0.1743 0.1390  0.0330  -0.0353 'X-RAY DIFFRACTION' 
12 ? refined 2.2185   -8.0305  7.0081   0.0634 0.0374 0.0286 -0.0032 0.0002  0.0012  0.5326  6.6490 0.2720  0.5111  0.0611  0.8892  -0.0226 -0.0632 -0.0054 0.1733  0.0400  -0.0235 0.0667  0.0059  -0.0174 'X-RAY DIFFRACTION' 
13 ? refined -4.9886  -4.1235  9.5339   0.0525 0.0374 0.0427 -0.0119 0.0105  -0.0017 6.3377  1.9953 2.4251  -0.4284 -1.7106 0.1835  0.0230  -0.0957 -0.2427 0.0457  -0.0371 0.1072  0.1066  -0.1080 0.0141  'X-RAY DIFFRACTION' 
14 ? refined -7.5359  -8.6900  0.9608   0.0678 0.0831 0.0763 0.0027  0.0099  0.0274  4.0184  7.7992 7.0741  -4.8955 -3.8454 7.1803  -0.0905 -0.0690 -0.1913 0.1229  -0.1902 0.3010  0.0994  -0.3082 0.2806  'X-RAY DIFFRACTION' 
15 ? refined -2.0874  -17.1275 -4.9268  0.1217 0.0424 0.0551 -0.0030 -0.0062 -0.0008 3.7300  0.5396 10.6356 -0.7952 -5.8617 0.6153  -0.1549 -0.0070 -0.0792 0.0813  0.0848  0.0256  0.3494  -0.1352 0.0701  'X-RAY DIFFRACTION' 
# 
loop_
_pdbx_refine_tls_group.id 
_pdbx_refine_tls_group.refine_tls_id 
_pdbx_refine_tls_group.beg_auth_asym_id 
_pdbx_refine_tls_group.beg_auth_seq_id 
_pdbx_refine_tls_group.beg_label_asym_id 
_pdbx_refine_tls_group.beg_label_seq_id 
_pdbx_refine_tls_group.end_auth_asym_id 
_pdbx_refine_tls_group.end_auth_seq_id 
_pdbx_refine_tls_group.end_label_asym_id 
_pdbx_refine_tls_group.end_label_seq_id 
_pdbx_refine_tls_group.selection 
_pdbx_refine_tls_group.selection_details 
_pdbx_refine_tls_group.pdbx_refine_id 
1  1  A 6   ? ? A 11  ? ? ? ? 'X-RAY DIFFRACTION' 
2  2  A 12  ? ? A 20  ? ? ? ? 'X-RAY DIFFRACTION' 
3  3  A 21  ? ? A 28  ? ? ? ? 'X-RAY DIFFRACTION' 
4  4  A 29  ? ? A 35  ? ? ? ? 'X-RAY DIFFRACTION' 
5  5  A 36  ? ? A 45  ? ? ? ? 'X-RAY DIFFRACTION' 
6  6  A 46  ? ? A 70  ? ? ? ? 'X-RAY DIFFRACTION' 
7  7  A 71  ? ? A 76  ? ? ? ? 'X-RAY DIFFRACTION' 
8  8  A 77  ? ? A 86  ? ? ? ? 'X-RAY DIFFRACTION' 
9  9  A 87  ? ? A 98  ? ? ? ? 'X-RAY DIFFRACTION' 
10 10 A 99  ? ? A 109 ? ? ? ? 'X-RAY DIFFRACTION' 
11 11 A 110 ? ? A 117 ? ? ? ? 'X-RAY DIFFRACTION' 
12 12 A 118 ? ? A 126 ? ? ? ? 'X-RAY DIFFRACTION' 
13 13 A 127 ? ? A 133 ? ? ? ? 'X-RAY DIFFRACTION' 
14 14 A 134 ? ? A 139 ? ? ? ? 'X-RAY DIFFRACTION' 
15 15 A 140 ? ? A 145 ? ? ? ? 'X-RAY DIFFRACTION' 
# 
loop_
_pdbx_unobs_or_zero_occ_residues.id 
_pdbx_unobs_or_zero_occ_residues.PDB_model_num 
_pdbx_unobs_or_zero_occ_residues.polymer_flag 
_pdbx_unobs_or_zero_occ_residues.occupancy_flag 
_pdbx_unobs_or_zero_occ_residues.auth_asym_id 
_pdbx_unobs_or_zero_occ_residues.auth_comp_id 
_pdbx_unobs_or_zero_occ_residues.auth_seq_id 
_pdbx_unobs_or_zero_occ_residues.PDB_ins_code 
_pdbx_unobs_or_zero_occ_residues.label_asym_id 
_pdbx_unobs_or_zero_occ_residues.label_comp_id 
_pdbx_unobs_or_zero_occ_residues.label_seq_id 
1 1 Y 1 A SER -2 ? A SER 1 
2 1 Y 1 A ASN -1 ? A ASN 2 
3 1 Y 1 A ALA 0  ? A ALA 3 
4 1 Y 1 A MET 1  ? A MET 4 
5 1 Y 1 A ARG 2  ? A ARG 5 
6 1 Y 1 A ASN 3  ? A ASN 6 
7 1 Y 1 A LYS 4  ? A LYS 7 
8 1 Y 1 A ASN 5  ? A ASN 8 
# 
loop_
_chem_comp_atom.comp_id 
_chem_comp_atom.atom_id 
_chem_comp_atom.type_symbol 
_chem_comp_atom.pdbx_aromatic_flag 
_chem_comp_atom.pdbx_stereo_config 
_chem_comp_atom.pdbx_ordinal 
ACT C    C  N N 1   
ACT O    O  N N 2   
ACT OXT  O  N N 3   
ACT CH3  C  N N 4   
ACT H1   H  N N 5   
ACT H2   H  N N 6   
ACT H3   H  N N 7   
ALA N    N  N N 8   
ALA CA   C  N S 9   
ALA C    C  N N 10  
ALA O    O  N N 11  
ALA CB   C  N N 12  
ALA OXT  O  N N 13  
ALA H    H  N N 14  
ALA H2   H  N N 15  
ALA HA   H  N N 16  
ALA HB1  H  N N 17  
ALA HB2  H  N N 18  
ALA HB3  H  N N 19  
ALA HXT  H  N N 20  
ARG N    N  N N 21  
ARG CA   C  N S 22  
ARG C    C  N N 23  
ARG O    O  N N 24  
ARG CB   C  N N 25  
ARG CG   C  N N 26  
ARG CD   C  N N 27  
ARG NE   N  N N 28  
ARG CZ   C  N N 29  
ARG NH1  N  N N 30  
ARG NH2  N  N N 31  
ARG OXT  O  N N 32  
ARG H    H  N N 33  
ARG H2   H  N N 34  
ARG HA   H  N N 35  
ARG HB2  H  N N 36  
ARG HB3  H  N N 37  
ARG HG2  H  N N 38  
ARG HG3  H  N N 39  
ARG HD2  H  N N 40  
ARG HD3  H  N N 41  
ARG HE   H  N N 42  
ARG HH11 H  N N 43  
ARG HH12 H  N N 44  
ARG HH21 H  N N 45  
ARG HH22 H  N N 46  
ARG HXT  H  N N 47  
ASN N    N  N N 48  
ASN CA   C  N S 49  
ASN C    C  N N 50  
ASN O    O  N N 51  
ASN CB   C  N N 52  
ASN CG   C  N N 53  
ASN OD1  O  N N 54  
ASN ND2  N  N N 55  
ASN OXT  O  N N 56  
ASN H    H  N N 57  
ASN H2   H  N N 58  
ASN HA   H  N N 59  
ASN HB2  H  N N 60  
ASN HB3  H  N N 61  
ASN HD21 H  N N 62  
ASN HD22 H  N N 63  
ASN HXT  H  N N 64  
ASP N    N  N N 65  
ASP CA   C  N S 66  
ASP C    C  N N 67  
ASP O    O  N N 68  
ASP CB   C  N N 69  
ASP CG   C  N N 70  
ASP OD1  O  N N 71  
ASP OD2  O  N N 72  
ASP OXT  O  N N 73  
ASP H    H  N N 74  
ASP H2   H  N N 75  
ASP HA   H  N N 76  
ASP HB2  H  N N 77  
ASP HB3  H  N N 78  
ASP HD2  H  N N 79  
ASP HXT  H  N N 80  
CYS N    N  N N 81  
CYS CA   C  N R 82  
CYS C    C  N N 83  
CYS O    O  N N 84  
CYS CB   C  N N 85  
CYS SG   S  N N 86  
CYS OXT  O  N N 87  
CYS H    H  N N 88  
CYS H2   H  N N 89  
CYS HA   H  N N 90  
CYS HB2  H  N N 91  
CYS HB3  H  N N 92  
CYS HG   H  N N 93  
CYS HXT  H  N N 94  
GLN N    N  N N 95  
GLN CA   C  N S 96  
GLN C    C  N N 97  
GLN O    O  N N 98  
GLN CB   C  N N 99  
GLN CG   C  N N 100 
GLN CD   C  N N 101 
GLN OE1  O  N N 102 
GLN NE2  N  N N 103 
GLN OXT  O  N N 104 
GLN H    H  N N 105 
GLN H2   H  N N 106 
GLN HA   H  N N 107 
GLN HB2  H  N N 108 
GLN HB3  H  N N 109 
GLN HG2  H  N N 110 
GLN HG3  H  N N 111 
GLN HE21 H  N N 112 
GLN HE22 H  N N 113 
GLN HXT  H  N N 114 
GLU N    N  N N 115 
GLU CA   C  N S 116 
GLU C    C  N N 117 
GLU O    O  N N 118 
GLU CB   C  N N 119 
GLU CG   C  N N 120 
GLU CD   C  N N 121 
GLU OE1  O  N N 122 
GLU OE2  O  N N 123 
GLU OXT  O  N N 124 
GLU H    H  N N 125 
GLU H2   H  N N 126 
GLU HA   H  N N 127 
GLU HB2  H  N N 128 
GLU HB3  H  N N 129 
GLU HG2  H  N N 130 
GLU HG3  H  N N 131 
GLU HE2  H  N N 132 
GLU HXT  H  N N 133 
GLY N    N  N N 134 
GLY CA   C  N N 135 
GLY C    C  N N 136 
GLY O    O  N N 137 
GLY OXT  O  N N 138 
GLY H    H  N N 139 
GLY H2   H  N N 140 
GLY HA2  H  N N 141 
GLY HA3  H  N N 142 
GLY HXT  H  N N 143 
HIS N    N  N N 144 
HIS CA   C  N S 145 
HIS C    C  N N 146 
HIS O    O  N N 147 
HIS CB   C  N N 148 
HIS CG   C  Y N 149 
HIS ND1  N  Y N 150 
HIS CD2  C  Y N 151 
HIS CE1  C  Y N 152 
HIS NE2  N  Y N 153 
HIS OXT  O  N N 154 
HIS H    H  N N 155 
HIS H2   H  N N 156 
HIS HA   H  N N 157 
HIS HB2  H  N N 158 
HIS HB3  H  N N 159 
HIS HD1  H  N N 160 
HIS HD2  H  N N 161 
HIS HE1  H  N N 162 
HIS HE2  H  N N 163 
HIS HXT  H  N N 164 
HOH O    O  N N 165 
HOH H1   H  N N 166 
HOH H2   H  N N 167 
ILE N    N  N N 168 
ILE CA   C  N S 169 
ILE C    C  N N 170 
ILE O    O  N N 171 
ILE CB   C  N S 172 
ILE CG1  C  N N 173 
ILE CG2  C  N N 174 
ILE CD1  C  N N 175 
ILE OXT  O  N N 176 
ILE H    H  N N 177 
ILE H2   H  N N 178 
ILE HA   H  N N 179 
ILE HB   H  N N 180 
ILE HG12 H  N N 181 
ILE HG13 H  N N 182 
ILE HG21 H  N N 183 
ILE HG22 H  N N 184 
ILE HG23 H  N N 185 
ILE HD11 H  N N 186 
ILE HD12 H  N N 187 
ILE HD13 H  N N 188 
ILE HXT  H  N N 189 
IMD N1   N  Y N 190 
IMD C2   C  Y N 191 
IMD N3   N  Y N 192 
IMD C4   C  Y N 193 
IMD C5   C  Y N 194 
IMD HN1  H  N N 195 
IMD H2   H  N N 196 
IMD HN3  H  N N 197 
IMD H4   H  N N 198 
IMD H5   H  N N 199 
LEU N    N  N N 200 
LEU CA   C  N S 201 
LEU C    C  N N 202 
LEU O    O  N N 203 
LEU CB   C  N N 204 
LEU CG   C  N N 205 
LEU CD1  C  N N 206 
LEU CD2  C  N N 207 
LEU OXT  O  N N 208 
LEU H    H  N N 209 
LEU H2   H  N N 210 
LEU HA   H  N N 211 
LEU HB2  H  N N 212 
LEU HB3  H  N N 213 
LEU HG   H  N N 214 
LEU HD11 H  N N 215 
LEU HD12 H  N N 216 
LEU HD13 H  N N 217 
LEU HD21 H  N N 218 
LEU HD22 H  N N 219 
LEU HD23 H  N N 220 
LEU HXT  H  N N 221 
LYS N    N  N N 222 
LYS CA   C  N S 223 
LYS C    C  N N 224 
LYS O    O  N N 225 
LYS CB   C  N N 226 
LYS CG   C  N N 227 
LYS CD   C  N N 228 
LYS CE   C  N N 229 
LYS NZ   N  N N 230 
LYS OXT  O  N N 231 
LYS H    H  N N 232 
LYS H2   H  N N 233 
LYS HA   H  N N 234 
LYS HB2  H  N N 235 
LYS HB3  H  N N 236 
LYS HG2  H  N N 237 
LYS HG3  H  N N 238 
LYS HD2  H  N N 239 
LYS HD3  H  N N 240 
LYS HE2  H  N N 241 
LYS HE3  H  N N 242 
LYS HZ1  H  N N 243 
LYS HZ2  H  N N 244 
LYS HZ3  H  N N 245 
LYS HXT  H  N N 246 
MET N    N  N N 247 
MET CA   C  N S 248 
MET C    C  N N 249 
MET O    O  N N 250 
MET CB   C  N N 251 
MET CG   C  N N 252 
MET SD   S  N N 253 
MET CE   C  N N 254 
MET OXT  O  N N 255 
MET H    H  N N 256 
MET H2   H  N N 257 
MET HA   H  N N 258 
MET HB2  H  N N 259 
MET HB3  H  N N 260 
MET HG2  H  N N 261 
MET HG3  H  N N 262 
MET HE1  H  N N 263 
MET HE2  H  N N 264 
MET HE3  H  N N 265 
MET HXT  H  N N 266 
MSE N    N  N N 267 
MSE CA   C  N S 268 
MSE C    C  N N 269 
MSE O    O  N N 270 
MSE OXT  O  N N 271 
MSE CB   C  N N 272 
MSE CG   C  N N 273 
MSE SE   SE N N 274 
MSE CE   C  N N 275 
MSE H    H  N N 276 
MSE H2   H  N N 277 
MSE HA   H  N N 278 
MSE HXT  H  N N 279 
MSE HB2  H  N N 280 
MSE HB3  H  N N 281 
MSE HG2  H  N N 282 
MSE HG3  H  N N 283 
MSE HE1  H  N N 284 
MSE HE2  H  N N 285 
MSE HE3  H  N N 286 
PHE N    N  N N 287 
PHE CA   C  N S 288 
PHE C    C  N N 289 
PHE O    O  N N 290 
PHE CB   C  N N 291 
PHE CG   C  Y N 292 
PHE CD1  C  Y N 293 
PHE CD2  C  Y N 294 
PHE CE1  C  Y N 295 
PHE CE2  C  Y N 296 
PHE CZ   C  Y N 297 
PHE OXT  O  N N 298 
PHE H    H  N N 299 
PHE H2   H  N N 300 
PHE HA   H  N N 301 
PHE HB2  H  N N 302 
PHE HB3  H  N N 303 
PHE HD1  H  N N 304 
PHE HD2  H  N N 305 
PHE HE1  H  N N 306 
PHE HE2  H  N N 307 
PHE HZ   H  N N 308 
PHE HXT  H  N N 309 
PRO N    N  N N 310 
PRO CA   C  N S 311 
PRO C    C  N N 312 
PRO O    O  N N 313 
PRO CB   C  N N 314 
PRO CG   C  N N 315 
PRO CD   C  N N 316 
PRO OXT  O  N N 317 
PRO H    H  N N 318 
PRO HA   H  N N 319 
PRO HB2  H  N N 320 
PRO HB3  H  N N 321 
PRO HG2  H  N N 322 
PRO HG3  H  N N 323 
PRO HD2  H  N N 324 
PRO HD3  H  N N 325 
PRO HXT  H  N N 326 
SER N    N  N N 327 
SER CA   C  N S 328 
SER C    C  N N 329 
SER O    O  N N 330 
SER CB   C  N N 331 
SER OG   O  N N 332 
SER OXT  O  N N 333 
SER H    H  N N 334 
SER H2   H  N N 335 
SER HA   H  N N 336 
SER HB2  H  N N 337 
SER HB3  H  N N 338 
SER HG   H  N N 339 
SER HXT  H  N N 340 
THR N    N  N N 341 
THR CA   C  N S 342 
THR C    C  N N 343 
THR O    O  N N 344 
THR CB   C  N R 345 
THR OG1  O  N N 346 
THR CG2  C  N N 347 
THR OXT  O  N N 348 
THR H    H  N N 349 
THR H2   H  N N 350 
THR HA   H  N N 351 
THR HB   H  N N 352 
THR HG1  H  N N 353 
THR HG21 H  N N 354 
THR HG22 H  N N 355 
THR HG23 H  N N 356 
THR HXT  H  N N 357 
TYR N    N  N N 358 
TYR CA   C  N S 359 
TYR C    C  N N 360 
TYR O    O  N N 361 
TYR CB   C  N N 362 
TYR CG   C  Y N 363 
TYR CD1  C  Y N 364 
TYR CD2  C  Y N 365 
TYR CE1  C  Y N 366 
TYR CE2  C  Y N 367 
TYR CZ   C  Y N 368 
TYR OH   O  N N 369 
TYR OXT  O  N N 370 
TYR H    H  N N 371 
TYR H2   H  N N 372 
TYR HA   H  N N 373 
TYR HB2  H  N N 374 
TYR HB3  H  N N 375 
TYR HD1  H  N N 376 
TYR HD2  H  N N 377 
TYR HE1  H  N N 378 
TYR HE2  H  N N 379 
TYR HH   H  N N 380 
TYR HXT  H  N N 381 
VAL N    N  N N 382 
VAL CA   C  N S 383 
VAL C    C  N N 384 
VAL O    O  N N 385 
VAL CB   C  N N 386 
VAL CG1  C  N N 387 
VAL CG2  C  N N 388 
VAL OXT  O  N N 389 
VAL H    H  N N 390 
VAL H2   H  N N 391 
VAL HA   H  N N 392 
VAL HB   H  N N 393 
VAL HG11 H  N N 394 
VAL HG12 H  N N 395 
VAL HG13 H  N N 396 
VAL HG21 H  N N 397 
VAL HG22 H  N N 398 
VAL HG23 H  N N 399 
VAL HXT  H  N N 400 
ZN  ZN   ZN N N 401 
# 
loop_
_chem_comp_bond.comp_id 
_chem_comp_bond.atom_id_1 
_chem_comp_bond.atom_id_2 
_chem_comp_bond.value_order 
_chem_comp_bond.pdbx_aromatic_flag 
_chem_comp_bond.pdbx_stereo_config 
_chem_comp_bond.pdbx_ordinal 
ACT C   O    doub N N 1   
ACT C   OXT  sing N N 2   
ACT C   CH3  sing N N 3   
ACT CH3 H1   sing N N 4   
ACT CH3 H2   sing N N 5   
ACT CH3 H3   sing N N 6   
ALA N   CA   sing N N 7   
ALA N   H    sing N N 8   
ALA N   H2   sing N N 9   
ALA CA  C    sing N N 10  
ALA CA  CB   sing N N 11  
ALA CA  HA   sing N N 12  
ALA C   O    doub N N 13  
ALA C   OXT  sing N N 14  
ALA CB  HB1  sing N N 15  
ALA CB  HB2  sing N N 16  
ALA CB  HB3  sing N N 17  
ALA OXT HXT  sing N N 18  
ARG N   CA   sing N N 19  
ARG N   H    sing N N 20  
ARG N   H2   sing N N 21  
ARG CA  C    sing N N 22  
ARG CA  CB   sing N N 23  
ARG CA  HA   sing N N 24  
ARG C   O    doub N N 25  
ARG C   OXT  sing N N 26  
ARG CB  CG   sing N N 27  
ARG CB  HB2  sing N N 28  
ARG CB  HB3  sing N N 29  
ARG CG  CD   sing N N 30  
ARG CG  HG2  sing N N 31  
ARG CG  HG3  sing N N 32  
ARG CD  NE   sing N N 33  
ARG CD  HD2  sing N N 34  
ARG CD  HD3  sing N N 35  
ARG NE  CZ   sing N N 36  
ARG NE  HE   sing N N 37  
ARG CZ  NH1  sing N N 38  
ARG CZ  NH2  doub N N 39  
ARG NH1 HH11 sing N N 40  
ARG NH1 HH12 sing N N 41  
ARG NH2 HH21 sing N N 42  
ARG NH2 HH22 sing N N 43  
ARG OXT HXT  sing N N 44  
ASN N   CA   sing N N 45  
ASN N   H    sing N N 46  
ASN N   H2   sing N N 47  
ASN CA  C    sing N N 48  
ASN CA  CB   sing N N 49  
ASN CA  HA   sing N N 50  
ASN C   O    doub N N 51  
ASN C   OXT  sing N N 52  
ASN CB  CG   sing N N 53  
ASN CB  HB2  sing N N 54  
ASN CB  HB3  sing N N 55  
ASN CG  OD1  doub N N 56  
ASN CG  ND2  sing N N 57  
ASN ND2 HD21 sing N N 58  
ASN ND2 HD22 sing N N 59  
ASN OXT HXT  sing N N 60  
ASP N   CA   sing N N 61  
ASP N   H    sing N N 62  
ASP N   H2   sing N N 63  
ASP CA  C    sing N N 64  
ASP CA  CB   sing N N 65  
ASP CA  HA   sing N N 66  
ASP C   O    doub N N 67  
ASP C   OXT  sing N N 68  
ASP CB  CG   sing N N 69  
ASP CB  HB2  sing N N 70  
ASP CB  HB3  sing N N 71  
ASP CG  OD1  doub N N 72  
ASP CG  OD2  sing N N 73  
ASP OD2 HD2  sing N N 74  
ASP OXT HXT  sing N N 75  
CYS N   CA   sing N N 76  
CYS N   H    sing N N 77  
CYS N   H2   sing N N 78  
CYS CA  C    sing N N 79  
CYS CA  CB   sing N N 80  
CYS CA  HA   sing N N 81  
CYS C   O    doub N N 82  
CYS C   OXT  sing N N 83  
CYS CB  SG   sing N N 84  
CYS CB  HB2  sing N N 85  
CYS CB  HB3  sing N N 86  
CYS SG  HG   sing N N 87  
CYS OXT HXT  sing N N 88  
GLN N   CA   sing N N 89  
GLN N   H    sing N N 90  
GLN N   H2   sing N N 91  
GLN CA  C    sing N N 92  
GLN CA  CB   sing N N 93  
GLN CA  HA   sing N N 94  
GLN C   O    doub N N 95  
GLN C   OXT  sing N N 96  
GLN CB  CG   sing N N 97  
GLN CB  HB2  sing N N 98  
GLN CB  HB3  sing N N 99  
GLN CG  CD   sing N N 100 
GLN CG  HG2  sing N N 101 
GLN CG  HG3  sing N N 102 
GLN CD  OE1  doub N N 103 
GLN CD  NE2  sing N N 104 
GLN NE2 HE21 sing N N 105 
GLN NE2 HE22 sing N N 106 
GLN OXT HXT  sing N N 107 
GLU N   CA   sing N N 108 
GLU N   H    sing N N 109 
GLU N   H2   sing N N 110 
GLU CA  C    sing N N 111 
GLU CA  CB   sing N N 112 
GLU CA  HA   sing N N 113 
GLU C   O    doub N N 114 
GLU C   OXT  sing N N 115 
GLU CB  CG   sing N N 116 
GLU CB  HB2  sing N N 117 
GLU CB  HB3  sing N N 118 
GLU CG  CD   sing N N 119 
GLU CG  HG2  sing N N 120 
GLU CG  HG3  sing N N 121 
GLU CD  OE1  doub N N 122 
GLU CD  OE2  sing N N 123 
GLU OE2 HE2  sing N N 124 
GLU OXT HXT  sing N N 125 
GLY N   CA   sing N N 126 
GLY N   H    sing N N 127 
GLY N   H2   sing N N 128 
GLY CA  C    sing N N 129 
GLY CA  HA2  sing N N 130 
GLY CA  HA3  sing N N 131 
GLY C   O    doub N N 132 
GLY C   OXT  sing N N 133 
GLY OXT HXT  sing N N 134 
HIS N   CA   sing N N 135 
HIS N   H    sing N N 136 
HIS N   H2   sing N N 137 
HIS CA  C    sing N N 138 
HIS CA  CB   sing N N 139 
HIS CA  HA   sing N N 140 
HIS C   O    doub N N 141 
HIS C   OXT  sing N N 142 
HIS CB  CG   sing N N 143 
HIS CB  HB2  sing N N 144 
HIS CB  HB3  sing N N 145 
HIS CG  ND1  sing Y N 146 
HIS CG  CD2  doub Y N 147 
HIS ND1 CE1  doub Y N 148 
HIS ND1 HD1  sing N N 149 
HIS CD2 NE2  sing Y N 150 
HIS CD2 HD2  sing N N 151 
HIS CE1 NE2  sing Y N 152 
HIS CE1 HE1  sing N N 153 
HIS NE2 HE2  sing N N 154 
HIS OXT HXT  sing N N 155 
HOH O   H1   sing N N 156 
HOH O   H2   sing N N 157 
ILE N   CA   sing N N 158 
ILE N   H    sing N N 159 
ILE N   H2   sing N N 160 
ILE CA  C    sing N N 161 
ILE CA  CB   sing N N 162 
ILE CA  HA   sing N N 163 
ILE C   O    doub N N 164 
ILE C   OXT  sing N N 165 
ILE CB  CG1  sing N N 166 
ILE CB  CG2  sing N N 167 
ILE CB  HB   sing N N 168 
ILE CG1 CD1  sing N N 169 
ILE CG1 HG12 sing N N 170 
ILE CG1 HG13 sing N N 171 
ILE CG2 HG21 sing N N 172 
ILE CG2 HG22 sing N N 173 
ILE CG2 HG23 sing N N 174 
ILE CD1 HD11 sing N N 175 
ILE CD1 HD12 sing N N 176 
ILE CD1 HD13 sing N N 177 
ILE OXT HXT  sing N N 178 
IMD N1  C2   sing Y N 179 
IMD N1  C5   sing Y N 180 
IMD N1  HN1  sing N N 181 
IMD C2  N3   doub Y N 182 
IMD C2  H2   sing N N 183 
IMD N3  C4   sing Y N 184 
IMD N3  HN3  sing N N 185 
IMD C4  C5   doub Y N 186 
IMD C4  H4   sing N N 187 
IMD C5  H5   sing N N 188 
LEU N   CA   sing N N 189 
LEU N   H    sing N N 190 
LEU N   H2   sing N N 191 
LEU CA  C    sing N N 192 
LEU CA  CB   sing N N 193 
LEU CA  HA   sing N N 194 
LEU C   O    doub N N 195 
LEU C   OXT  sing N N 196 
LEU CB  CG   sing N N 197 
LEU CB  HB2  sing N N 198 
LEU CB  HB3  sing N N 199 
LEU CG  CD1  sing N N 200 
LEU CG  CD2  sing N N 201 
LEU CG  HG   sing N N 202 
LEU CD1 HD11 sing N N 203 
LEU CD1 HD12 sing N N 204 
LEU CD1 HD13 sing N N 205 
LEU CD2 HD21 sing N N 206 
LEU CD2 HD22 sing N N 207 
LEU CD2 HD23 sing N N 208 
LEU OXT HXT  sing N N 209 
LYS N   CA   sing N N 210 
LYS N   H    sing N N 211 
LYS N   H2   sing N N 212 
LYS CA  C    sing N N 213 
LYS CA  CB   sing N N 214 
LYS CA  HA   sing N N 215 
LYS C   O    doub N N 216 
LYS C   OXT  sing N N 217 
LYS CB  CG   sing N N 218 
LYS CB  HB2  sing N N 219 
LYS CB  HB3  sing N N 220 
LYS CG  CD   sing N N 221 
LYS CG  HG2  sing N N 222 
LYS CG  HG3  sing N N 223 
LYS CD  CE   sing N N 224 
LYS CD  HD2  sing N N 225 
LYS CD  HD3  sing N N 226 
LYS CE  NZ   sing N N 227 
LYS CE  HE2  sing N N 228 
LYS CE  HE3  sing N N 229 
LYS NZ  HZ1  sing N N 230 
LYS NZ  HZ2  sing N N 231 
LYS NZ  HZ3  sing N N 232 
LYS OXT HXT  sing N N 233 
MET N   CA   sing N N 234 
MET N   H    sing N N 235 
MET N   H2   sing N N 236 
MET CA  C    sing N N 237 
MET CA  CB   sing N N 238 
MET CA  HA   sing N N 239 
MET C   O    doub N N 240 
MET C   OXT  sing N N 241 
MET CB  CG   sing N N 242 
MET CB  HB2  sing N N 243 
MET CB  HB3  sing N N 244 
MET CG  SD   sing N N 245 
MET CG  HG2  sing N N 246 
MET CG  HG3  sing N N 247 
MET SD  CE   sing N N 248 
MET CE  HE1  sing N N 249 
MET CE  HE2  sing N N 250 
MET CE  HE3  sing N N 251 
MET OXT HXT  sing N N 252 
MSE N   CA   sing N N 253 
MSE N   H    sing N N 254 
MSE N   H2   sing N N 255 
MSE CA  C    sing N N 256 
MSE CA  CB   sing N N 257 
MSE CA  HA   sing N N 258 
MSE C   O    doub N N 259 
MSE C   OXT  sing N N 260 
MSE OXT HXT  sing N N 261 
MSE CB  CG   sing N N 262 
MSE CB  HB2  sing N N 263 
MSE CB  HB3  sing N N 264 
MSE CG  SE   sing N N 265 
MSE CG  HG2  sing N N 266 
MSE CG  HG3  sing N N 267 
MSE SE  CE   sing N N 268 
MSE CE  HE1  sing N N 269 
MSE CE  HE2  sing N N 270 
MSE CE  HE3  sing N N 271 
PHE N   CA   sing N N 272 
PHE N   H    sing N N 273 
PHE N   H2   sing N N 274 
PHE CA  C    sing N N 275 
PHE CA  CB   sing N N 276 
PHE CA  HA   sing N N 277 
PHE C   O    doub N N 278 
PHE C   OXT  sing N N 279 
PHE CB  CG   sing N N 280 
PHE CB  HB2  sing N N 281 
PHE CB  HB3  sing N N 282 
PHE CG  CD1  doub Y N 283 
PHE CG  CD2  sing Y N 284 
PHE CD1 CE1  sing Y N 285 
PHE CD1 HD1  sing N N 286 
PHE CD2 CE2  doub Y N 287 
PHE CD2 HD2  sing N N 288 
PHE CE1 CZ   doub Y N 289 
PHE CE1 HE1  sing N N 290 
PHE CE2 CZ   sing Y N 291 
PHE CE2 HE2  sing N N 292 
PHE CZ  HZ   sing N N 293 
PHE OXT HXT  sing N N 294 
PRO N   CA   sing N N 295 
PRO N   CD   sing N N 296 
PRO N   H    sing N N 297 
PRO CA  C    sing N N 298 
PRO CA  CB   sing N N 299 
PRO CA  HA   sing N N 300 
PRO C   O    doub N N 301 
PRO C   OXT  sing N N 302 
PRO CB  CG   sing N N 303 
PRO CB  HB2  sing N N 304 
PRO CB  HB3  sing N N 305 
PRO CG  CD   sing N N 306 
PRO CG  HG2  sing N N 307 
PRO CG  HG3  sing N N 308 
PRO CD  HD2  sing N N 309 
PRO CD  HD3  sing N N 310 
PRO OXT HXT  sing N N 311 
SER N   CA   sing N N 312 
SER N   H    sing N N 313 
SER N   H2   sing N N 314 
SER CA  C    sing N N 315 
SER CA  CB   sing N N 316 
SER CA  HA   sing N N 317 
SER C   O    doub N N 318 
SER C   OXT  sing N N 319 
SER CB  OG   sing N N 320 
SER CB  HB2  sing N N 321 
SER CB  HB3  sing N N 322 
SER OG  HG   sing N N 323 
SER OXT HXT  sing N N 324 
THR N   CA   sing N N 325 
THR N   H    sing N N 326 
THR N   H2   sing N N 327 
THR CA  C    sing N N 328 
THR CA  CB   sing N N 329 
THR CA  HA   sing N N 330 
THR C   O    doub N N 331 
THR C   OXT  sing N N 332 
THR CB  OG1  sing N N 333 
THR CB  CG2  sing N N 334 
THR CB  HB   sing N N 335 
THR OG1 HG1  sing N N 336 
THR CG2 HG21 sing N N 337 
THR CG2 HG22 sing N N 338 
THR CG2 HG23 sing N N 339 
THR OXT HXT  sing N N 340 
TYR N   CA   sing N N 341 
TYR N   H    sing N N 342 
TYR N   H2   sing N N 343 
TYR CA  C    sing N N 344 
TYR CA  CB   sing N N 345 
TYR CA  HA   sing N N 346 
TYR C   O    doub N N 347 
TYR C   OXT  sing N N 348 
TYR CB  CG   sing N N 349 
TYR CB  HB2  sing N N 350 
TYR CB  HB3  sing N N 351 
TYR CG  CD1  doub Y N 352 
TYR CG  CD2  sing Y N 353 
TYR CD1 CE1  sing Y N 354 
TYR CD1 HD1  sing N N 355 
TYR CD2 CE2  doub Y N 356 
TYR CD2 HD2  sing N N 357 
TYR CE1 CZ   doub Y N 358 
TYR CE1 HE1  sing N N 359 
TYR CE2 CZ   sing Y N 360 
TYR CE2 HE2  sing N N 361 
TYR CZ  OH   sing N N 362 
TYR OH  HH   sing N N 363 
TYR OXT HXT  sing N N 364 
VAL N   CA   sing N N 365 
VAL N   H    sing N N 366 
VAL N   H2   sing N N 367 
VAL CA  C    sing N N 368 
VAL CA  CB   sing N N 369 
VAL CA  HA   sing N N 370 
VAL C   O    doub N N 371 
VAL C   OXT  sing N N 372 
VAL CB  CG1  sing N N 373 
VAL CB  CG2  sing N N 374 
VAL CB  HB   sing N N 375 
VAL CG1 HG11 sing N N 376 
VAL CG1 HG12 sing N N 377 
VAL CG1 HG13 sing N N 378 
VAL CG2 HG21 sing N N 379 
VAL CG2 HG22 sing N N 380 
VAL CG2 HG23 sing N N 381 
VAL OXT HXT  sing N N 382 
# 
_atom_sites.entry_id                    3EER 
_atom_sites.fract_transf_matrix[1][1]   -0.00863276 
_atom_sites.fract_transf_matrix[1][2]   -0.00844242 
_atom_sites.fract_transf_matrix[1][3]   0.01163039 
_atom_sites.fract_transf_matrix[2][1]   0.01006747 
_atom_sites.fract_transf_matrix[2][2]   -0.00980695 
_atom_sites.fract_transf_matrix[2][3]   0.00035387 
_atom_sites.fract_transf_matrix[3][1]   0.00657900 
_atom_sites.fract_transf_matrix[3][2]   0.00711638 
_atom_sites.fract_transf_matrix[3][3]   0.01004905 
_atom_sites.fract_transf_vector[1]      0.270533 
_atom_sites.fract_transf_vector[2]      0.060380 
_atom_sites.fract_transf_vector[3]      0.195058 
# 
loop_
_atom_type.symbol 
C  
N  
O  
S  
SE 
ZN 
# 
loop_
_atom_site.group_PDB 
_atom_site.id 
_atom_site.type_symbol 
_atom_site.label_atom_id 
_atom_site.label_alt_id 
_atom_site.label_comp_id 
_atom_site.label_asym_id 
_atom_site.label_entity_id 
_atom_site.label_seq_id 
_atom_site.pdbx_PDB_ins_code 
_atom_site.Cartn_x 
_atom_site.Cartn_y 
_atom_site.Cartn_z 
_atom_site.occupancy 
_atom_site.B_iso_or_equiv 
_atom_site.pdbx_formal_charge 
_atom_site.auth_seq_id 
_atom_site.auth_comp_id 
_atom_site.auth_asym_id 
_atom_site.auth_atom_id 
_atom_site.pdbx_PDB_model_num 
HETATM 1    N  N   . MSE A 1 9   ? 7.838   -0.365  19.928  1.00 17.71 ? 6    MSE A N   1 
HETATM 2    C  CA  . MSE A 1 9   ? 7.354   0.914   20.535  1.00 17.93 ? 6    MSE A CA  1 
HETATM 3    C  C   . MSE A 1 9   ? 8.416   2.034   20.488  1.00 17.33 ? 6    MSE A C   1 
HETATM 4    O  O   . MSE A 1 9   ? 8.099   3.200   20.783  1.00 18.93 ? 6    MSE A O   1 
HETATM 5    C  CB  . MSE A 1 9   ? 6.899   0.699   21.965  1.00 18.14 ? 6    MSE A CB  1 
ATOM   6    N  N   . SER A 1 10  ? 9.653   1.692   20.107  1.00 15.46 ? 7    SER A N   1 
ATOM   7    C  CA  . SER A 1 10  ? 10.624  2.710   19.715  1.00 12.53 ? 7    SER A CA  1 
ATOM   8    C  C   . SER A 1 10  ? 10.332  3.078   18.266  1.00 9.92  ? 7    SER A C   1 
ATOM   9    O  O   . SER A 1 10  ? 9.645   2.331   17.545  1.00 9.90  ? 7    SER A O   1 
ATOM   10   C  CB  . SER A 1 10  ? 12.049  2.200   19.854  1.00 13.38 ? 7    SER A CB  1 
ATOM   11   O  OG  . SER A 1 10  ? 12.293  1.172   18.920  1.00 16.78 ? 7    SER A OG  1 
ATOM   12   N  N   . THR A 1 11  ? 10.801  4.218   17.837  1.00 5.42  ? 8    THR A N   1 
ATOM   13   C  CA  . THR A 1 11  ? 10.567  4.709   16.496  1.00 5.55  ? 8    THR A CA  1 
ATOM   14   C  C   . THR A 1 11  ? 11.905  4.794   15.779  1.00 4.91  ? 8    THR A C   1 
ATOM   15   O  O   . THR A 1 11  ? 12.835  5.384   16.285  1.00 6.63  ? 8    THR A O   1 
ATOM   16   C  CB  . THR A 1 11  ? 9.899   6.095   16.548  1.00 5.57  ? 8    THR A CB  1 
ATOM   17   O  OG1 . THR A 1 11  ? 8.612   5.974   17.145  1.00 6.18  ? 8    THR A OG1 1 
ATOM   18   C  CG2 . THR A 1 11  ? 9.756   6.735   15.143  1.00 6.97  ? 8    THR A CG2 1 
ATOM   19   N  N   . ILE A 1 12  ? 11.996  4.152   14.634  1.00 4.35  ? 9    ILE A N   1 
ATOM   20   C  CA  A ILE A 1 12  ? 13.252  4.199   13.886  0.50 4.40  ? 9    ILE A CA  1 
ATOM   21   C  CA  B ILE A 1 12  ? 13.174  4.096   13.760  0.50 4.42  ? 9    ILE A CA  1 
ATOM   22   C  C   . ILE A 1 12  ? 13.271  5.352   12.882  1.00 4.75  ? 9    ILE A C   1 
ATOM   23   O  O   . ILE A 1 12  ? 14.336  5.856   12.577  1.00 6.22  ? 9    ILE A O   1 
ATOM   24   C  CB  A ILE A 1 12  ? 13.603  2.848   13.250  0.50 4.58  ? 9    ILE A CB  1 
ATOM   25   C  CB  B ILE A 1 12  ? 13.026  2.898   12.769  0.50 5.32  ? 9    ILE A CB  1 
ATOM   26   C  CG1 A ILE A 1 12  ? 12.580  2.435   12.180  0.50 5.32  ? 9    ILE A CG1 1 
ATOM   27   C  CG1 B ILE A 1 12  ? 12.962  1.550   13.500  0.50 4.35  ? 9    ILE A CG1 1 
ATOM   28   C  CG2 A ILE A 1 12  ? 13.674  1.787   14.336  0.50 4.15  ? 9    ILE A CG2 1 
ATOM   29   C  CG2 B ILE A 1 12  ? 14.152  2.876   11.785  0.50 4.43  ? 9    ILE A CG2 1 
ATOM   30   C  CD1 A ILE A 1 12  ? 12.901  1.097   11.451  0.50 4.53  ? 9    ILE A CD1 1 
ATOM   31   C  CD1 B ILE A 1 12  ? 12.511  0.374   12.616  0.50 4.98  ? 9    ILE A CD1 1 
ATOM   32   N  N   . TYR A 1 13  ? 12.117  5.793   12.405  1.00 4.41  ? 10   TYR A N   1 
ATOM   33   C  CA  . TYR A 1 13  ? 12.033  6.875   11.406  1.00 4.38  ? 10   TYR A CA  1 
ATOM   34   C  C   . TYR A 1 13  ? 10.664  7.487   11.474  1.00 5.95  ? 10   TYR A C   1 
ATOM   35   O  O   . TYR A 1 13  ? 9.669   6.801   11.585  1.00 5.33  ? 10   TYR A O   1 
ATOM   36   C  CB  . TYR A 1 13  ? 12.304  6.326   9.993   1.00 4.86  ? 10   TYR A CB  1 
ATOM   37   C  CG  . TYR A 1 13  ? 12.022  7.285   8.876   1.00 3.73  ? 10   TYR A CG  1 
ATOM   38   C  CD1 . TYR A 1 13  ? 12.857  8.366   8.636   1.00 4.35  ? 10   TYR A CD1 1 
ATOM   39   C  CD2 . TYR A 1 13  ? 10.916  7.121   8.046   1.00 4.36  ? 10   TYR A CD2 1 
ATOM   40   C  CE1 . TYR A 1 13  ? 12.588  9.268   7.605   1.00 4.94  ? 10   TYR A CE1 1 
ATOM   41   C  CE2 . TYR A 1 13  ? 10.653  7.986   7.028   1.00 3.86  ? 10   TYR A CE2 1 
ATOM   42   C  CZ  . TYR A 1 13  ? 11.486  9.046   6.786   1.00 3.82  ? 10   TYR A CZ  1 
ATOM   43   O  OH  . TYR A 1 13  ? 11.216  9.927   5.780   1.00 5.04  ? 10   TYR A OH  1 
ATOM   44   N  N   . GLN A 1 14  ? 10.616  8.811   11.353  1.00 5.81  ? 11   GLN A N   1 
ATOM   45   C  CA  A GLN A 1 14  ? 9.337   9.495   11.213  0.50 5.85  ? 11   GLN A CA  1 
ATOM   46   C  CA  B GLN A 1 14  ? 9.336   9.481   11.206  0.50 6.35  ? 11   GLN A CA  1 
ATOM   47   C  C   . GLN A 1 14  ? 9.449   10.659  10.266  1.00 5.74  ? 11   GLN A C   1 
ATOM   48   O  O   . GLN A 1 14  ? 10.540  11.195  10.039  1.00 6.62  ? 11   GLN A O   1 
ATOM   49   C  CB  A GLN A 1 14  ? 8.762   9.944   12.535  0.50 7.43  ? 11   GLN A CB  1 
ATOM   50   C  CB  B GLN A 1 14  ? 8.696   9.832   12.544  0.50 8.30  ? 11   GLN A CB  1 
ATOM   51   C  CG  A GLN A 1 14  ? 9.619   10.808  13.324  0.50 6.47  ? 11   GLN A CG  1 
ATOM   52   C  CG  B GLN A 1 14  ? 9.153   11.062  13.244  0.50 9.17  ? 11   GLN A CG  1 
ATOM   53   C  CD  A GLN A 1 14  ? 9.009   11.119  14.708  0.50 5.98  ? 11   GLN A CD  1 
ATOM   54   C  CD  B GLN A 1 14  ? 8.279   11.376  14.460  0.50 9.44  ? 11   GLN A CD  1 
ATOM   55   O  OE1 A GLN A 1 14  ? 7.826   11.470  14.849  0.50 6.06  ? 11   GLN A OE1 1 
ATOM   56   O  OE1 B GLN A 1 14  ? 7.966   12.538  14.729  0.50 10.81 ? 11   GLN A OE1 1 
ATOM   57   N  NE2 A GLN A 1 14  ? 9.814   10.961  15.724  0.50 8.86  ? 11   GLN A NE2 1 
ATOM   58   N  NE2 B GLN A 1 14  ? 7.855   10.327  15.187  0.50 8.43  ? 11   GLN A NE2 1 
ATOM   59   N  N   . THR A 1 15  ? 8.305   11.060  9.745   1.00 3.84  ? 12   THR A N   1 
ATOM   60   C  CA  . THR A 1 15  ? 8.234   12.074  8.723   1.00 3.65  ? 12   THR A CA  1 
ATOM   61   C  C   . THR A 1 15  ? 6.905   12.781  8.798   1.00 4.64  ? 12   THR A C   1 
ATOM   62   O  O   . THR A 1 15  ? 5.934   12.250  9.325   1.00 7.18  ? 12   THR A O   1 
ATOM   63   C  CB  . THR A 1 15  ? 8.467   11.434  7.350   1.00 4.35  ? 12   THR A CB  1 
ATOM   64   O  OG1 . THR A 1 15  ? 8.737   12.450  6.391   1.00 6.89  ? 12   THR A OG1 1 
ATOM   65   C  CG2 . THR A 1 15  ? 7.336   10.501  6.921   1.00 5.35  ? 12   THR A CG2 1 
ATOM   66   N  N   . SER A 1 16  ? 6.827   13.970  8.265   1.00 4.09  ? 13   SER A N   1 
ATOM   67   C  CA  A SER A 1 16  ? 5.589   14.769  8.252   0.50 4.23  ? 13   SER A CA  1 
ATOM   68   C  CA  B SER A 1 16  ? 5.548   14.680  8.217   0.50 4.77  ? 13   SER A CA  1 
ATOM   69   C  C   . SER A 1 16  ? 5.281   15.241  6.832   1.00 4.61  ? 13   SER A C   1 
ATOM   70   O  O   . SER A 1 16  ? 6.218   15.483  6.032   1.00 4.54  ? 13   SER A O   1 
ATOM   71   C  CB  A SER A 1 16  ? 5.728   15.998  9.148   0.50 4.92  ? 13   SER A CB  1 
ATOM   72   C  CB  B SER A 1 16  ? 5.515   15.808  9.219   0.50 5.48  ? 13   SER A CB  1 
ATOM   73   O  OG  A SER A 1 16  ? 5.921   15.617  10.501  0.50 4.77  ? 13   SER A OG  1 
ATOM   74   O  OG  B SER A 1 16  ? 6.525   16.731  8.907   0.50 8.13  ? 13   SER A OG  1 
ATOM   75   N  N   . ALA A 1 17  ? 4.008   15.442  6.546   1.00 3.37  ? 14   ALA A N   1 
ATOM   76   C  CA  . ALA A 1 17  ? 3.565   16.070  5.331   1.00 3.20  ? 14   ALA A CA  1 
ATOM   77   C  C   . ALA A 1 17  ? 2.368   16.936  5.617   1.00 2.24  ? 14   ALA A C   1 
ATOM   78   O  O   . ALA A 1 17  ? 1.602   16.661  6.547   1.00 3.61  ? 14   ALA A O   1 
ATOM   79   C  CB  . ALA A 1 17  ? 3.179   15.029  4.320   1.00 3.94  ? 14   ALA A CB  1 
ATOM   80   N  N   . THR A 1 18  ? 2.160   17.954  4.785   1.00 2.62  ? 15   THR A N   1 
ATOM   81   C  CA  . THR A 1 18  ? 1.100   18.939  4.970   1.00 4.09  ? 15   THR A CA  1 
ATOM   82   C  C   . THR A 1 18  ? 0.305   19.136  3.667   1.00 3.77  ? 15   THR A C   1 
ATOM   83   O  O   . THR A 1 18  ? 0.890   19.260  2.574   1.00 4.25  ? 15   THR A O   1 
ATOM   84   C  CB  . THR A 1 18  ? 1.646   20.287  5.465   1.00 4.85  ? 15   THR A CB  1 
ATOM   85   O  OG1 . THR A 1 18  ? 2.341   20.093  6.705   1.00 7.03  ? 15   THR A OG1 1 
ATOM   86   C  CG2 . THR A 1 18  ? 0.509   21.289  5.658   1.00 5.34  ? 15   THR A CG2 1 
ATOM   87   N  N   . ALA A 1 19  ? -1.012  19.160  3.827   1.00 3.48  ? 16   ALA A N   1 
ATOM   88   C  CA  . ALA A 1 19  ? -1.979  19.488  2.796   1.00 3.80  ? 16   ALA A CA  1 
ATOM   89   C  C   . ALA A 1 19  ? -2.993  20.425  3.370   1.00 4.09  ? 16   ALA A C   1 
ATOM   90   O  O   . ALA A 1 19  ? -3.464  20.185  4.487   1.00 4.61  ? 16   ALA A O   1 
ATOM   91   C  CB  . ALA A 1 19  ? -2.726  18.232  2.299   1.00 4.12  ? 16   ALA A CB  1 
ATOM   92   N  N   . SER A 1 20  ? -3.418  21.414  2.590   1.00 4.32  ? 17   SER A N   1 
ATOM   93   C  CA  A SER A 1 20  ? -4.451  22.347  3.053   0.50 4.97  ? 17   SER A CA  1 
ATOM   94   C  CA  B SER A 1 20  ? -4.453  22.341  3.064   0.50 5.27  ? 17   SER A CA  1 
ATOM   95   C  C   . SER A 1 20  ? -5.653  22.487  2.135   1.00 4.90  ? 17   SER A C   1 
ATOM   96   O  O   . SER A 1 20  ? -6.637  23.163  2.499   1.00 5.55  ? 17   SER A O   1 
ATOM   97   C  CB  A SER A 1 20  ? -3.847  23.726  3.278   0.50 4.85  ? 17   SER A CB  1 
ATOM   98   C  CB  B SER A 1 20  ? -3.853  23.716  3.402   0.50 5.21  ? 17   SER A CB  1 
ATOM   99   O  OG  A SER A 1 20  ? -2.680  23.647  4.069   0.50 5.46  ? 17   SER A OG  1 
ATOM   100  O  OG  B SER A 1 20  ? -3.218  24.344  2.294   0.50 7.73  ? 17   SER A OG  1 
ATOM   101  N  N   . ALA A 1 21  ? -5.610  21.850  0.951   1.00 4.17  ? 18   ALA A N   1 
ATOM   102  C  CA  . ALA A 1 21  ? -6.708  21.933  -0.010  1.00 4.89  ? 18   ALA A CA  1 
ATOM   103  C  C   . ALA A 1 21  ? -7.269  20.565  -0.332  1.00 4.97  ? 18   ALA A C   1 
ATOM   104  O  O   . ALA A 1 21  ? -7.849  20.339  -1.403  1.00 5.41  ? 18   ALA A O   1 
ATOM   105  C  CB  . ALA A 1 21  ? -6.246  22.634  -1.292  1.00 5.51  ? 18   ALA A CB  1 
ATOM   106  N  N   . GLY A 1 22  ? -7.132  19.630  0.608   1.00 5.21  ? 19   GLY A N   1 
ATOM   107  C  CA  . GLY A 1 22  ? -7.673  18.287  0.409   1.00 4.37  ? 19   GLY A CA  1 
ATOM   108  C  C   . GLY A 1 22  ? -7.199  17.627  -0.849  1.00 4.45  ? 19   GLY A C   1 
ATOM   109  O  O   . GLY A 1 22  ? -6.008  17.625  -1.192  1.00 4.67  ? 19   GLY A O   1 
ATOM   110  N  N   . ARG A 1 23  ? -8.161  17.051  -1.572  1.00 4.25  ? 20   ARG A N   1 
ATOM   111  C  CA  . ARG A 1 23  ? -7.898  16.258  -2.758  1.00 4.02  ? 20   ARG A CA  1 
ATOM   112  C  C   . ARG A 1 23  ? -7.672  17.086  -4.017  1.00 3.54  ? 20   ARG A C   1 
ATOM   113  O  O   . ARG A 1 23  ? -7.427  16.538  -5.081  1.00 4.38  ? 20   ARG A O   1 
ATOM   114  C  CB  . ARG A 1 23  ? -9.063  15.273  -2.972  1.00 4.40  ? 20   ARG A CB  1 
ATOM   115  C  CG  . ARG A 1 23  ? -9.061  14.090  -2.044  1.00 5.05  ? 20   ARG A CG  1 
ATOM   116  C  CD  . ARG A 1 23  ? -10.379 13.334  -2.102  1.00 5.85  ? 20   ARG A CD  1 
ATOM   117  N  NE  . ARG A 1 23  ? -10.280 12.153  -1.277  1.00 5.66  ? 20   ARG A NE  1 
ATOM   118  C  CZ  . ARG A 1 23  ? -9.987  10.921  -1.689  1.00 4.72  ? 20   ARG A CZ  1 
ATOM   119  N  NH1 . ARG A 1 23  ? -9.826  10.639  -2.966  1.00 4.95  ? 20   ARG A NH1 1 
ATOM   120  N  NH2 . ARG A 1 23  ? -9.866  9.940   -0.801  1.00 5.60  ? 20   ARG A NH2 1 
ATOM   121  N  N   . ASN A 1 24  ? -7.773  18.405  -3.899  1.00 3.25  ? 21   ASN A N   1 
ATOM   122  C  CA  . ASN A 1 24  ? -7.611  19.301  -5.048  1.00 4.84  ? 21   ASN A CA  1 
ATOM   123  C  C   . ASN A 1 24  ? -6.665  20.443  -4.770  1.00 4.83  ? 21   ASN A C   1 
ATOM   124  O  O   . ASN A 1 24  ? -7.066  21.540  -4.495  1.00 5.83  ? 21   ASN A O   1 
ATOM   125  C  CB  . ASN A 1 24  ? -8.978  19.772  -5.508  1.00 4.69  ? 21   ASN A CB  1 
ATOM   126  C  CG  . ASN A 1 24  ? -9.758  18.650  -6.148  1.00 7.68  ? 21   ASN A CG  1 
ATOM   127  O  OD1 . ASN A 1 24  ? -9.546  18.313  -7.329  1.00 10.62 ? 21   ASN A OD1 1 
ATOM   128  N  ND2 . ASN A 1 24  ? -10.596 17.983  -5.361  1.00 9.52  ? 21   ASN A ND2 1 
ATOM   129  N  N   . GLY A 1 25  ? -5.379  20.127  -4.771  1.00 5.78  ? 22   GLY A N   1 
ATOM   130  C  CA  . GLY A 1 25  ? -4.356  21.073  -4.363  1.00 5.14  ? 22   GLY A CA  1 
ATOM   131  C  C   . GLY A 1 25  ? -3.037  20.364  -4.133  1.00 5.55  ? 22   GLY A C   1 
ATOM   132  O  O   . GLY A 1 25  ? -2.884  19.178  -4.407  1.00 7.36  ? 22   GLY A O   1 
ATOM   133  N  N   . VAL A 1 26  ? -2.080  21.086  -3.590  1.00 4.42  ? 23   VAL A N   1 
ATOM   134  C  CA  . VAL A 1 26  ? -0.749  20.552  -3.384  1.00 5.31  ? 23   VAL A CA  1 
ATOM   135  C  C   . VAL A 1 26  ? -0.641  19.833  -2.045  1.00 5.22  ? 23   VAL A C   1 
ATOM   136  O  O   . VAL A 1 26  ? -1.409  20.053  -1.095  1.00 5.20  ? 23   VAL A O   1 
ATOM   137  C  CB  . VAL A 1 26  ? 0.325   21.667  -3.502  1.00 5.92  ? 23   VAL A CB  1 
ATOM   138  C  CG1 . VAL A 1 26  ? 0.266   22.309  -4.900  1.00 8.07  ? 23   VAL A CG1 1 
ATOM   139  C  CG2 . VAL A 1 26  ? 0.152   22.711  -2.419  1.00 7.62  ? 23   VAL A CG2 1 
ATOM   140  N  N   . VAL A 1 27  ? 0.334   18.934  -1.978  1.00 5.95  ? 24   VAL A N   1 
ATOM   141  C  CA  . VAL A 1 27  ? 0.733   18.294  -0.736  1.00 5.45  ? 24   VAL A CA  1 
ATOM   142  C  C   . VAL A 1 27  ? 2.258   18.078  -0.802  1.00 5.38  ? 24   VAL A C   1 
ATOM   143  O  O   . VAL A 1 27  ? 2.831   17.847  -1.877  1.00 6.48  ? 24   VAL A O   1 
ATOM   144  C  CB  . VAL A 1 27  ? -0.005  16.953  -0.512  1.00 5.56  ? 24   VAL A CB  1 
ATOM   145  C  CG1 . VAL A 1 27  ? 0.282   15.948  -1.656  1.00 7.45  ? 24   VAL A CG1 1 
ATOM   146  C  CG2 . VAL A 1 27  ? 0.360   16.314  0.838   1.00 7.59  ? 24   VAL A CG2 1 
ATOM   147  N  N   . SER A 1 28  ? 2.949   18.195  0.334   1.00 4.87  ? 25   SER A N   1 
ATOM   148  C  CA  . SER A 1 28  ? 4.392   17.955  0.324   1.00 5.81  ? 25   SER A CA  1 
ATOM   149  C  C   . SER A 1 28  ? 4.860   17.436  1.652   1.00 5.24  ? 25   SER A C   1 
ATOM   150  O  O   . SER A 1 28  ? 4.247   17.727  2.691   1.00 4.57  ? 25   SER A O   1 
ATOM   151  C  CB  . SER A 1 28  ? 5.184   19.222  -0.014  1.00 6.90  ? 25   SER A CB  1 
ATOM   152  O  OG  . SER A 1 28  ? 4.890   20.250  0.885   1.00 10.09 ? 25   SER A OG  1 
ATOM   153  N  N   . THR A 1 29  ? 5.970   16.694  1.629   1.00 4.78  ? 26   THR A N   1 
ATOM   154  C  CA  . THR A 1 29  ? 6.661   16.365  2.852   1.00 4.97  ? 26   THR A CA  1 
ATOM   155  C  C   . THR A 1 29  ? 7.429   17.569  3.347   1.00 5.07  ? 26   THR A C   1 
ATOM   156  O  O   . THR A 1 29  ? 7.786   18.485  2.579   1.00 5.05  ? 26   THR A O   1 
ATOM   157  C  CB  . THR A 1 29  ? 7.591   15.170  2.678   1.00 4.21  ? 26   THR A CB  1 
ATOM   158  O  OG1 . THR A 1 29  ? 8.541   15.466  1.644   1.00 4.79  ? 26   THR A OG1 1 
ATOM   159  C  CG2 . THR A 1 29  ? 6.836   13.912  2.275   1.00 5.70  ? 26   THR A CG2 1 
ATOM   160  N  N   . GLU A 1 30  ? 7.687   17.590  4.637   1.00 5.19  ? 27   GLU A N   1 
ATOM   161  C  CA  . GLU A 1 30  ? 8.426   18.674  5.243   1.00 7.01  ? 27   GLU A CA  1 
ATOM   162  C  C   . GLU A 1 30  ? 9.783   18.857  4.565   1.00 6.46  ? 27   GLU A C   1 
ATOM   163  O  O   . GLU A 1 30  ? 10.221  20.018  4.363   1.00 8.19  ? 27   GLU A O   1 
ATOM   164  C  CB  . GLU A 1 30  ? 8.587   18.403  6.730   1.00 7.47  ? 27   GLU A CB  1 
ATOM   165  C  CG  . GLU A 1 30  ? 9.259   19.507  7.476   1.00 11.17 ? 27   GLU A CG  1 
ATOM   166  C  CD  . GLU A 1 30  ? 9.382   19.204  8.934   0.50 14.72 ? 27   GLU A CD  1 
ATOM   167  O  OE1 . GLU A 1 30  ? 9.015   18.071  9.313   0.50 18.72 ? 27   GLU A OE1 1 
ATOM   168  O  OE2 . GLU A 1 30  ? 9.854   20.079  9.697   0.50 19.07 ? 27   GLU A OE2 1 
ATOM   169  N  N   . ASP A 1 31  ? 10.449  17.742  4.230   1.00 6.55  ? 28   ASP A N   1 
ATOM   170  C  CA  . ASP A 1 31  ? 11.780  17.786  3.621   1.00 7.08  ? 28   ASP A CA  1 
ATOM   171  C  C   . ASP A 1 31  ? 11.761  17.966  2.104   1.00 7.32  ? 28   ASP A C   1 
ATOM   172  O  O   . ASP A 1 31  ? 12.809  18.035  1.463   1.00 8.62  ? 28   ASP A O   1 
ATOM   173  C  CB  . ASP A 1 31  ? 12.594  16.552  4.031   1.00 6.82  ? 28   ASP A CB  1 
ATOM   174  C  CG  . ASP A 1 31  ? 12.048  15.236  3.488   1.00 9.40  ? 28   ASP A CG  1 
ATOM   175  O  OD1 . ASP A 1 31  ? 11.095  15.198  2.687   1.00 7.83  ? 28   ASP A OD1 1 
ATOM   176  O  OD2 . ASP A 1 31  ? 12.603  14.194  3.874   1.00 9.35  ? 28   ASP A OD2 1 
ATOM   177  N  N   . LYS A 1 32  ? 10.568  18.044  1.530   1.00 6.78  ? 29   LYS A N   1 
ATOM   178  C  CA  . LYS A 1 32  ? 10.338  18.260  0.100   1.00 7.48  ? 29   LYS A CA  1 
ATOM   179  C  C   . LYS A 1 32  ? 10.800  17.151  -0.831  1.00 7.63  ? 29   LYS A C   1 
ATOM   180  O  O   . LYS A 1 32  ? 10.809  17.328  -2.044  1.00 9.21  ? 29   LYS A O   1 
ATOM   181  C  CB  . LYS A 1 32  ? 10.835  19.639  -0.376  1.00 7.98  ? 29   LYS A CB  1 
ATOM   182  C  CG  . LYS A 1 32  ? 10.338  20.772  0.495   1.00 10.31 ? 29   LYS A CG  1 
ATOM   183  C  CD  . LYS A 1 32  ? 8.837   20.957  0.422   1.00 13.54 ? 29   LYS A CD  1 
ATOM   184  C  CE  . LYS A 1 32  ? 8.335   21.963  1.436   1.00 16.67 ? 29   LYS A CE  1 
ATOM   185  N  NZ  . LYS A 1 32  ? 7.005   22.503  1.040   1.00 19.05 ? 29   LYS A NZ  1 
ATOM   186  N  N   . LEU A 1 33  ? 11.121  15.974  -0.300  1.00 7.18  ? 30   LEU A N   1 
ATOM   187  C  CA  . LEU A 1 33  ? 11.361  14.819  -1.152  1.00 8.29  ? 30   LEU A CA  1 
ATOM   188  C  C   . LEU A 1 33  ? 10.168  14.401  -1.981  1.00 8.84  ? 30   LEU A C   1 
ATOM   189  O  O   . LEU A 1 33  ? 10.347  13.852  -3.082  1.00 10.07 ? 30   LEU A O   1 
ATOM   190  C  CB  . LEU A 1 33  ? 11.813  13.596  -0.349  1.00 9.26  ? 30   LEU A CB  1 
ATOM   191  C  CG  . LEU A 1 33  ? 13.264  13.390  -0.037  1.00 11.42 ? 30   LEU A CG  1 
ATOM   192  C  CD1 . LEU A 1 33  ? 13.390  12.120  0.806   1.00 9.84  ? 30   LEU A CD1 1 
ATOM   193  C  CD2 . LEU A 1 33  ? 14.089  13.275  -1.300  1.00 8.44  ? 30   LEU A CD2 1 
ATOM   194  N  N   . LEU A 1 34  ? 8.963   14.616  -1.457  1.00 7.93  ? 31   LEU A N   1 
ATOM   195  C  CA  . LEU A 1 34  ? 7.750   14.398  -2.200  1.00 8.20  ? 31   LEU A CA  1 
ATOM   196  C  C   . LEU A 1 34  ? 6.985   15.717  -2.207  1.00 8.28  ? 31   LEU A C   1 
ATOM   197  O  O   . LEU A 1 34  ? 6.646   16.236  -1.144  1.00 9.19  ? 31   LEU A O   1 
ATOM   198  C  CB  . LEU A 1 34  ? 6.838   13.363  -1.539  1.00 10.08 ? 31   LEU A CB  1 
ATOM   199  C  CG  . LEU A 1 34  ? 6.785   11.955  -1.985  1.00 10.28 ? 31   LEU A CG  1 
ATOM   200  C  CD1 . LEU A 1 34  ? 5.752   11.188  -1.159  1.00 7.12  ? 31   LEU A CD1 1 
ATOM   201  C  CD2 . LEU A 1 34  ? 6.502   11.899  -3.491  1.00 8.96  ? 31   LEU A CD2 1 
ATOM   202  N  N   . GLU A 1 35  ? 6.744   16.245  -3.381  1.00 7.63  ? 32   GLU A N   1 
ATOM   203  C  CA  . GLU A 1 35  ? 5.955   17.423  -3.601  1.00 7.86  ? 32   GLU A CA  1 
ATOM   204  C  C   . GLU A 1 35  ? 5.036   17.115  -4.767  1.00 6.98  ? 32   GLU A C   1 
ATOM   205  O  O   . GLU A 1 35  ? 5.512   16.897  -5.896  1.00 9.66  ? 32   GLU A O   1 
ATOM   206  C  CB  . GLU A 1 35  ? 6.826   18.610  -3.995  1.00 9.30  ? 32   GLU A CB  1 
ATOM   207  C  CG  . GLU A 1 35  ? 7.786   19.161  -2.953  1.00 12.72 ? 32   GLU A CG  1 
ATOM   208  C  CD  . GLU A 1 35  ? 8.710   20.243  -3.550  1.00 17.20 ? 32   GLU A CD  1 
ATOM   209  O  OE1 . GLU A 1 35  ? 9.677   19.892  -4.276  1.00 19.95 ? 32   GLU A OE1 1 
ATOM   210  O  OE2 . GLU A 1 35  ? 8.460   21.442  -3.321  1.00 21.09 ? 32   GLU A OE2 1 
ATOM   211  N  N   . LEU A 1 36  ? 3.739   17.135  -4.514  1.00 4.14  ? 33   LEU A N   1 
ATOM   212  C  CA  . LEU A 1 36  ? 2.803   16.662  -5.499  1.00 4.40  ? 33   LEU A CA  1 
ATOM   213  C  C   . LEU A 1 36  ? 1.651   17.614  -5.666  1.00 4.35  ? 33   LEU A C   1 
ATOM   214  O  O   . LEU A 1 36  ? 1.189   18.262  -4.709  1.00 5.47  ? 33   LEU A O   1 
ATOM   215  C  CB  . LEU A 1 36  ? 2.231   15.277  -5.089  1.00 4.92  ? 33   LEU A CB  1 
ATOM   216  C  CG  . LEU A 1 36  ? 3.232   14.129  -4.976  1.00 5.93  ? 33   LEU A CG  1 
ATOM   217  C  CD1 . LEU A 1 36  ? 2.569   12.923  -4.271  1.00 7.92  ? 33   LEU A CD1 1 
ATOM   218  C  CD2 . LEU A 1 36  ? 3.802   13.737  -6.327  1.00 7.41  ? 33   LEU A CD2 1 
ATOM   219  N  N   . ASN A 1 37  ? 1.110   17.609  -6.886  1.00 4.25  ? 34   ASN A N   1 
ATOM   220  C  CA  . ASN A 1 37  ? -0.241  18.128  -7.127  1.00 4.67  ? 34   ASN A CA  1 
ATOM   221  C  C   . ASN A 1 37  ? -1.234  16.972  -7.036  1.00 3.79  ? 34   ASN A C   1 
ATOM   222  O  O   . ASN A 1 37  ? -0.923  15.883  -7.524  1.00 4.83  ? 34   ASN A O   1 
ATOM   223  C  CB  . ASN A 1 37  ? -0.332  18.749  -8.531  1.00 4.94  ? 34   ASN A CB  1 
ATOM   224  C  CG  . ASN A 1 37  ? 0.558   19.954  -8.704  1.00 8.15  ? 34   ASN A CG  1 
ATOM   225  O  OD1 . ASN A 1 37  ? 1.388   20.002  -9.623  1.00 16.03 ? 34   ASN A OD1 1 
ATOM   226  N  ND2 . ASN A 1 37  ? 0.376   20.931  -7.870  1.00 8.26  ? 34   ASN A ND2 1 
ATOM   227  N  N   . LEU A 1 38  ? -2.404  17.233  -6.473  1.00 3.40  ? 35   LEU A N   1 
ATOM   228  C  CA  . LEU A 1 38  ? -3.503  16.274  -6.416  1.00 2.99  ? 35   LEU A CA  1 
ATOM   229  C  C   . LEU A 1 38  ? -4.714  16.872  -7.126  1.00 3.54  ? 35   LEU A C   1 
ATOM   230  O  O   . LEU A 1 38  ? -4.992  18.055  -6.972  1.00 3.65  ? 35   LEU A O   1 
ATOM   231  C  CB  . LEU A 1 38  ? -3.930  15.973  -4.977  1.00 3.51  ? 35   LEU A CB  1 
ATOM   232  C  CG  . LEU A 1 38  ? -2.830  15.517  -4.033  1.00 5.28  ? 35   LEU A CG  1 
ATOM   233  C  CD1 . LEU A 1 38  ? -3.392  15.275  -2.639  1.00 6.51  ? 35   LEU A CD1 1 
ATOM   234  C  CD2 . LEU A 1 38  ? -2.092  14.289  -4.540  1.00 6.47  ? 35   LEU A CD2 1 
ATOM   235  N  N   . SER A 1 39  ? -5.476  16.020  -7.801  1.00 3.76  ? 36   SER A N   1 
ATOM   236  C  CA  . SER A 1 39  ? -6.787  16.380  -8.343  1.00 5.34  ? 36   SER A CA  1 
ATOM   237  C  C   . SER A 1 39  ? -7.709  15.184  -8.288  1.00 4.41  ? 36   SER A C   1 
ATOM   238  O  O   . SER A 1 39  ? -7.268  14.013  -8.209  1.00 4.49  ? 36   SER A O   1 
ATOM   239  C  CB  . SER A 1 39  ? -6.683  16.836  -9.793  1.00 7.01  ? 36   SER A CB  1 
ATOM   240  O  OG  . SER A 1 39  ? -6.452  15.729  -10.626 1.00 13.21 ? 36   SER A OG  1 
ATOM   241  N  N   . TYR A 1 40  ? -9.002  15.472  -8.326  1.00 4.40  ? 37   TYR A N   1 
ATOM   242  C  CA  . TYR A 1 40  ? -9.951  14.372  -8.527  1.00 4.50  ? 37   TYR A CA  1 
ATOM   243  C  C   . TYR A 1 40  ? -9.662  13.672  -9.858  1.00 5.01  ? 37   TYR A C   1 
ATOM   244  O  O   . TYR A 1 40  ? -9.360  14.335  -10.854 1.00 4.76  ? 37   TYR A O   1 
ATOM   245  C  CB  . TYR A 1 40  ? -11.382 14.901  -8.570  1.00 5.17  ? 37   TYR A CB  1 
ATOM   246  C  CG  . TYR A 1 40  ? -12.068 15.241  -7.240  1.00 6.20  ? 37   TYR A CG  1 
ATOM   247  C  CD1 . TYR A 1 40  ? -11.901 14.472  -6.111  1.00 7.95  ? 37   TYR A CD1 1 
ATOM   248  C  CD2 . TYR A 1 40  ? -13.011 16.233  -7.200  1.00 8.72  ? 37   TYR A CD2 1 
ATOM   249  C  CE1 . TYR A 1 40  ? -12.568 14.781  -4.924  1.00 7.19  ? 37   TYR A CE1 1 
ATOM   250  C  CE2 . TYR A 1 40  ? -13.691 16.537  -6.055  1.00 8.70  ? 37   TYR A CE2 1 
ATOM   251  C  CZ  . TYR A 1 40  ? -13.440 15.815  -4.901  1.00 9.34  ? 37   TYR A CZ  1 
ATOM   252  O  OH  . TYR A 1 40  ? -14.170 16.141  -3.780  1.00 11.00 ? 37   TYR A OH  1 
ATOM   253  N  N   . PRO A 1 41  ? -9.770  12.337  -9.878  1.00 5.17  ? 38   PRO A N   1 
ATOM   254  C  CA  . PRO A 1 41  ? -9.713  11.642  -11.162 1.00 5.02  ? 38   PRO A CA  1 
ATOM   255  C  C   . PRO A 1 41  ? -10.948 11.949  -12.008 1.00 5.51  ? 38   PRO A C   1 
ATOM   256  O  O   . PRO A 1 41  ? -11.920 12.488  -11.499 1.00 5.67  ? 38   PRO A O   1 
ATOM   257  C  CB  . PRO A 1 41  ? -9.642  10.157  -10.733 1.00 5.44  ? 38   PRO A CB  1 
ATOM   258  C  CG  . PRO A 1 41  ? -10.404 10.100  -9.482  1.00 7.12  ? 38   PRO A CG  1 
ATOM   259  C  CD  . PRO A 1 41  ? -9.988  11.397  -8.772  1.00 5.75  ? 38   PRO A CD  1 
ATOM   260  N  N   . LYS A 1 42  ? -10.890 11.596  -13.281 1.00 5.30  ? 39   LYS A N   1 
ATOM   261  C  CA  . LYS A 1 42  ? -12.029 11.777  -14.170 1.00 5.57  ? 39   LYS A CA  1 
ATOM   262  C  C   . LYS A 1 42  ? -13.265 11.074  -13.635 1.00 5.49  ? 39   LYS A C   1 
ATOM   263  O  O   . LYS A 1 42  ? -14.381 11.571  -13.755 1.00 6.89  ? 39   LYS A O   1 
ATOM   264  C  CB  . LYS A 1 42  ? -11.701 11.267  -15.555 1.00 6.17  ? 39   LYS A CB  1 
ATOM   265  C  CG  . LYS A 1 42  ? -10.632 12.104  -16.267 1.00 8.08  ? 39   LYS A CG  1 
ATOM   266  C  CD  . LYS A 1 42  ? -10.511 11.769  -17.740 1.00 11.56 ? 39   LYS A CD  1 
ATOM   267  C  CE  . LYS A 1 42  ? -9.370  12.519  -18.389 0.50 11.26 ? 39   LYS A CE  1 
ATOM   268  N  NZ  . LYS A 1 42  ? -9.500  12.493  -19.877 0.50 11.59 ? 39   LYS A NZ  1 
ATOM   269  N  N   . GLU A 1 43  ? -13.041 9.938   -12.991 1.00 6.40  ? 40   GLU A N   1 
ATOM   270  C  CA  . GLU A 1 43  ? -14.145 9.201   -12.407 1.00 7.12  ? 40   GLU A CA  1 
ATOM   271  C  C   . GLU A 1 43  ? -14.888 9.942   -11.306 1.00 8.43  ? 40   GLU A C   1 
ATOM   272  O  O   . GLU A 1 43  ? -15.991 9.570   -10.956 1.00 9.13  ? 40   GLU A O   1 
ATOM   273  C  CB  . GLU A 1 43  ? -13.638 7.863   -11.856 1.00 8.43  ? 40   GLU A CB  1 
ATOM   274  C  CG  . GLU A 1 43  ? -13.309 6.840   -12.905 1.00 7.93  ? 40   GLU A CG  1 
ATOM   275  C  CD  . GLU A 1 43  ? -12.029 7.075   -13.673 1.00 8.63  ? 40   GLU A CD  1 
ATOM   276  O  OE1 . GLU A 1 43  ? -11.141 7.868   -13.225 1.00 7.37  ? 40   GLU A OE1 1 
ATOM   277  O  OE2 . GLU A 1 43  ? -11.826 6.429   -14.722 1.00 7.28  ? 40   GLU A OE2 1 
HETATM 278  N  N   . MSE A 1 44  ? -14.247 10.952  -10.766 1.00 8.08  ? 41   MSE A N   1 
HETATM 279  C  CA  . MSE A 1 44  ? -14.838 11.720  -9.709  1.00 8.93  ? 41   MSE A CA  1 
HETATM 280  C  C   . MSE A 1 44  ? -15.044 13.202  -10.148 1.00 9.54  ? 41   MSE A C   1 
HETATM 281  O  O   . MSE A 1 44  ? -15.158 14.064  -9.372  1.00 12.06 ? 41   MSE A O   1 
HETATM 282  C  CB  . MSE A 1 44  ? -14.028 11.558  -8.401  1.00 8.97  ? 41   MSE A CB  1 
HETATM 283  C  CG  . MSE A 1 44  ? -14.039 10.085  -7.892  1.00 9.28  ? 41   MSE A CG  1 
HETATM 284  SE SE  . MSE A 1 44  ? -12.724 9.550   -6.439  0.50 6.07  ? 41   MSE A SE  1 
HETATM 285  C  CE  . MSE A 1 44  ? -12.957 11.222  -5.784  1.00 7.04  ? 41   MSE A CE  1 
ATOM   286  N  N   . GLY A 1 45  ? -15.055 13.437  -11.434 1.00 9.32  ? 42   GLY A N   1 
ATOM   287  C  CA  . GLY A 1 45  ? -15.406 14.713  -12.028 1.00 9.37  ? 42   GLY A CA  1 
ATOM   288  C  C   . GLY A 1 45  ? -14.253 15.668  -12.219 1.00 8.93  ? 42   GLY A C   1 
ATOM   289  O  O   . GLY A 1 45  ? -14.456 16.848  -12.574 1.00 10.35 ? 42   GLY A O   1 
ATOM   290  N  N   . GLY A 1 46  ? -13.037 15.175  -12.047 1.00 8.54  ? 43   GLY A N   1 
ATOM   291  C  CA  . GLY A 1 46  ? -11.846 15.975  -12.185 1.00 8.75  ? 43   GLY A CA  1 
ATOM   292  C  C   . GLY A 1 46  ? -11.150 15.808  -13.500 1.00 9.06  ? 43   GLY A C   1 
ATOM   293  O  O   . GLY A 1 46  ? -11.651 15.125  -14.387 1.00 9.59  ? 43   GLY A O   1 
ATOM   294  N  N   . SER A 1 47  ? -10.008 16.487  -13.640 1.00 10.09 ? 44   SER A N   1 
ATOM   295  C  CA  . SER A 1 47  ? -9.208  16.447  -14.850 1.00 11.51 ? 44   SER A CA  1 
ATOM   296  C  C   . SER A 1 47  ? -8.429  15.166  -15.079 1.00 11.63 ? 44   SER A C   1 
ATOM   297  O  O   . SER A 1 47  ? -8.082  14.863  -16.218 1.00 13.22 ? 44   SER A O   1 
ATOM   298  C  CB  . SER A 1 47  ? -8.201  17.623  -14.855 1.00 12.20 ? 44   SER A CB  1 
ATOM   299  O  OG  . SER A 1 47  ? -7.307  17.518  -13.761 1.00 14.95 ? 44   SER A OG  1 
ATOM   300  N  N   . GLY A 1 48  ? -8.106  14.462  -13.996 1.00 13.35 ? 45   GLY A N   1 
ATOM   301  C  CA  . GLY A 1 48  ? -7.295  13.255  -14.118 1.00 14.07 ? 45   GLY A CA  1 
ATOM   302  C  C   . GLY A 1 48  ? -5.859  13.528  -14.523 1.00 13.20 ? 45   GLY A C   1 
ATOM   303  O  O   . GLY A 1 48  ? -5.179  12.628  -15.014 1.00 13.54 ? 45   GLY A O   1 
ATOM   304  N  N   . THR A 1 49  ? -5.393  14.765  -14.338 1.00 12.90 ? 46   THR A N   1 
ATOM   305  C  CA  . THR A 1 49  ? -4.013  15.093  -14.718 1.00 11.71 ? 46   THR A CA  1 
ATOM   306  C  C   . THR A 1 49  ? -3.050  15.047  -13.533 1.00 9.97  ? 46   THR A C   1 
ATOM   307  O  O   . THR A 1 49  ? -1.858  15.226  -13.707 1.00 8.93  ? 46   THR A O   1 
ATOM   308  C  CB  . THR A 1 49  ? -3.893  16.456  -15.415 1.00 12.01 ? 46   THR A CB  1 
ATOM   309  O  OG1 . THR A 1 49  ? -4.323  17.510  -14.542 1.00 13.27 ? 46   THR A OG1 1 
ATOM   310  C  CG2 . THR A 1 49  ? -4.720  16.463  -16.701 1.00 13.20 ? 46   THR A CG2 1 
ATOM   311  N  N   . ALA A 1 50  ? -3.555  14.790  -12.328 1.00 7.98  ? 47   ALA A N   1 
ATOM   312  C  CA  . ALA A 1 50  ? -2.722  14.697  -11.145 1.00 7.16  ? 47   ALA A CA  1 
ATOM   313  C  C   . ALA A 1 50  ? -3.162  13.514  -10.321 1.00 7.10  ? 47   ALA A C   1 
ATOM   314  O  O   . ALA A 1 50  ? -4.177  12.915  -10.599 1.00 7.32  ? 47   ALA A O   1 
ATOM   315  C  CB  . ALA A 1 50  ? -2.788  15.994  -10.307 1.00 8.27  ? 47   ALA A CB  1 
ATOM   316  N  N   . THR A 1 51  ? -2.356  13.169  -9.330  1.00 5.49  ? 48   THR A N   1 
ATOM   317  C  CA  . THR A 1 51  ? -2.592  11.972  -8.497  1.00 4.86  ? 48   THR A CA  1 
ATOM   318  C  C   . THR A 1 51  ? -3.592  12.248  -7.377  1.00 4.59  ? 48   THR A C   1 
ATOM   319  O  O   . THR A 1 51  ? -4.262  13.272  -7.351  1.00 4.67  ? 48   THR A O   1 
ATOM   320  C  CB  . THR A 1 51  ? -1.234  11.387  -8.026  1.00 5.01  ? 48   THR A CB  1 
ATOM   321  O  OG1 . THR A 1 51  ? -1.409  10.067  -7.523  1.00 5.36  ? 48   THR A OG1 1 
ATOM   322  C  CG2 . THR A 1 51  ? -0.589  12.210  -6.916  1.00 6.41  ? 48   THR A CG2 1 
ATOM   323  N  N   . ASN A 1 52  ? -3.739  11.267  -6.492  1.00 4.09  ? 49   ASN A N   1 
ATOM   324  C  CA  . ASN A 1 52  ? -4.833  11.236  -5.502  1.00 3.26  ? 49   ASN A CA  1 
ATOM   325  C  C   . ASN A 1 52  ? -4.480  10.309  -4.339  1.00 4.25  ? 49   ASN A C   1 
ATOM   326  O  O   . ASN A 1 52  ? -3.524  9.527   -4.431  1.00 4.13  ? 49   ASN A O   1 
ATOM   327  C  CB  . ASN A 1 52  ? -6.170  10.838  -6.173  1.00 3.93  ? 49   ASN A CB  1 
ATOM   328  C  CG  . ASN A 1 52  ? -6.110  9.495   -6.834  1.00 2.22  ? 49   ASN A CG  1 
ATOM   329  O  OD1 . ASN A 1 52  ? -5.919  8.477   -6.148  1.00 3.11  ? 49   ASN A OD1 1 
ATOM   330  N  ND2 . ASN A 1 52  ? -6.223  9.462   -8.161  1.00 3.71  ? 49   ASN A ND2 1 
ATOM   331  N  N   . PRO A 1 53  ? -5.248  10.368  -3.242  1.00 3.74  ? 50   PRO A N   1 
ATOM   332  C  CA  . PRO A 1 53  ? -4.910  9.527   -2.097  1.00 3.84  ? 50   PRO A CA  1 
ATOM   333  C  C   . PRO A 1 53  ? -4.999  8.024   -2.288  1.00 4.55  ? 50   PRO A C   1 
ATOM   334  O  O   . PRO A 1 53  ? -4.313  7.269   -1.582  1.00 4.84  ? 50   PRO A O   1 
ATOM   335  C  CB  . PRO A 1 53  ? -5.877  10.003  -1.006  1.00 3.97  ? 50   PRO A CB  1 
ATOM   336  C  CG  . PRO A 1 53  ? -6.179  11.438  -1.407  1.00 4.27  ? 50   PRO A CG  1 
ATOM   337  C  CD  . PRO A 1 53  ? -6.293  11.353  -2.904  1.00 2.86  ? 50   PRO A CD  1 
ATOM   338  N  N   . GLU A 1 54  ? -5.823  7.569   -3.224  1.00 3.59  ? 51   GLU A N   1 
ATOM   339  C  CA  . GLU A 1 54  ? -5.891  6.131   -3.502  1.00 4.08  ? 51   GLU A CA  1 
ATOM   340  C  C   . GLU A 1 54  ? -4.632  5.641   -4.199  1.00 3.60  ? 51   GLU A C   1 
ATOM   341  O  O   . GLU A 1 54  ? -4.124  4.564   -3.894  1.00 4.17  ? 51   GLU A O   1 
ATOM   342  C  CB  . GLU A 1 54  ? -7.160  5.778   -4.268  1.00 4.10  ? 51   GLU A CB  1 
ATOM   343  C  CG  . GLU A 1 54  ? -8.426  5.896   -3.449  1.00 4.58  ? 51   GLU A CG  1 
ATOM   344  C  CD  . GLU A 1 54  ? -8.735  7.311   -2.984  1.00 7.71  ? 51   GLU A CD  1 
ATOM   345  O  OE1 . GLU A 1 54  ? -8.637  8.268   -3.796  1.00 9.38  ? 51   GLU A OE1 1 
ATOM   346  O  OE2 . GLU A 1 54  ? -9.039  7.442   -1.781  1.00 9.10  ? 51   GLU A OE2 1 
ATOM   347  N  N   . GLN A 1 55  ? -4.132  6.429   -5.152  1.00 3.79  ? 52   GLN A N   1 
ATOM   348  C  CA  . GLN A 1 55  ? -2.879  6.108   -5.774  1.00 4.29  ? 52   GLN A CA  1 
ATOM   349  C  C   . GLN A 1 55  ? -1.730  6.155   -4.793  1.00 4.02  ? 52   GLN A C   1 
ATOM   350  O  O   . GLN A 1 55  ? -0.834  5.287   -4.855  1.00 4.70  ? 52   GLN A O   1 
ATOM   351  C  CB  . GLN A 1 55  ? -2.566  7.036   -6.926  1.00 4.30  ? 52   GLN A CB  1 
ATOM   352  C  CG  . GLN A 1 55  ? -3.440  6.765   -8.124  1.00 6.03  ? 52   GLN A CG  1 
ATOM   353  C  CD  . GLN A 1 55  ? -2.929  7.367   -9.415  1.00 7.30  ? 52   GLN A CD  1 
ATOM   354  O  OE1 . GLN A 1 55  ? -2.266  8.400   -9.435  1.00 5.79  ? 52   GLN A OE1 1 
ATOM   355  N  NE2 . GLN A 1 55  ? -3.230  6.691   -10.531 1.00 8.58  ? 52   GLN A NE2 1 
ATOM   356  N  N   . LEU A 1 56  ? -1.717  7.129   -3.883  1.00 4.13  ? 53   LEU A N   1 
ATOM   357  C  CA  . LEU A 1 56  ? -0.659  7.199   -2.895  1.00 4.42  ? 53   LEU A CA  1 
ATOM   358  C  C   . LEU A 1 56  ? -0.653  5.967   -2.004  1.00 4.38  ? 53   LEU A C   1 
ATOM   359  O  O   . LEU A 1 56  ? 0.394   5.417   -1.688  1.00 5.04  ? 53   LEU A O   1 
ATOM   360  C  CB  . LEU A 1 56  ? -0.786  8.493   -2.088  1.00 4.16  ? 53   LEU A CB  1 
ATOM   361  C  CG  . LEU A 1 56  ? -0.389  9.715   -2.925  1.00 3.44  ? 53   LEU A CG  1 
ATOM   362  C  CD1 . LEU A 1 56  ? -0.969  11.014  -2.405  1.00 4.42  ? 53   LEU A CD1 1 
ATOM   363  C  CD2 . LEU A 1 56  ? 1.169   9.825   -3.013  1.00 8.24  ? 53   LEU A CD2 1 
ATOM   364  N  N   . PHE A 1 57  ? -1.843  5.517   -1.611  1.00 3.68  ? 54   PHE A N   1 
ATOM   365  C  CA  . PHE A 1 57  ? -1.951  4.322   -0.780  1.00 3.71  ? 54   PHE A CA  1 
ATOM   366  C  C   . PHE A 1 57  ? -1.527  3.079   -1.556  1.00 4.49  ? 54   PHE A C   1 
ATOM   367  O  O   . PHE A 1 57  ? -0.852  2.213   -1.024  1.00 4.32  ? 54   PHE A O   1 
ATOM   368  C  CB  . PHE A 1 57  ? -3.343  4.199   -0.168  1.00 3.49  ? 54   PHE A CB  1 
ATOM   369  C  CG  . PHE A 1 57  ? -3.419  3.193   0.929   1.00 5.73  ? 54   PHE A CG  1 
ATOM   370  C  CD1 . PHE A 1 57  ? -2.724  3.386   2.119   1.00 9.22  ? 54   PHE A CD1 1 
ATOM   371  C  CD2 . PHE A 1 57  ? -4.156  2.077   0.789   1.00 7.27  ? 54   PHE A CD2 1 
ATOM   372  C  CE1 . PHE A 1 57  ? -2.796  2.480   3.126   1.00 10.18 ? 54   PHE A CE1 1 
ATOM   373  C  CE2 . PHE A 1 57  ? -4.238  1.132   1.807   1.00 8.13  ? 54   PHE A CE2 1 
ATOM   374  C  CZ  . PHE A 1 57  ? -3.558  1.334   2.967   1.00 7.42  ? 54   PHE A CZ  1 
ATOM   375  N  N   . ALA A 1 58  ? -1.948  2.971   -2.799  1.00 4.28  ? 55   ALA A N   1 
ATOM   376  C  CA  . ALA A 1 58  ? -1.564  1.836   -3.642  1.00 3.81  ? 55   ALA A CA  1 
ATOM   377  C  C   . ALA A 1 58  ? -0.045  1.759   -3.830  1.00 4.47  ? 55   ALA A C   1 
ATOM   378  O  O   . ALA A 1 58  ? 0.542   0.685   -3.730  1.00 3.78  ? 55   ALA A O   1 
ATOM   379  C  CB  . ALA A 1 58  ? -2.246  1.949   -5.007  1.00 4.52  ? 55   ALA A CB  1 
ATOM   380  N  N   . VAL A 1 59  ? 0.621   2.883   -4.093  1.00 3.34  ? 56   VAL A N   1 
ATOM   381  C  CA  A VAL A 1 59  ? 2.064   2.905   -4.267  0.50 3.24  ? 56   VAL A CA  1 
ATOM   382  C  CA  B VAL A 1 59  ? 2.076   2.824   -4.270  0.50 3.73  ? 56   VAL A CA  1 
ATOM   383  C  C   . VAL A 1 59  ? 2.755   2.512   -2.951  1.00 3.65  ? 56   VAL A C   1 
ATOM   384  O  O   . VAL A 1 59  ? 3.690   1.710   -2.897  1.00 4.44  ? 56   VAL A O   1 
ATOM   385  C  CB  A VAL A 1 59  ? 2.489   4.307   -4.768  0.50 3.55  ? 56   VAL A CB  1 
ATOM   386  C  CB  B VAL A 1 59  ? 2.721   4.068   -4.950  0.50 3.83  ? 56   VAL A CB  1 
ATOM   387  C  CG1 A VAL A 1 59  ? 3.994   4.500   -4.695  0.50 2.70  ? 56   VAL A CG1 1 
ATOM   388  C  CG1 B VAL A 1 59  ? 2.253   4.210   -6.388  0.50 4.33  ? 56   VAL A CG1 1 
ATOM   389  C  CG2 A VAL A 1 59  ? 1.973   4.549   -6.201  0.50 3.85  ? 56   VAL A CG2 1 
ATOM   390  C  CG2 B VAL A 1 59  ? 2.515   5.355   -4.142  0.50 6.53  ? 56   VAL A CG2 1 
ATOM   391  N  N   . GLY A 1 60  ? 2.272   3.095   -1.854  1.00 3.76  ? 57   GLY A N   1 
ATOM   392  C  CA  . GLY A 1 60  ? 2.892   2.820   -0.596  1.00 3.55  ? 57   GLY A CA  1 
ATOM   393  C  C   . GLY A 1 60  ? 2.735   1.370   -0.184  1.00 3.39  ? 57   GLY A C   1 
ATOM   394  O  O   . GLY A 1 60  ? 3.695   0.754   0.290   1.00 4.43  ? 57   GLY A O   1 
ATOM   395  N  N   . TYR A 1 61  ? 1.544   0.809   -0.358  1.00 3.15  ? 58   TYR A N   1 
ATOM   396  C  CA  . TYR A 1 61  ? 1.296   -0.558  0.080   1.00 2.94  ? 58   TYR A CA  1 
ATOM   397  C  C   . TYR A 1 61  ? 2.007   -1.543  -0.840  1.00 3.65  ? 58   TYR A C   1 
ATOM   398  O  O   . TYR A 1 61  ? 2.573   -2.549  -0.394  1.00 3.81  ? 58   TYR A O   1 
ATOM   399  C  CB  . TYR A 1 61  ? -0.213  -0.827  0.156   1.00 3.56  ? 58   TYR A CB  1 
ATOM   400  C  CG  . TYR A 1 61  ? -0.679  -1.932  1.108   1.00 3.37  ? 58   TYR A CG  1 
ATOM   401  C  CD1 . TYR A 1 61  ? -2.038  -2.028  1.469   1.00 5.43  ? 58   TYR A CD1 1 
ATOM   402  C  CD2 . TYR A 1 61  ? 0.197   -2.842  1.680   1.00 3.97  ? 58   TYR A CD2 1 
ATOM   403  C  CE1 . TYR A 1 61  ? -2.504  -3.010  2.332   1.00 5.50  ? 58   TYR A CE1 1 
ATOM   404  C  CE2 . TYR A 1 61  ? -0.256  -3.808  2.558   1.00 4.37  ? 58   TYR A CE2 1 
ATOM   405  C  CZ  . TYR A 1 61  ? -1.603  -3.909  2.875   1.00 4.12  ? 58   TYR A CZ  1 
ATOM   406  O  OH  . TYR A 1 61  ? -2.085  -4.879  3.732   1.00 4.58  ? 58   TYR A OH  1 
ATOM   407  N  N   . ALA A 1 62  ? 1.988   -1.287  -2.145  1.00 3.40  ? 59   ALA A N   1 
ATOM   408  C  CA  . ALA A 1 62  ? 2.717   -2.179  -3.082  1.00 3.52  ? 59   ALA A CA  1 
ATOM   409  C  C   . ALA A 1 62  ? 4.198   -2.283  -2.673  1.00 3.53  ? 59   ALA A C   1 
ATOM   410  O  O   . ALA A 1 62  ? 4.741   -3.377  -2.532  1.00 4.53  ? 59   ALA A O   1 
ATOM   411  C  CB  . ALA A 1 62  ? 2.599   -1.724  -4.516  1.00 4.06  ? 59   ALA A CB  1 
ATOM   412  N  N   . ALA A 1 63  ? 4.821   -1.129  -2.452  1.00 4.18  ? 60   ALA A N   1 
ATOM   413  C  CA  . ALA A 1 63  ? 6.213   -1.118  -2.050  1.00 4.37  ? 60   ALA A CA  1 
ATOM   414  C  C   . ALA A 1 63  ? 6.431   -1.747  -0.678  1.00 4.38  ? 60   ALA A C   1 
ATOM   415  O  O   . ALA A 1 63  ? 7.358   -2.573  -0.481  1.00 3.81  ? 60   ALA A O   1 
ATOM   416  C  CB  . ALA A 1 63  ? 6.796   0.306   -2.105  1.00 5.05  ? 60   ALA A CB  1 
ATOM   417  N  N   . CYS A 1 64  ? 5.566   -1.412  0.274   1.00 3.56  ? 61   CYS A N   1 
ATOM   418  C  CA  . CYS A 1 64  ? 5.764   -1.902  1.643   1.00 4.25  ? 61   CYS A CA  1 
ATOM   419  C  C   . CYS A 1 64  ? 5.495   -3.402  1.735   1.00 3.15  ? 61   CYS A C   1 
ATOM   420  O  O   . CYS A 1 64  ? 6.071   -4.076  2.550   1.00 3.11  ? 61   CYS A O   1 
ATOM   421  C  CB  . CYS A 1 64  ? 4.910   -1.141  2.619   1.00 3.22  ? 61   CYS A CB  1 
ATOM   422  S  SG  . CYS A 1 64  ? 5.473   -1.257  4.336   1.00 5.31  ? 61   CYS A SG  1 
ATOM   423  N  N   . PHE A 1 65  ? 4.582   -3.911  0.932   1.00 3.21  ? 62   PHE A N   1 
ATOM   424  C  CA  . PHE A 1 65  ? 4.268   -5.335  0.971   1.00 3.69  ? 62   PHE A CA  1 
ATOM   425  C  C   . PHE A 1 65  ? 5.302   -6.152  0.207   1.00 3.67  ? 62   PHE A C   1 
ATOM   426  O  O   . PHE A 1 65  ? 5.738   -7.199  0.658   1.00 3.94  ? 62   PHE A O   1 
ATOM   427  C  CB  . PHE A 1 65  ? 2.852   -5.646  0.470   1.00 4.40  ? 62   PHE A CB  1 
ATOM   428  C  CG  . PHE A 1 65  ? 2.359   -7.001  0.908   1.00 2.87  ? 62   PHE A CG  1 
ATOM   429  C  CD1 . PHE A 1 65  ? 2.094   -7.237  2.247   1.00 5.67  ? 62   PHE A CD1 1 
ATOM   430  C  CD2 . PHE A 1 65  ? 2.188   -8.048  -0.004  1.00 3.23  ? 62   PHE A CD2 1 
ATOM   431  C  CE1 . PHE A 1 65  ? 1.675   -8.469  2.683   1.00 6.46  ? 62   PHE A CE1 1 
ATOM   432  C  CE2 . PHE A 1 65  ? 1.794   -9.303  0.413   1.00 5.10  ? 62   PHE A CE2 1 
ATOM   433  C  CZ  . PHE A 1 65  ? 1.518   -9.523  1.765   1.00 6.27  ? 62   PHE A CZ  1 
ATOM   434  N  N   . SER A 1 66  ? 5.733   -5.643  -0.947  1.00 3.42  ? 63   SER A N   1 
ATOM   435  C  CA  . SER A 1 66  ? 6.882   -6.220  -1.613  1.00 3.14  ? 63   SER A CA  1 
ATOM   436  C  C   . SER A 1 66  ? 8.066   -6.306  -0.650  1.00 3.69  ? 63   SER A C   1 
ATOM   437  O  O   . SER A 1 66  ? 8.758   -7.335  -0.562  1.00 3.42  ? 63   SER A O   1 
ATOM   438  C  CB  . SER A 1 66  ? 7.235   -5.379  -2.847  1.00 4.23  ? 63   SER A CB  1 
ATOM   439  O  OG  . SER A 1 66  ? 8.441   -5.824  -3.486  1.00 4.02  ? 63   SER A OG  1 
ATOM   440  N  N   . ASN A 1 67  ? 8.281   -5.247  0.129   1.00 3.30  ? 64   ASN A N   1 
ATOM   441  C  CA  . ASN A 1 67  ? 9.384   -5.234  1.053   1.00 3.10  ? 64   ASN A CA  1 
ATOM   442  C  C   . ASN A 1 67  ? 9.192   -6.259  2.163   1.00 2.86  ? 64   ASN A C   1 
ATOM   443  O  O   . ASN A 1 67  ? 10.149  -6.928  2.598   1.00 3.87  ? 64   ASN A O   1 
ATOM   444  C  CB  . ASN A 1 67  ? 9.642   -3.852  1.623   1.00 3.23  ? 64   ASN A CB  1 
ATOM   445  C  CG  . ASN A 1 67  ? 11.010  -3.779  2.219   1.00 3.00  ? 64   ASN A CG  1 
ATOM   446  O  OD1 . ASN A 1 67  ? 11.193  -3.892  3.478   1.00 7.21  ? 64   ASN A OD1 1 
ATOM   447  N  ND2 . ASN A 1 67  ? 12.002  -3.699  1.372   1.00 2.00  ? 64   ASN A ND2 1 
ATOM   448  N  N   . ALA A 1 68  ? 7.951   -6.395  2.650   1.00 3.14  ? 65   ALA A N   1 
ATOM   449  C  CA  . ALA A 1 68  ? 7.678   -7.406  3.672   1.00 3.57  ? 65   ALA A CA  1 
ATOM   450  C  C   . ALA A 1 68  ? 8.053   -8.813  3.212   1.00 3.68  ? 65   ALA A C   1 
ATOM   451  O  O   . ALA A 1 68  ? 8.613   -9.614  3.968   1.00 4.03  ? 65   ALA A O   1 
ATOM   452  C  CB  . ALA A 1 68  ? 6.187   -7.375  4.115   1.00 4.06  ? 65   ALA A CB  1 
ATOM   453  N  N   . ILE A 1 69  ? 7.686   -9.153  1.979   1.00 3.35  ? 66   ILE A N   1 
ATOM   454  C  CA  . ILE A 1 69  ? 8.056   -10.437 1.379   1.00 3.57  ? 66   ILE A CA  1 
ATOM   455  C  C   . ILE A 1 69  ? 9.561   -10.600 1.364   1.00 3.67  ? 66   ILE A C   1 
ATOM   456  O  O   . ILE A 1 69  ? 10.102  -11.639 1.778   1.00 4.10  ? 66   ILE A O   1 
ATOM   457  C  CB  . ILE A 1 69  ? 7.429   -10.603 -0.019  1.00 3.81  ? 66   ILE A CB  1 
ATOM   458  C  CG1 . ILE A 1 69  ? 5.907   -10.641 0.089   1.00 4.17  ? 66   ILE A CG1 1 
ATOM   459  C  CG2 . ILE A 1 69  ? 7.997   -11.842 -0.682  1.00 5.10  ? 66   ILE A CG2 1 
ATOM   460  C  CD1 . ILE A 1 69  ? 5.196   -10.528 -1.248  1.00 5.36  ? 66   ILE A CD1 1 
ATOM   461  N  N   . LEU A 1 70  ? 10.257  -9.587  0.871   1.00 3.88  ? 67   LEU A N   1 
ATOM   462  C  CA  . LEU A 1 70  ? 11.750  -9.630  0.805   1.00 4.23  ? 67   LEU A CA  1 
ATOM   463  C  C   . LEU A 1 70  ? 12.358  -9.804  2.201   1.00 4.67  ? 67   LEU A C   1 
ATOM   464  O  O   . LEU A 1 70  ? 13.321  -10.559 2.379   1.00 5.48  ? 67   LEU A O   1 
ATOM   465  C  CB  . LEU A 1 70  ? 12.283  -8.392  0.079   1.00 4.90  ? 67   LEU A CB  1 
ATOM   466  C  CG  . LEU A 1 70  ? 11.928  -8.280  -1.393  1.00 4.88  ? 67   LEU A CG  1 
ATOM   467  C  CD1 . LEU A 1 70  ? 12.349  -6.931  -1.966  1.00 8.71  ? 67   LEU A CD1 1 
ATOM   468  C  CD2 . LEU A 1 70  ? 12.523  -9.408  -2.224  1.00 7.08  ? 67   LEU A CD2 1 
ATOM   469  N  N   . HIS A 1 71  ? 11.783  -9.131  3.184   1.00 3.87  ? 68   HIS A N   1 
ATOM   470  C  CA  . HIS A 1 71  ? 12.250  -9.181  4.552   1.00 4.81  ? 68   HIS A CA  1 
ATOM   471  C  C   . HIS A 1 71  ? 12.046  -10.574 5.143   1.00 5.01  ? 68   HIS A C   1 
ATOM   472  O  O   . HIS A 1 71  ? 12.965  -11.178 5.742   1.00 4.94  ? 68   HIS A O   1 
ATOM   473  C  CB  . HIS A 1 71  ? 11.478  -8.105  5.339   1.00 4.39  ? 68   HIS A CB  1 
ATOM   474  C  CG  . HIS A 1 71  ? 11.781  -8.070  6.805   1.00 5.34  ? 68   HIS A CG  1 
ATOM   475  N  ND1 . HIS A 1 71  ? 12.617  -7.137  7.380   1.00 7.85  ? 68   HIS A ND1 1 
ATOM   476  C  CD2 . HIS A 1 71  ? 11.362  -8.869  7.810   1.00 5.19  ? 68   HIS A CD2 1 
ATOM   477  C  CE1 . HIS A 1 71  ? 12.693  -7.365  8.683   1.00 7.81  ? 68   HIS A CE1 1 
ATOM   478  N  NE2 . HIS A 1 71  ? 11.936  -8.404  8.975   1.00 6.81  ? 68   HIS A NE2 1 
ATOM   479  N  N   . VAL A 1 72  ? 10.845  -11.109 4.997   1.00 4.56  ? 69   VAL A N   1 
ATOM   480  C  CA  . VAL A 1 72  ? 10.536  -12.426 5.562   1.00 5.10  ? 69   VAL A CA  1 
ATOM   481  C  C   . VAL A 1 72  ? 11.374  -13.499 4.874   1.00 5.61  ? 69   VAL A C   1 
ATOM   482  O  O   . VAL A 1 72  ? 11.875  -14.430 5.540   1.00 6.13  ? 69   VAL A O   1 
ATOM   483  C  CB  . VAL A 1 72  ? 9.021   -12.750 5.465   1.00 5.33  ? 69   VAL A CB  1 
ATOM   484  C  CG1 . VAL A 1 72  ? 8.750   -14.240 5.736   1.00 7.45  ? 69   VAL A CG1 1 
ATOM   485  C  CG2 . VAL A 1 72  ? 8.206   -11.872 6.384   1.00 5.73  ? 69   VAL A CG2 1 
ATOM   486  N  N   . ALA A 1 73  ? 11.563  -13.380 3.561   1.00 5.13  ? 70   ALA A N   1 
ATOM   487  C  CA  . ALA A 1 73  ? 12.373  -14.341 2.837   1.00 5.43  ? 70   ALA A CA  1 
ATOM   488  C  C   . ALA A 1 73  ? 13.823  -14.294 3.317   1.00 6.42  ? 70   ALA A C   1 
ATOM   489  O  O   . ALA A 1 73  ? 14.441  -15.358 3.595   1.00 7.48  ? 70   ALA A O   1 
ATOM   490  C  CB  . ALA A 1 73  ? 12.291  -14.092 1.336   1.00 6.71  ? 70   ALA A CB  1 
ATOM   491  N  N   . ARG A 1 74  ? 14.377  -13.098 3.445   1.00 7.00  ? 71   ARG A N   1 
ATOM   492  C  CA  . ARG A 1 74  ? 15.782  -12.955 3.893   1.00 7.89  ? 71   ARG A CA  1 
ATOM   493  C  C   . ARG A 1 74  ? 15.945  -13.607 5.252   1.00 8.61  ? 71   ARG A C   1 
ATOM   494  O  O   . ARG A 1 74  ? 16.910  -14.363 5.486   1.00 8.32  ? 71   ARG A O   1 
ATOM   495  C  CB  . ARG A 1 74  ? 16.200  -11.490 3.924   1.00 7.78  ? 71   ARG A CB  1 
ATOM   496  C  CG  . ARG A 1 74  ? 17.608  -11.228 4.431   1.00 8.77  ? 71   ARG A CG  1 
ATOM   497  C  CD  . ARG A 1 74  ? 17.889  -9.742  4.507   1.00 10.82 ? 71   ARG A CD  1 
ATOM   498  N  NE  . ARG A 1 74  ? 16.927  -9.033  5.353   1.00 9.98  ? 71   ARG A NE  1 
ATOM   499  C  CZ  . ARG A 1 74  ? 16.846  -9.105  6.682   1.00 13.15 ? 71   ARG A CZ  1 
ATOM   500  N  NH1 . ARG A 1 74  ? 17.681  -9.848  7.405   1.00 13.22 ? 71   ARG A NH1 1 
ATOM   501  N  NH2 . ARG A 1 74  ? 15.903  -8.418  7.310   1.00 13.05 ? 71   ARG A NH2 1 
ATOM   502  N  N   . GLU A 1 75  ? 15.013  -13.340 6.161   1.00 8.81  ? 72   GLU A N   1 
ATOM   503  C  CA  . GLU A 1 75  ? 15.089  -13.927 7.495   1.00 9.73  ? 72   GLU A CA  1 
ATOM   504  C  C   . GLU A 1 75  ? 14.938  -15.443 7.517   1.00 10.18 ? 72   GLU A C   1 
ATOM   505  O  O   . GLU A 1 75  ? 15.500  -16.108 8.390   1.00 10.07 ? 72   GLU A O   1 
ATOM   506  C  CB  . GLU A 1 75  ? 14.120  -13.243 8.460   1.00 10.58 ? 72   GLU A CB  1 
ATOM   507  C  CG  . GLU A 1 75  ? 14.517  -11.815 8.706   1.00 13.39 ? 72   GLU A CG  1 
ATOM   508  C  CD  . GLU A 1 75  ? 13.851  -11.209 9.911   1.00 19.49 ? 72   GLU A CD  1 
ATOM   509  O  OE1 . GLU A 1 75  ? 12.697  -11.610 10.200  1.00 22.15 ? 72   GLU A OE1 1 
ATOM   510  O  OE2 . GLU A 1 75  ? 14.469  -10.321 10.552  1.00 21.10 ? 72   GLU A OE2 1 
ATOM   511  N  N   . ALA A 1 76  ? 14.239  -15.996 6.540   1.00 9.74  ? 73   ALA A N   1 
ATOM   512  C  CA  . ALA A 1 76  ? 14.051  -17.436 6.382   1.00 10.05 ? 73   ALA A CA  1 
ATOM   513  C  C   . ALA A 1 76  ? 15.160  -18.081 5.551   1.00 10.26 ? 73   ALA A C   1 
ATOM   514  O  O   . ALA A 1 76  ? 15.096  -19.289 5.258   1.00 10.88 ? 73   ALA A O   1 
ATOM   515  C  CB  . ALA A 1 76  ? 12.720  -17.718 5.725   1.00 10.22 ? 73   ALA A CB  1 
ATOM   516  N  N   . LYS A 1 77  ? 16.155  -17.274 5.183   1.00 9.86  ? 74   LYS A N   1 
ATOM   517  C  CA  . LYS A 1 77  ? 17.310  -17.703 4.380   1.00 10.09 ? 74   LYS A CA  1 
ATOM   518  C  C   . LYS A 1 77  ? 16.893  -18.220 3.009   1.00 10.35 ? 74   LYS A C   1 
ATOM   519  O  O   . LYS A 1 77  ? 17.485  -19.153 2.447   1.00 10.72 ? 74   LYS A O   1 
ATOM   520  C  CB  . LYS A 1 77  ? 18.189  -18.711 5.144   1.00 10.23 ? 74   LYS A CB  1 
ATOM   521  C  CG  . LYS A 1 77  ? 18.571  -18.250 6.531   1.00 11.49 ? 74   LYS A CG  1 
ATOM   522  C  CD  . LYS A 1 77  ? 19.496  -17.051 6.511   0.50 12.88 ? 74   LYS A CD  1 
ATOM   523  C  CE  . LYS A 1 77  ? 19.951  -16.698 7.912   0.50 14.91 ? 74   LYS A CE  1 
ATOM   524  N  NZ  . LYS A 1 77  ? 21.063  -15.713 7.891   0.50 15.06 ? 74   LYS A NZ  1 
ATOM   525  N  N   . VAL A 1 78  ? 15.873  -17.573 2.470   1.00 10.52 ? 75   VAL A N   1 
ATOM   526  C  CA  . VAL A 1 78  ? 15.386  -17.844 1.136   1.00 11.20 ? 75   VAL A CA  1 
ATOM   527  C  C   . VAL A 1 78  ? 15.833  -16.684 0.233   1.00 11.51 ? 75   VAL A C   1 
ATOM   528  O  O   . VAL A 1 78  ? 15.545  -15.530 0.499   1.00 13.76 ? 75   VAL A O   1 
ATOM   529  C  CB  . VAL A 1 78  ? 13.856  -17.993 1.140   1.00 11.32 ? 75   VAL A CB  1 
ATOM   530  C  CG1 . VAL A 1 78  ? 13.352  -18.263 -0.271  1.00 12.25 ? 75   VAL A CG1 1 
ATOM   531  C  CG2 . VAL A 1 78  ? 13.390  -19.110 2.114   1.00 11.55 ? 75   VAL A CG2 1 
ATOM   532  N  N   . ALA A 1 79  ? 16.612  -17.004 -0.799  1.00 11.32 ? 76   ALA A N   1 
ATOM   533  C  CA  . ALA A 1 79  ? 17.181  -15.998 -1.683  1.00 10.73 ? 76   ALA A CA  1 
ATOM   534  C  C   . ALA A 1 79  ? 16.170  -15.596 -2.742  1.00 10.37 ? 76   ALA A C   1 
ATOM   535  O  O   . ALA A 1 79  ? 15.821  -16.438 -3.609  1.00 12.30 ? 76   ALA A O   1 
ATOM   536  C  CB  . ALA A 1 79  ? 18.468  -16.547 -2.371  1.00 10.59 ? 76   ALA A CB  1 
ATOM   537  N  N   . LEU A 1 80  ? 15.702  -14.344 -2.695  1.00 10.34 ? 77   LEU A N   1 
ATOM   538  C  CA  . LEU A 1 80  ? 14.778  -13.808 -3.749  1.00 8.09  ? 77   LEU A CA  1 
ATOM   539  C  C   . LEU A 1 80  ? 15.417  -12.661 -4.516  1.00 8.29  ? 77   LEU A C   1 
ATOM   540  O  O   . LEU A 1 80  ? 16.041  -11.782 -3.895  1.00 10.29 ? 77   LEU A O   1 
ATOM   541  C  CB  . LEU A 1 80  ? 13.435  -13.316 -3.192  1.00 7.24  ? 77   LEU A CB  1 
ATOM   542  C  CG  . LEU A 1 80  ? 12.551  -14.284 -2.401  1.00 7.35  ? 77   LEU A CG  1 
ATOM   543  C  CD1 . LEU A 1 80  ? 11.281  -13.549 -2.029  1.00 7.93  ? 77   LEU A CD1 1 
ATOM   544  C  CD2 . LEU A 1 80  ? 12.260  -15.561 -3.208  1.00 6.28  ? 77   LEU A CD2 1 
ATOM   545  N  N   . LYS A 1 81  ? 15.245  -12.643 -5.830  1.00 6.92  ? 78   LYS A N   1 
ATOM   546  C  CA  . LYS A 1 81  ? 15.752  -11.557 -6.672  1.00 7.23  ? 78   LYS A CA  1 
ATOM   547  C  C   . LYS A 1 81  ? 14.797  -10.361 -6.757  1.00 7.32  ? 78   LYS A C   1 
ATOM   548  O  O   . LYS A 1 81  ? 15.220  -9.221  -7.008  1.00 7.14  ? 78   LYS A O   1 
ATOM   549  C  CB  . LYS A 1 81  ? 15.976  -12.086 -8.093  1.00 8.10  ? 78   LYS A CB  1 
ATOM   550  C  CG  . LYS A 1 81  ? 17.063  -13.173 -8.211  1.00 12.66 ? 78   LYS A CG  1 
ATOM   551  C  CD  . LYS A 1 81  ? 17.765  -13.156 -9.561  0.50 14.66 ? 78   LYS A CD  1 
ATOM   552  C  CE  . LYS A 1 81  ? 18.949  -14.113 -9.594  0.50 16.36 ? 78   LYS A CE  1 
ATOM   553  N  NZ  . LYS A 1 81  ? 19.580  -14.204 -10.962 0.50 17.48 ? 78   LYS A NZ  1 
ATOM   554  N  N   . GLU A 1 82  ? 13.509  -10.630 -6.570  1.00 6.29  ? 79   GLU A N   1 
ATOM   555  C  CA  . GLU A 1 82  ? 12.457  -9.617  -6.729  1.00 6.34  ? 79   GLU A CA  1 
ATOM   556  C  C   . GLU A 1 82  ? 11.181  -10.209 -6.136  1.00 6.11  ? 79   GLU A C   1 
ATOM   557  O  O   . GLU A 1 82  ? 11.067  -11.403 -5.981  1.00 6.07  ? 79   GLU A O   1 
ATOM   558  C  CB  . GLU A 1 82  ? 12.226  -9.221  -8.205  1.00 7.27  ? 79   GLU A CB  1 
ATOM   559  C  CG  . GLU A 1 82  ? 11.902  -10.382 -9.165  1.00 7.08  ? 79   GLU A CG  1 
ATOM   560  C  CD  . GLU A 1 82  ? 12.056  -10.002 -10.648 1.00 11.01 ? 79   GLU A CD  1 
ATOM   561  O  OE1 . GLU A 1 82  ? 12.114  -8.783  -10.932 1.00 15.15 ? 79   GLU A OE1 1 
ATOM   562  O  OE2 . GLU A 1 82  ? 12.130  -10.925 -11.534 1.00 12.31 ? 79   GLU A OE2 1 
ATOM   563  N  N   . ALA A 1 83  ? 10.223  -9.356  -5.819  1.00 4.69  ? 80   ALA A N   1 
ATOM   564  C  CA  . ALA A 1 83  ? 8.955   -9.793  -5.250  1.00 4.60  ? 80   ALA A CA  1 
ATOM   565  C  C   . ALA A 1 83  ? 7.868   -8.842  -5.755  1.00 3.56  ? 80   ALA A C   1 
ATOM   566  O  O   . ALA A 1 83  ? 7.478   -7.875  -5.063  1.00 4.80  ? 80   ALA A O   1 
ATOM   567  C  CB  . ALA A 1 83  ? 9.002   -9.798  -3.707  1.00 5.79  ? 80   ALA A CB  1 
ATOM   568  N  N   . PRO A 1 84  ? 7.406   -9.060  -6.995  1.00 3.79  ? 81   PRO A N   1 
ATOM   569  C  CA  . PRO A 1 84  ? 6.395   -8.162  -7.584  1.00 3.16  ? 81   PRO A CA  1 
ATOM   570  C  C   . PRO A 1 84  ? 5.082   -8.217  -6.817  1.00 3.45  ? 81   PRO A C   1 
ATOM   571  O  O   . PRO A 1 84  ? 4.518   -9.305  -6.622  1.00 3.11  ? 81   PRO A O   1 
ATOM   572  C  CB  . PRO A 1 84  ? 6.236   -8.697  -9.028  1.00 3.71  ? 81   PRO A CB  1 
ATOM   573  C  CG  . PRO A 1 84  ? 7.517   -9.485  -9.287  1.00 4.48  ? 81   PRO A CG  1 
ATOM   574  C  CD  . PRO A 1 84  ? 7.874   -10.089 -7.961  1.00 3.02  ? 81   PRO A CD  1 
ATOM   575  N  N   . VAL A 1 85  ? 4.607   -7.046  -6.388  1.00 3.31  ? 82   VAL A N   1 
ATOM   576  C  CA  . VAL A 1 85  ? 3.303   -6.909  -5.776  1.00 2.78  ? 82   VAL A CA  1 
ATOM   577  C  C   . VAL A 1 85  ? 2.545   -5.817  -6.493  1.00 3.64  ? 82   VAL A C   1 
ATOM   578  O  O   . VAL A 1 85  ? 3.086   -4.713  -6.697  1.00 3.28  ? 82   VAL A O   1 
ATOM   579  C  CB  . VAL A 1 85  ? 3.427   -6.504  -4.298  1.00 2.12  ? 82   VAL A CB  1 
ATOM   580  C  CG1 . VAL A 1 85  ? 2.044   -6.190  -3.731  1.00 3.56  ? 82   VAL A CG1 1 
ATOM   581  C  CG2 . VAL A 1 85  ? 4.138   -7.632  -3.523  1.00 4.38  ? 82   VAL A CG2 1 
ATOM   582  N  N   . THR A 1 86  ? 1.319   -6.126  -6.914  1.00 2.86  ? 83   THR A N   1 
ATOM   583  C  CA  . THR A 1 86  ? 0.430   -5.140  -7.491  1.00 3.28  ? 83   THR A CA  1 
ATOM   584  C  C   . THR A 1 86  ? -0.683  -4.930  -6.475  1.00 3.86  ? 83   THR A C   1 
ATOM   585  O  O   . THR A 1 86  ? -1.441  -5.849  -6.157  1.00 4.59  ? 83   THR A O   1 
ATOM   586  C  CB  . THR A 1 86  ? -0.151  -5.617  -8.836  1.00 3.11  ? 83   THR A CB  1 
ATOM   587  O  OG1 . THR A 1 86  ? 0.916   -5.782  -9.766  1.00 4.81  ? 83   THR A OG1 1 
ATOM   588  C  CG2 . THR A 1 86  ? -1.149  -4.559  -9.374  1.00 4.12  ? 83   THR A CG2 1 
ATOM   589  N  N   . ALA A 1 87  ? -0.773  -3.709  -5.946  1.00 3.89  ? 84   ALA A N   1 
ATOM   590  C  CA  . ALA A 1 87  ? -1.835  -3.320  -5.036  1.00 3.27  ? 84   ALA A CA  1 
ATOM   591  C  C   . ALA A 1 87  ? -2.887  -2.577  -5.802  1.00 4.23  ? 84   ALA A C   1 
ATOM   592  O  O   . ALA A 1 87  ? -2.594  -1.615  -6.495  1.00 4.67  ? 84   ALA A O   1 
ATOM   593  C  CB  . ALA A 1 87  ? -1.276  -2.426  -3.909  1.00 4.45  ? 84   ALA A CB  1 
ATOM   594  N  N   . THR A 1 88  ? -4.121  -3.014  -5.637  1.00 3.64  ? 85   THR A N   1 
ATOM   595  C  CA  . THR A 1 88  ? -5.279  -2.396  -6.261  1.00 3.61  ? 85   THR A CA  1 
ATOM   596  C  C   . THR A 1 88  ? -6.142  -1.808  -5.140  1.00 3.57  ? 85   THR A C   1 
ATOM   597  O  O   . THR A 1 88  ? -6.598  -2.540  -4.292  1.00 4.50  ? 85   THR A O   1 
ATOM   598  C  CB  . THR A 1 88  ? -6.097  -3.404  -7.081  1.00 4.62  ? 85   THR A CB  1 
ATOM   599  O  OG1 . THR A 1 88  ? -5.293  -3.907  -8.163  1.00 6.21  ? 85   THR A OG1 1 
ATOM   600  C  CG2 . THR A 1 88  ? -7.319  -2.735  -7.704  1.00 5.73  ? 85   THR A CG2 1 
ATOM   601  N  N   . VAL A 1 89  ? -6.307  -0.494  -5.161  1.00 3.59  ? 86   VAL A N   1 
ATOM   602  C  CA  . VAL A 1 89  ? -6.999  0.251   -4.136  1.00 3.79  ? 86   VAL A CA  1 
ATOM   603  C  C   . VAL A 1 89  ? -8.230  0.913   -4.745  1.00 4.02  ? 86   VAL A C   1 
ATOM   604  O  O   . VAL A 1 89  ? -8.123  1.663   -5.729  1.00 4.55  ? 86   VAL A O   1 
ATOM   605  C  CB  . VAL A 1 89  ? -6.071  1.310   -3.475  1.00 4.35  ? 86   VAL A CB  1 
ATOM   606  C  CG1 . VAL A 1 89  ? -6.816  2.140   -2.465  1.00 3.43  ? 86   VAL A CG1 1 
ATOM   607  C  CG2 . VAL A 1 89  ? -4.876  0.615   -2.835  1.00 3.35  ? 86   VAL A CG2 1 
ATOM   608  N  N   . GLY A 1 90  ? -9.382  0.702   -4.130  1.00 4.46  ? 87   GLY A N   1 
ATOM   609  C  CA  . GLY A 1 90  ? -10.591 1.399   -4.520  1.00 4.44  ? 87   GLY A CA  1 
ATOM   610  C  C   . GLY A 1 90  ? -11.184 2.181   -3.393  1.00 4.88  ? 87   GLY A C   1 
ATOM   611  O  O   . GLY A 1 90  ? -10.900 1.931   -2.198  1.00 6.18  ? 87   GLY A O   1 
ATOM   612  N  N   . ILE A 1 91  ? -12.005 3.151   -3.767  1.00 5.56  ? 88   ILE A N   1 
ATOM   613  C  CA  . ILE A 1 91  ? -12.761 3.962   -2.806  1.00 5.82  ? 88   ILE A CA  1 
ATOM   614  C  C   . ILE A 1 91  ? -14.225 3.919   -3.193  1.00 5.52  ? 88   ILE A C   1 
ATOM   615  O  O   . ILE A 1 91  ? -14.567 3.982   -4.358  1.00 4.29  ? 88   ILE A O   1 
ATOM   616  C  CB  . ILE A 1 91  ? -12.221 5.425   -2.711  1.00 6.16  ? 88   ILE A CB  1 
ATOM   617  C  CG1 . ILE A 1 91  ? -13.015 6.236   -1.681  1.00 7.01  ? 88   ILE A CG1 1 
ATOM   618  C  CG2 . ILE A 1 91  ? -12.191 6.110   -4.060  1.00 5.87  ? 88   ILE A CG2 1 
ATOM   619  C  CD1 . ILE A 1 91  ? -12.411 7.599   -1.338  1.00 9.20  ? 88   ILE A CD1 1 
ATOM   620  N  N   . GLY A 1 92  ? -15.096 3.875   -2.189  1.00 5.77  ? 89   GLY A N   1 
ATOM   621  C  CA  . GLY A 1 92  ? -16.500 4.077   -2.393  1.00 6.82  ? 89   GLY A CA  1 
ATOM   622  C  C   . GLY A 1 92  ? -17.197 4.464   -1.107  1.00 6.35  ? 89   GLY A C   1 
ATOM   623  O  O   . GLY A 1 92  ? -16.602 4.435   -0.024  1.00 6.53  ? 89   GLY A O   1 
ATOM   624  N  N   . PRO A 1 93  ? -18.475 4.822   -1.216  1.00 7.08  ? 90   PRO A N   1 
ATOM   625  C  CA  . PRO A 1 93  ? -19.264 5.158   -0.049  1.00 7.67  ? 90   PRO A CA  1 
ATOM   626  C  C   . PRO A 1 93  ? -19.436 3.982   0.874   1.00 7.87  ? 90   PRO A C   1 
ATOM   627  O  O   . PRO A 1 93  ? -19.543 2.842   0.418   1.00 10.66 ? 90   PRO A O   1 
ATOM   628  C  CB  . PRO A 1 93  ? -20.613 5.588   -0.640  1.00 7.43  ? 90   PRO A CB  1 
ATOM   629  C  CG  . PRO A 1 93  ? -20.699 4.886   -1.914  1.00 8.93  ? 90   PRO A CG  1 
ATOM   630  C  CD  . PRO A 1 93  ? -19.293 4.750   -2.431  1.00 7.84  ? 90   PRO A CD  1 
ATOM   631  N  N   . ASN A 1 94  ? -19.466 4.231   2.180   1.00 8.00  ? 91   ASN A N   1 
ATOM   632  C  CA  . ASN A 1 94  ? -19.672 3.142   3.139   1.00 8.75  ? 91   ASN A CA  1 
ATOM   633  C  C   . ASN A 1 94  ? -21.094 3.018   3.647   1.00 10.14 ? 91   ASN A C   1 
ATOM   634  O  O   . ASN A 1 94  ? -21.362 2.148   4.473   1.00 11.52 ? 91   ASN A O   1 
ATOM   635  C  CB  . ASN A 1 94  ? -18.670 3.229   4.302   1.00 8.84  ? 91   ASN A CB  1 
ATOM   636  C  CG  . ASN A 1 94  ? -18.866 4.457   5.181   1.00 8.87  ? 91   ASN A CG  1 
ATOM   637  O  OD1 . ASN A 1 94  ? -19.838 5.203   5.021   1.00 6.66  ? 91   ASN A OD1 1 
ATOM   638  N  ND2 . ASN A 1 94  ? -17.945 4.668   6.113   1.00 9.97  ? 91   ASN A ND2 1 
ATOM   639  N  N   . GLY A 1 95  ? -22.005 3.864   3.173   1.00 10.04 ? 92   GLY A N   1 
ATOM   640  C  CA  . GLY A 1 95  ? -23.415 3.773   3.611   1.00 11.82 ? 92   GLY A CA  1 
ATOM   641  C  C   . GLY A 1 95  ? -23.642 4.340   4.999   1.00 12.76 ? 92   GLY A C   1 
ATOM   642  O  O   . GLY A 1 95  ? -24.769 4.269   5.525   1.00 14.06 ? 92   GLY A O   1 
ATOM   643  N  N   . GLN A 1 96  ? -22.586 4.872   5.604   1.00 13.35 ? 93   GLN A N   1 
ATOM   644  C  CA  . GLN A 1 96  ? -22.629 5.508   6.925   1.00 14.39 ? 93   GLN A CA  1 
ATOM   645  C  C   . GLN A 1 96  ? -22.155 6.954   6.833   1.00 14.37 ? 93   GLN A C   1 
ATOM   646  O  O   . GLN A 1 96  ? -21.573 7.485   7.793   1.00 17.76 ? 93   GLN A O   1 
ATOM   647  C  CB  . GLN A 1 96  ? -21.694 4.767   7.878   1.00 14.20 ? 93   GLN A CB  1 
ATOM   648  C  CG  . GLN A 1 96  ? -22.084 3.338   8.133   1.00 17.39 ? 93   GLN A CG  1 
ATOM   649  C  CD  . GLN A 1 96  ? -21.739 2.924   9.543   0.50 19.00 ? 93   GLN A CD  1 
ATOM   650  O  OE1 . GLN A 1 96  ? -20.563 2.831   9.896   0.50 21.09 ? 93   GLN A OE1 1 
ATOM   651  N  NE2 . GLN A 1 96  ? -22.759 2.691   10.366  0.50 21.26 ? 93   GLN A NE2 1 
ATOM   652  N  N   . GLY A 1 97  ? -22.331 7.573   5.671   1.00 12.39 ? 94   GLY A N   1 
ATOM   653  C  CA  . GLY A 1 97  ? -21.953 8.976   5.503   1.00 11.66 ? 94   GLY A CA  1 
ATOM   654  C  C   . GLY A 1 97  ? -20.484 9.248   5.222   1.00 9.70  ? 94   GLY A C   1 
ATOM   655  O  O   . GLY A 1 97  ? -20.063 10.401  5.174   1.00 9.64  ? 94   GLY A O   1 
ATOM   656  N  N   . GLY A 1 98  ? -19.703 8.195   5.046   1.00 8.17  ? 95   GLY A N   1 
ATOM   657  C  CA  . GLY A 1 98  ? -18.293 8.350   4.739   1.00 6.71  ? 95   GLY A CA  1 
ATOM   658  C  C   . GLY A 1 98  ? -17.884 7.441   3.606   1.00 6.19  ? 95   GLY A C   1 
ATOM   659  O  O   . GLY A 1 98  ? -18.703 7.075   2.715   1.00 6.51  ? 95   GLY A O   1 
ATOM   660  N  N   . PHE A 1 99  ? -16.607 7.103   3.615   1.00 5.43  ? 96   PHE A N   1 
ATOM   661  C  CA  . PHE A 1 99  ? -16.013 6.309   2.555   1.00 5.38  ? 96   PHE A CA  1 
ATOM   662  C  C   . PHE A 1 99  ? -15.135 5.247   3.154   1.00 5.85  ? 96   PHE A C   1 
ATOM   663  O  O   . PHE A 1 99  ? -14.616 5.421   4.258   1.00 5.54  ? 96   PHE A O   1 
ATOM   664  C  CB  . PHE A 1 99  ? -15.194 7.188   1.603   1.00 5.76  ? 96   PHE A CB  1 
ATOM   665  C  CG  . PHE A 1 99  ? -15.981 8.319   1.000   1.00 5.86  ? 96   PHE A CG  1 
ATOM   666  C  CD1 . PHE A 1 99  ? -16.638 8.142   -0.216  1.00 7.72  ? 96   PHE A CD1 1 
ATOM   667  C  CD2 . PHE A 1 99  ? -16.103 9.524   1.649   1.00 6.45  ? 96   PHE A CD2 1 
ATOM   668  C  CE1 . PHE A 1 99  ? -17.380 9.182   -0.780  1.00 8.46  ? 96   PHE A CE1 1 
ATOM   669  C  CE2 . PHE A 1 99  ? -16.847 10.571  1.100   1.00 7.85  ? 96   PHE A CE2 1 
ATOM   670  C  CZ  . PHE A 1 99  ? -17.491 10.389  -0.108  1.00 8.02  ? 96   PHE A CZ  1 
ATOM   671  N  N   . ALA A 1 100 ? -14.953 4.185   2.394   1.00 5.74  ? 97   ALA A N   1 
ATOM   672  C  CA  . ALA A 1 100 ? -14.072 3.091   2.763   1.00 6.28  ? 97   ALA A CA  1 
ATOM   673  C  C   . ALA A 1 100 ? -13.182 2.725   1.581   1.00 6.78  ? 97   ALA A C   1 
ATOM   674  O  O   . ALA A 1 100 ? -13.599 2.829   0.417   1.00 7.41  ? 97   ALA A O   1 
ATOM   675  C  CB  . ALA A 1 100 ? -14.889 1.891   3.181   1.00 7.04  ? 97   ALA A CB  1 
ATOM   676  N  N   . LEU A 1 101 ? -11.986 2.253   1.905   1.00 6.16  ? 98   LEU A N   1 
ATOM   677  C  CA  . LEU A 1 101 ? -11.087 1.705   0.900   1.00 6.15  ? 98   LEU A CA  1 
ATOM   678  C  C   . LEU A 1 101 ? -11.226 0.184   0.811   1.00 5.31  ? 98   LEU A C   1 
ATOM   679  O  O   . LEU A 1 101 ? -11.473 -0.530  1.804   1.00 6.64  ? 98   LEU A O   1 
ATOM   680  C  CB  . LEU A 1 101 ? -9.628  2.001   1.272   1.00 7.02  ? 98   LEU A CB  1 
ATOM   681  C  CG  . LEU A 1 101 ? -9.246  3.479   1.426   1.00 6.52  ? 98   LEU A CG  1 
ATOM   682  C  CD1 . LEU A 1 101 ? -7.760  3.585   1.765   1.00 8.10  ? 98   LEU A CD1 1 
ATOM   683  C  CD2 . LEU A 1 101 ? -9.608  4.295   0.194   1.00 9.28  ? 98   LEU A CD2 1 
ATOM   684  N  N   . SER A 1 102 ? -11.083 -0.312  -0.416  1.00 4.42  ? 99   SER A N   1 
ATOM   685  C  CA  . SER A 1 102 ? -10.915 -1.725  -0.703  1.00 5.10  ? 99   SER A CA  1 
ATOM   686  C  C   . SER A 1 102 ? -9.482  -1.932  -1.174  1.00 4.95  ? 99   SER A C   1 
ATOM   687  O  O   . SER A 1 102 ? -8.919  -1.051  -1.798  1.00 4.57  ? 99   SER A O   1 
ATOM   688  C  CB  . SER A 1 102 ? -11.897 -2.133  -1.791  1.00 5.11  ? 99   SER A CB  1 
ATOM   689  O  OG  . SER A 1 102 ? -11.689 -1.425  -3.015  1.00 9.93  ? 99   SER A OG  1 
ATOM   690  N  N   . VAL A 1 103 ? -8.886  -3.060  -0.825  1.00 3.89  ? 100  VAL A N   1 
ATOM   691  C  CA  . VAL A 1 103 ? -7.513  -3.330  -1.218  1.00 4.16  ? 100  VAL A CA  1 
ATOM   692  C  C   . VAL A 1 103 ? -7.384  -4.781  -1.630  1.00 3.60  ? 100  VAL A C   1 
ATOM   693  O  O   . VAL A 1 103 ? -7.856  -5.694  -0.921  1.00 5.04  ? 100  VAL A O   1 
ATOM   694  C  CB  . VAL A 1 103 ? -6.509  -3.048  -0.073  1.00 4.62  ? 100  VAL A CB  1 
ATOM   695  C  CG1 . VAL A 1 103 ? -5.088  -3.345  -0.528  1.00 6.33  ? 100  VAL A CG1 1 
ATOM   696  C  CG2 . VAL A 1 103 ? -6.661  -1.633  0.445   1.00 7.39  ? 100  VAL A CG2 1 
ATOM   697  N  N   . ALA A 1 104 ? -6.777  -4.990  -2.800  1.00 4.48  ? 101  ALA A N   1 
ATOM   698  C  CA  . ALA A 1 104 ? -6.295  -6.273  -3.219  1.00 4.98  ? 101  ALA A CA  1 
ATOM   699  C  C   . ALA A 1 104 ? -4.809  -6.229  -3.392  1.00 5.44  ? 101  ALA A C   1 
ATOM   700  O  O   . ALA A 1 104 ? -4.291  -5.254  -3.932  1.00 6.35  ? 101  ALA A O   1 
ATOM   701  C  CB  . ALA A 1 104 ? -6.964  -6.701  -4.481  1.00 5.54  ? 101  ALA A CB  1 
ATOM   702  N  N   . LEU A 1 105 ? -4.105  -7.250  -2.915  1.00 4.20  ? 102  LEU A N   1 
ATOM   703  C  CA  . LEU A 1 105 ? -2.658  -7.388  -3.036  1.00 4.72  ? 102  LEU A CA  1 
ATOM   704  C  C   . LEU A 1 105 ? -2.393  -8.624  -3.840  1.00 3.82  ? 102  LEU A C   1 
ATOM   705  O  O   . LEU A 1 105 ? -2.723  -9.720  -3.406  1.00 6.04  ? 102  LEU A O   1 
ATOM   706  C  CB  . LEU A 1 105 ? -1.937  -7.545  -1.689  1.00 5.08  ? 102  LEU A CB  1 
ATOM   707  C  CG  . LEU A 1 105 ? -2.032  -6.436  -0.702  1.00 5.35  ? 102  LEU A CG  1 
ATOM   708  C  CD1 . LEU A 1 105 ? -1.413  -6.843  0.638   1.00 5.41  ? 102  LEU A CD1 1 
ATOM   709  C  CD2 . LEU A 1 105 ? -1.348  -5.164  -1.213  1.00 7.59  ? 102  LEU A CD2 1 
ATOM   710  N  N   . ALA A 1 106 ? -1.802  -8.451  -5.004  1.00 2.96  ? 103  ALA A N   1 
ATOM   711  C  CA  . ALA A 1 106 ? -1.432  -9.569  -5.852  1.00 3.22  ? 103  ALA A CA  1 
ATOM   712  C  C   . ALA A 1 106 ? 0.081   -9.728  -5.749  1.00 2.58  ? 103  ALA A C   1 
ATOM   713  O  O   . ALA A 1 106 ? 0.852   -8.932  -6.265  1.00 3.74  ? 103  ALA A O   1 
ATOM   714  C  CB  . ALA A 1 106 ? -1.854  -9.313  -7.291  1.00 2.76  ? 103  ALA A CB  1 
ATOM   715  N  N   . ALA A 1 107 ? 0.504   -10.725 -4.985  1.00 3.28  ? 104  ALA A N   1 
ATOM   716  C  CA  . ALA A 1 107 ? 1.921   -10.966 -4.699  1.00 3.20  ? 104  ALA A CA  1 
ATOM   717  C  C   . ALA A 1 107 ? 2.444   -12.077 -5.612  1.00 4.11  ? 104  ALA A C   1 
ATOM   718  O  O   . ALA A 1 107 ? 1.693   -12.979 -6.008  1.00 4.06  ? 104  ALA A O   1 
ATOM   719  C  CB  . ALA A 1 107 ? 2.100   -11.360 -3.212  1.00 5.11  ? 104  ALA A CB  1 
ATOM   720  N  N   . HIS A 1 108 ? 3.740   -12.031 -5.934  1.00 3.59  ? 105  HIS A N   1 
ATOM   721  C  CA  . HIS A 1 108 ? 4.390   -12.982 -6.815  1.00 2.71  ? 105  HIS A CA  1 
ATOM   722  C  C   . HIS A 1 108 ? 5.768   -13.312 -6.294  1.00 3.82  ? 105  HIS A C   1 
ATOM   723  O  O   . HIS A 1 108 ? 6.552   -12.415 -5.985  1.00 4.32  ? 105  HIS A O   1 
ATOM   724  C  CB  . HIS A 1 108 ? 4.470   -12.389 -8.229  1.00 2.81  ? 105  HIS A CB  1 
ATOM   725  C  CG  . HIS A 1 108 ? 3.151   -11.896 -8.722  1.00 3.10  ? 105  HIS A CG  1 
ATOM   726  N  ND1 . HIS A 1 108 ? 2.669   -10.641 -8.412  1.00 3.64  ? 105  HIS A ND1 1 
ATOM   727  C  CD2 . HIS A 1 108 ? 2.204   -12.489 -9.494  1.00 2.87  ? 105  HIS A CD2 1 
ATOM   728  C  CE1 . HIS A 1 108 ? 1.461   -10.506 -8.929  1.00 2.66  ? 105  HIS A CE1 1 
ATOM   729  N  NE2 . HIS A 1 108 ? 1.152   -11.611 -9.600  1.00 2.00  ? 105  HIS A NE2 1 
ATOM   730  N  N   . ILE A 1 109 ? 6.024   -14.609 -6.133  1.00 3.86  ? 106  ILE A N   1 
ATOM   731  C  CA  . ILE A 1 109 ? 7.323   -15.115 -5.641  1.00 3.98  ? 106  ILE A CA  1 
ATOM   732  C  C   . ILE A 1 109 ? 7.718   -16.291 -6.530  1.00 3.98  ? 106  ILE A C   1 
ATOM   733  O  O   . ILE A 1 109 ? 6.913   -17.194 -6.778  1.00 4.36  ? 106  ILE A O   1 
ATOM   734  C  CB  . ILE A 1 109 ? 7.204   -15.594 -4.187  1.00 5.08  ? 106  ILE A CB  1 
ATOM   735  C  CG1 . ILE A 1 109 ? 6.773   -14.441 -3.270  1.00 5.68  ? 106  ILE A CG1 1 
ATOM   736  C  CG2 . ILE A 1 109 ? 8.520   -16.209 -3.700  1.00 6.93  ? 106  ILE A CG2 1 
ATOM   737  C  CD1 . ILE A 1 109 ? 6.522   -14.861 -1.812  1.00 6.22  ? 106  ILE A CD1 1 
ATOM   738  N  N   . ALA A 1 110 ? 8.989   -16.303 -6.950  1.00 4.14  ? 107  ALA A N   1 
ATOM   739  C  CA  . ALA A 1 110 ? 9.506   -17.370 -7.848  1.00 4.60  ? 107  ALA A CA  1 
ATOM   740  C  C   . ALA A 1 110 ? 9.921   -18.624 -7.081  1.00 4.69  ? 107  ALA A C   1 
ATOM   741  O  O   . ALA A 1 110 ? 11.084  -19.049 -7.048  1.00 6.94  ? 107  ALA A O   1 
ATOM   742  C  CB  . ALA A 1 110 ? 10.662  -16.843 -8.678  1.00 5.03  ? 107  ALA A CB  1 
ATOM   743  N  N   . LEU A 1 111 ? 8.912   -19.210 -6.441  1.00 3.99  ? 108  LEU A N   1 
ATOM   744  C  CA  . LEU A 1 111 ? 8.996   -20.428 -5.654  1.00 4.58  ? 108  LEU A CA  1 
ATOM   745  C  C   . LEU A 1 111 ? 7.718   -21.243 -5.876  1.00 4.77  ? 108  LEU A C   1 
ATOM   746  O  O   . LEU A 1 111 ? 6.720   -20.752 -6.418  1.00 5.24  ? 108  LEU A O   1 
ATOM   747  C  CB  . LEU A 1 111 ? 9.171   -20.141 -4.162  1.00 6.15  ? 108  LEU A CB  1 
ATOM   748  C  CG  . LEU A 1 111 ? 10.467  -19.468 -3.720  1.00 8.29  ? 108  LEU A CG  1 
ATOM   749  C  CD1 . LEU A 1 111 ? 10.326  -19.030 -2.243  1.00 11.26 ? 108  LEU A CD1 1 
ATOM   750  C  CD2 . LEU A 1 111 ? 11.683  -20.355 -3.942  1.00 10.30 ? 108  LEU A CD2 1 
ATOM   751  N  N   . GLU A 1 112 ? 7.722   -22.464 -5.372  1.00 5.18  ? 109  GLU A N   1 
ATOM   752  C  CA  . GLU A 1 112 ? 6.538   -23.320 -5.469  1.00 5.50  ? 109  GLU A CA  1 
ATOM   753  C  C   . GLU A 1 112 ? 5.397   -22.678 -4.703  1.00 5.31  ? 109  GLU A C   1 
ATOM   754  O  O   . GLU A 1 112 ? 5.622   -21.929 -3.742  1.00 4.45  ? 109  GLU A O   1 
ATOM   755  C  CB  . GLU A 1 112 ? 6.826   -24.719 -4.951  1.00 7.49  ? 109  GLU A CB  1 
ATOM   756  C  CG  . GLU A 1 112 ? 7.829   -25.490 -5.803  1.00 11.04 ? 109  GLU A CG  1 
ATOM   757  C  CD  . GLU A 1 112 ? 8.036   -26.942 -5.376  0.50 14.87 ? 109  GLU A CD  1 
ATOM   758  O  OE1 . GLU A 1 112 ? 7.604   -27.337 -4.267  0.50 19.69 ? 109  GLU A OE1 1 
ATOM   759  O  OE2 . GLU A 1 112 ? 8.645   -27.691 -6.163  0.50 19.24 ? 109  GLU A OE2 1 
ATOM   760  N  N   . ASP A 1 113 ? 4.181   -22.988 -5.122  1.00 5.03  ? 110  ASP A N   1 
ATOM   761  C  CA  . ASP A 1 113 ? 2.985   -22.268 -4.670  1.00 6.12  ? 110  ASP A CA  1 
ATOM   762  C  C   . ASP A 1 113 ? 2.850   -22.286 -3.163  1.00 6.30  ? 110  ASP A C   1 
ATOM   763  O  O   . ASP A 1 113 ? 2.579   -21.247 -2.559  1.00 6.66  ? 110  ASP A O   1 
ATOM   764  C  CB  . ASP A 1 113 ? 1.708   -22.858 -5.296  1.00 6.76  ? 110  ASP A CB  1 
ATOM   765  C  CG  . ASP A 1 113 ? 1.618   -22.704 -6.788  1.00 9.32  ? 110  ASP A CG  1 
ATOM   766  O  OD1 . ASP A 1 113 ? 2.391   -21.938 -7.370  1.00 10.15 ? 110  ASP A OD1 1 
ATOM   767  O  OD2 . ASP A 1 113 ? 0.725   -23.387 -7.322  1.00 5.43  ? 110  ASP A OD2 1 
ATOM   768  N  N   . GLU A 1 114 ? 3.030   -23.443 -2.535  1.00 5.47  ? 111  GLU A N   1 
ATOM   769  C  CA  . GLU A 1 114 ? 2.825   -23.486 -1.083  1.00 6.40  ? 111  GLU A CA  1 
ATOM   770  C  C   . GLU A 1 114 ? 3.883   -22.701 -0.317  1.00 6.75  ? 111  GLU A C   1 
ATOM   771  O  O   . GLU A 1 114 ? 3.555   -21.972 0.628   1.00 6.26  ? 111  GLU A O   1 
ATOM   772  C  CB  . GLU A 1 114 ? 2.740   -24.922 -0.577  1.00 6.50  ? 111  GLU A CB  1 
ATOM   773  C  CG  . GLU A 1 114 ? 2.552   -24.986 0.891   1.00 7.44  ? 111  GLU A CG  1 
ATOM   774  C  CD  . GLU A 1 114 ? 1.292   -24.281 1.433   1.00 10.55 ? 111  GLU A CD  1 
ATOM   775  O  OE1 . GLU A 1 114 ? 0.269   -24.097 0.692   1.00 9.49  ? 111  GLU A OE1 1 
ATOM   776  O  OE2 . GLU A 1 114 ? 1.316   -23.931 2.655   1.00 12.25 ? 111  GLU A OE2 1 
ATOM   777  N  N   . GLN A 1 115 ? 5.146   -22.851 -0.692  1.00 5.80  ? 112  GLN A N   1 
ATOM   778  C  CA  . GLN A 1 115 ? 6.186   -22.050 -0.063  1.00 5.81  ? 112  GLN A CA  1 
ATOM   779  C  C   . GLN A 1 115 ? 5.906   -20.558 -0.215  1.00 5.65  ? 112  GLN A C   1 
ATOM   780  O  O   . GLN A 1 115 ? 6.107   -19.764 0.715   1.00 6.40  ? 112  GLN A O   1 
ATOM   781  C  CB  . GLN A 1 115 ? 7.566   -22.395 -0.606  1.00 6.97  ? 112  GLN A CB  1 
ATOM   782  C  CG  . GLN A 1 115 ? 8.696   -21.746 0.208   1.00 9.22  ? 112  GLN A CG  1 
ATOM   783  C  CD  . GLN A 1 115 ? 10.101  -22.139 -0.225  1.00 11.80 ? 112  GLN A CD  1 
ATOM   784  O  OE1 . GLN A 1 115 ? 10.310  -22.713 -1.305  1.00 13.66 ? 112  GLN A OE1 1 
ATOM   785  N  NE2 . GLN A 1 115 ? 11.085  -21.808 0.629   1.00 13.81 ? 112  GLN A NE2 1 
ATOM   786  N  N   . ALA A 1 116 ? 5.493   -20.158 -1.404  1.00 5.04  ? 113  ALA A N   1 
ATOM   787  C  CA  . ALA A 1 116 ? 5.132   -18.770 -1.657  1.00 5.26  ? 113  ALA A CA  1 
ATOM   788  C  C   . ALA A 1 116 ? 3.986   -18.311 -0.774  1.00 5.21  ? 113  ALA A C   1 
ATOM   789  O  O   . ALA A 1 116 ? 4.025   -17.222 -0.172  1.00 4.86  ? 113  ALA A O   1 
ATOM   790  C  CB  . ALA A 1 116 ? 4.812   -18.575 -3.138  1.00 5.64  ? 113  ALA A CB  1 
ATOM   791  N  N   . ARG A 1 117 ? 2.955   -19.153 -0.633  1.00 4.78  ? 114  ARG A N   1 
ATOM   792  C  CA  . ARG A 1 117 ? 1.829   -18.836 0.268   1.00 5.86  ? 114  ARG A CA  1 
ATOM   793  C  C   . ARG A 1 117 ? 2.274   -18.676 1.713   1.00 6.41  ? 114  ARG A C   1 
ATOM   794  O  O   . ARG A 1 117 ? 1.779   -17.788 2.424   1.00 6.50  ? 114  ARG A O   1 
ATOM   795  C  CB  . ARG A 1 117 ? 0.719   -19.886 0.150   1.00 6.07  ? 114  ARG A CB  1 
ATOM   796  C  CG  . ARG A 1 117 ? -0.110  -19.756 -1.132  1.00 6.78  ? 114  ARG A CG  1 
ATOM   797  C  CD  . ARG A 1 117 ? -1.119  -20.899 -1.190  1.00 9.22  ? 114  ARG A CD  1 
ATOM   798  N  NE  . ARG A 1 117 ? -2.174  -20.656 -2.166  1.00 9.23  ? 114  ARG A NE  1 
ATOM   799  C  CZ  . ARG A 1 117 ? -2.478  -21.465 -3.174  1.00 11.89 ? 114  ARG A CZ  1 
ATOM   800  N  NH1 . ARG A 1 117 ? -1.757  -22.550 -3.429  1.00 12.25 ? 114  ARG A NH1 1 
ATOM   801  N  NH2 . ARG A 1 117 ? -3.501  -21.159 -3.970  1.00 11.19 ? 114  ARG A NH2 1 
ATOM   802  N  N   . GLN A 1 118 ? 3.164   -19.530 2.176   1.00 5.53  ? 115  GLN A N   1 
ATOM   803  C  CA  . GLN A 1 118 ? 3.660   -19.427 3.540   1.00 6.33  ? 115  GLN A CA  1 
ATOM   804  C  C   . GLN A 1 118 ? 4.422   -18.136 3.772   1.00 5.03  ? 115  GLN A C   1 
ATOM   805  O  O   . GLN A 1 118 ? 4.213   -17.467 4.780   1.00 6.28  ? 115  GLN A O   1 
ATOM   806  C  CB  . GLN A 1 118 ? 4.550   -20.618 3.893   1.00 6.53  ? 115  GLN A CB  1 
ATOM   807  C  CG  . GLN A 1 118 ? 3.810   -21.915 3.974   1.00 9.38  ? 115  GLN A CG  1 
ATOM   808  C  CD  . GLN A 1 118 ? 2.960   -21.961 5.141   1.00 11.91 ? 115  GLN A CD  1 
ATOM   809  O  OE1 . GLN A 1 118 ? 1.740   -21.980 5.040   1.00 17.29 ? 115  GLN A OE1 1 
ATOM   810  N  NE2 . GLN A 1 118 ? 3.593   -21.928 6.314   1.00 9.21  ? 115  GLN A NE2 1 
ATOM   811  N  N   . LEU A 1 119 ? 5.276   -17.766 2.841   1.00 4.89  ? 116  LEU A N   1 
ATOM   812  C  CA  . LEU A 1 119 ? 6.013   -16.516 2.964   1.00 4.57  ? 116  LEU A CA  1 
ATOM   813  C  C   . LEU A 1 119 ? 5.062   -15.305 2.964   1.00 3.44  ? 116  LEU A C   1 
ATOM   814  O  O   . LEU A 1 119 ? 5.226   -14.405 3.761   1.00 3.01  ? 116  LEU A O   1 
ATOM   815  C  CB  . LEU A 1 119 ? 7.052   -16.377 1.841   1.00 4.91  ? 116  LEU A CB  1 
ATOM   816  C  CG  . LEU A 1 119 ? 8.220   -17.330 1.925   1.00 6.35  ? 116  LEU A CG  1 
ATOM   817  C  CD1 . LEU A 1 119 ? 8.992   -17.329 0.623   1.00 8.59  ? 116  LEU A CD1 1 
ATOM   818  C  CD2 . LEU A 1 119 ? 9.172   -16.958 3.105   1.00 7.86  ? 116  LEU A CD2 1 
ATOM   819  N  N   . VAL A 1 120 ? 4.100   -15.294 2.049   1.00 3.34  ? 117  VAL A N   1 
ATOM   820  C  CA  . VAL A 1 120 ? 3.141   -14.191 1.965   1.00 3.34  ? 117  VAL A CA  1 
ATOM   821  C  C   . VAL A 1 120 ? 2.282   -14.084 3.229   1.00 3.57  ? 117  VAL A C   1 
ATOM   822  O  O   . VAL A 1 120 ? 2.025   -12.980 3.708   1.00 2.95  ? 117  VAL A O   1 
ATOM   823  C  CB  . VAL A 1 120 ? 2.302   -14.277 0.671   1.00 3.64  ? 117  VAL A CB  1 
ATOM   824  C  CG1 . VAL A 1 120 ? 1.165   -13.232 0.682   1.00 5.90  ? 117  VAL A CG1 1 
ATOM   825  C  CG2 . VAL A 1 120 ? 3.191   -14.055 -0.554  1.00 4.26  ? 117  VAL A CG2 1 
ATOM   826  N  N   . THR A 1 121 ? 1.886   -15.217 3.812   1.00 3.81  ? 118  THR A N   1 
ATOM   827  C  CA  . THR A 1 121 ? 1.091   -15.206 5.002   1.00 3.60  ? 118  THR A CA  1 
ATOM   828  C  C   . THR A 1 121 ? 1.863   -14.549 6.138   1.00 3.67  ? 118  THR A C   1 
ATOM   829  O  O   . THR A 1 121 ? 1.328   -13.731 6.865   1.00 5.35  ? 118  THR A O   1 
ATOM   830  C  CB  . THR A 1 121 ? 0.722   -16.636 5.415   1.00 3.62  ? 118  THR A CB  1 
ATOM   831  O  OG1 . THR A 1 121 ? -0.106  -17.232 4.414   1.00 4.85  ? 118  THR A OG1 1 
ATOM   832  C  CG2 . THR A 1 121 ? -0.033  -16.673 6.745   1.00 5.47  ? 118  THR A CG2 1 
ATOM   833  N  N   . VAL A 1 122 ? 3.134   -14.907 6.295   1.00 3.20  ? 119  VAL A N   1 
ATOM   834  C  CA  . VAL A 1 122 ? 3.941   -14.307 7.313   1.00 3.89  ? 119  VAL A CA  1 
ATOM   835  C  C   . VAL A 1 122 ? 4.194   -12.835 7.008   1.00 3.73  ? 119  VAL A C   1 
ATOM   836  O  O   . VAL A 1 122 ? 4.125   -11.966 7.913   1.00 4.78  ? 119  VAL A O   1 
ATOM   837  C  CB  . VAL A 1 122 ? 5.250   -15.106 7.546   1.00 4.05  ? 119  VAL A CB  1 
ATOM   838  C  CG1 . VAL A 1 122 ? 6.135   -14.398 8.568   1.00 5.73  ? 119  VAL A CG1 1 
ATOM   839  C  CG2 . VAL A 1 122 ? 4.897   -16.533 8.050   1.00 4.79  ? 119  VAL A CG2 1 
ATOM   840  N  N   . ALA A 1 123 ? 4.460   -12.485 5.747   1.00 3.57  ? 120  ALA A N   1 
ATOM   841  C  CA  . ALA A 1 123 ? 4.638   -11.077 5.373   1.00 3.32  ? 120  ALA A CA  1 
ATOM   842  C  C   . ALA A 1 123 ? 3.426   -10.241 5.761   1.00 4.59  ? 120  ALA A C   1 
ATOM   843  O  O   . ALA A 1 123 ? 3.579   -9.086  6.176   1.00 4.87  ? 120  ALA A O   1 
ATOM   844  C  CB  . ALA A 1 123 ? 4.916   -10.951 3.858   1.00 3.48  ? 120  ALA A CB  1 
ATOM   845  N  N   . HIS A 1 124 ? 2.234   -10.787 5.620   1.00 3.85  ? 121  HIS A N   1 
ATOM   846  C  CA  . HIS A 1 124 ? 0.983   -10.104 5.941   1.00 4.91  ? 121  HIS A CA  1 
ATOM   847  C  C   . HIS A 1 124 ? 0.766   -9.952  7.451   1.00 5.66  ? 121  HIS A C   1 
ATOM   848  O  O   . HIS A 1 124 ? -0.162  -9.252  7.856   1.00 7.65  ? 121  HIS A O   1 
ATOM   849  C  CB  . HIS A 1 124 ? -0.141  -10.866 5.226   1.00 4.43  ? 121  HIS A CB  1 
ATOM   850  C  CG  . HIS A 1 124 ? -1.444  -10.139 5.071   1.00 4.48  ? 121  HIS A CG  1 
ATOM   851  N  ND1 . HIS A 1 124 ? -1.547  -8.810  4.704   1.00 4.25  ? 121  HIS A ND1 1 
ATOM   852  C  CD2 . HIS A 1 124 ? -2.709  -10.630 5.055   1.00 5.59  ? 121  HIS A CD2 1 
ATOM   853  C  CE1 . HIS A 1 124 ? -2.830  -8.497  4.575   1.00 3.65  ? 121  HIS A CE1 1 
ATOM   854  N  NE2 . HIS A 1 124 ? -3.557  -9.594  4.766   1.00 5.52  ? 121  HIS A NE2 1 
ATOM   855  N  N   . GLN A 1 125 ? 1.573   -10.635 8.278   1.00 5.53  ? 122  GLN A N   1 
ATOM   856  C  CA  . GLN A 1 125 ? 1.604   -10.374 9.691   1.00 5.19  ? 122  GLN A CA  1 
ATOM   857  C  C   . GLN A 1 125 ? 2.638   -9.338  10.110  1.00 5.51  ? 122  GLN A C   1 
ATOM   858  O  O   . GLN A 1 125 ? 2.504   -8.708  11.145  1.00 8.36  ? 122  GLN A O   1 
ATOM   859  C  CB  . GLN A 1 125 ? 1.843   -11.704 10.426  1.00 5.83  ? 122  GLN A CB  1 
ATOM   860  C  CG  . GLN A 1 125 ? 0.755   -12.746 10.162  1.00 7.75  ? 122  GLN A CG  1 
ATOM   861  C  CD  . GLN A 1 125 ? -0.600  -12.330 10.745  1.00 10.27 ? 122  GLN A CD  1 
ATOM   862  O  OE1 . GLN A 1 125 ? -0.685  -12.070 11.938  1.00 22.30 ? 122  GLN A OE1 1 
ATOM   863  N  NE2 . GLN A 1 125 ? -1.622  -12.248 9.929   1.00 15.14 ? 122  GLN A NE2 1 
ATOM   864  N  N   . VAL A 1 126 ? 3.702   -9.210  9.339   1.00 4.81  ? 123  VAL A N   1 
ATOM   865  C  CA  . VAL A 1 126 ? 4.848   -8.365  9.635   1.00 5.01  ? 123  VAL A CA  1 
ATOM   866  C  C   . VAL A 1 126 ? 4.669   -6.942  9.130   1.00 3.89  ? 123  VAL A C   1 
ATOM   867  O  O   . VAL A 1 126 ? 5.142   -5.987  9.752   1.00 3.37  ? 123  VAL A O   1 
ATOM   868  C  CB  . VAL A 1 126 ? 6.149   -8.987  8.941   1.00 5.87  ? 123  VAL A CB  1 
ATOM   869  C  CG1 . VAL A 1 126 ? 7.288   -7.976  8.766   1.00 9.05  ? 123  VAL A CG1 1 
ATOM   870  C  CG2 . VAL A 1 126 ? 6.588   -10.224 9.729   1.00 9.57  ? 123  VAL A CG2 1 
ATOM   871  N  N   . CYS A 1 127 ? 4.070   -6.787  7.965   1.00 3.34  ? 124  CYS A N   1 
ATOM   872  C  CA  . CYS A 1 127 ? 4.066   -5.510  7.244   1.00 3.68  ? 124  CYS A CA  1 
ATOM   873  C  C   . CYS A 1 127 ? 3.292   -4.446  8.009   1.00 3.51  ? 124  CYS A C   1 
ATOM   874  O  O   . CYS A 1 127 ? 2.165   -4.688  8.408   1.00 3.79  ? 124  CYS A O   1 
ATOM   875  C  CB  . CYS A 1 127 ? 3.417   -5.721  5.898   1.00 3.45  ? 124  CYS A CB  1 
ATOM   876  S  SG  . CYS A 1 127 ? 3.365   -4.255  4.861   1.00 4.28  ? 124  CYS A SG  1 
ATOM   877  N  N   . PRO A 1 128 ? 3.861   -3.263  8.244   1.00 3.17  ? 125  PRO A N   1 
ATOM   878  C  CA  . PRO A 1 128 ? 3.122   -2.232  8.990   1.00 3.92  ? 125  PRO A CA  1 
ATOM   879  C  C   . PRO A 1 128 ? 1.858   -1.747  8.286   1.00 3.84  ? 125  PRO A C   1 
ATOM   880  O  O   . PRO A 1 128 ? 0.897   -1.389  8.974   1.00 4.23  ? 125  PRO A O   1 
ATOM   881  C  CB  . PRO A 1 128 ? 4.160   -1.111  9.181   1.00 3.43  ? 125  PRO A CB  1 
ATOM   882  C  CG  . PRO A 1 128 ? 5.183   -1.387  8.155   1.00 5.83  ? 125  PRO A CG  1 
ATOM   883  C  CD  . PRO A 1 128 ? 5.228   -2.831  7.912   1.00 4.40  ? 125  PRO A CD  1 
ATOM   884  N  N   . TYR A 1 129 ? 1.800   -1.762  6.959   1.00 3.75  ? 126  TYR A N   1 
ATOM   885  C  CA  . TYR A 1 129 ? 0.557   -1.418  6.256   1.00 3.40  ? 126  TYR A CA  1 
ATOM   886  C  C   . TYR A 1 129 ? -0.536  -2.460  6.535   1.00 3.64  ? 126  TYR A C   1 
ATOM   887  O  O   . TYR A 1 129 ? -1.673  -2.117  6.853   1.00 3.66  ? 126  TYR A O   1 
ATOM   888  C  CB  . TYR A 1 129 ? 0.755   -1.241  4.756   1.00 4.95  ? 126  TYR A CB  1 
ATOM   889  C  CG  . TYR A 1 129 ? 1.200   0.100   4.253   1.00 4.72  ? 126  TYR A CG  1 
ATOM   890  C  CD1 . TYR A 1 129 ? 2.363   0.705   4.696   1.00 4.70  ? 126  TYR A CD1 1 
ATOM   891  C  CD2 . TYR A 1 129 ? 0.456   0.766   3.309   1.00 4.18  ? 126  TYR A CD2 1 
ATOM   892  C  CE1 . TYR A 1 129 ? 2.772   1.950   4.170   1.00 4.62  ? 126  TYR A CE1 1 
ATOM   893  C  CE2 . TYR A 1 129 ? 0.860   1.984   2.767   1.00 3.24  ? 126  TYR A CE2 1 
ATOM   894  C  CZ  . TYR A 1 129 ? 2.002   2.598   3.216   1.00 2.87  ? 126  TYR A CZ  1 
ATOM   895  O  OH  . TYR A 1 129 ? 2.399   3.782   2.649   1.00 4.15  ? 126  TYR A OH  1 
ATOM   896  N  N   . SER A 1 130 ? -0.181  -3.744  6.473   1.00 3.68  ? 127  SER A N   1 
ATOM   897  C  CA  . SER A 1 130 ? -1.155  -4.793  6.824   1.00 3.93  ? 127  SER A CA  1 
ATOM   898  C  C   . SER A 1 130 ? -1.608  -4.700  8.282   1.00 4.53  ? 127  SER A C   1 
ATOM   899  O  O   . SER A 1 130 ? -2.788  -4.842  8.584   1.00 5.17  ? 127  SER A O   1 
ATOM   900  C  CB  . SER A 1 130 ? -0.539  -6.178  6.574   1.00 4.07  ? 127  SER A CB  1 
ATOM   901  O  OG  . SER A 1 130 ? -0.307  -6.379  5.180   1.00 2.99  ? 127  SER A OG  1 
ATOM   902  N  N   . ASN A 1 131 ? -0.659  -4.421  9.178   1.00 3.84  ? 128  ASN A N   1 
ATOM   903  C  CA  . ASN A 1 131 ? -0.994  -4.259  10.579  1.00 4.77  ? 128  ASN A CA  1 
ATOM   904  C  C   . ASN A 1 131 ? -1.948  -3.070  10.793  1.00 4.38  ? 128  ASN A C   1 
ATOM   905  O  O   . ASN A 1 131 ? -2.818  -3.115  11.655  1.00 6.60  ? 128  ASN A O   1 
ATOM   906  C  CB  . ASN A 1 131 ? 0.255   -4.136  11.447  1.00 4.27  ? 128  ASN A CB  1 
ATOM   907  C  CG  . ASN A 1 131 ? 1.020   -5.445  11.606  1.00 7.51  ? 128  ASN A CG  1 
ATOM   908  O  OD1 . ASN A 1 131 ? 2.282   -5.481  11.649  1.00 9.34  ? 128  ASN A OD1 1 
ATOM   909  N  ND2 . ASN A 1 131 ? 0.301   -6.484  11.789  1.00 6.13  ? 128  ASN A ND2 1 
ATOM   910  N  N   . ALA A 1 132 ? -1.742  -2.008  10.024  1.00 3.99  ? 129  ALA A N   1 
ATOM   911  C  CA  . ALA A 1 132 ? -2.562  -0.807  10.166  1.00 4.99  ? 129  ALA A CA  1 
ATOM   912  C  C   . ALA A 1 132 ? -4.025  -1.018  9.812   1.00 4.52  ? 129  ALA A C   1 
ATOM   913  O  O   . ALA A 1 132 ? -4.911  -0.415  10.430  1.00 4.96  ? 129  ALA A O   1 
ATOM   914  C  CB  . ALA A 1 132 ? -1.993  0.300   9.305   1.00 5.16  ? 129  ALA A CB  1 
ATOM   915  N  N   . VAL A 1 133 ? -4.289  -1.892  8.847   1.00 4.10  ? 130  VAL A N   1 
ATOM   916  C  CA  . VAL A 1 133 ? -5.646  -2.004  8.288   1.00 4.50  ? 130  VAL A CA  1 
ATOM   917  C  C   . VAL A 1 133 ? -6.367  -3.289  8.665   1.00 4.62  ? 130  VAL A C   1 
ATOM   918  O  O   . VAL A 1 133 ? -7.540  -3.450  8.334   1.00 5.09  ? 130  VAL A O   1 
ATOM   919  C  CB  . VAL A 1 133 ? -5.680  -1.838  6.774   1.00 4.91  ? 130  VAL A CB  1 
ATOM   920  C  CG1 . VAL A 1 133 ? -5.007  -0.518  6.373   1.00 4.77  ? 130  VAL A CG1 1 
ATOM   921  C  CG2 . VAL A 1 133 ? -5.072  -3.056  5.978   1.00 6.39  ? 130  VAL A CG2 1 
ATOM   922  N  N   . ARG A 1 134 ? -5.695  -4.202  9.353   1.00 5.18  ? 131  ARG A N   1 
ATOM   923  C  CA  . ARG A 1 134 ? -6.276  -5.509  9.680   1.00 6.12  ? 131  ARG A CA  1 
ATOM   924  C  C   . ARG A 1 134 ? -7.607  -5.404  10.403  1.00 5.99  ? 131  ARG A C   1 
ATOM   925  O  O   . ARG A 1 134 ? -7.736  -4.620  11.362  1.00 7.33  ? 131  ARG A O   1 
ATOM   926  C  CB  . ARG A 1 134 ? -5.307  -6.324  10.542  1.00 6.72  ? 131  ARG A CB  1 
ATOM   927  C  CG  . ARG A 1 134 ? -5.770  -7.783  10.718  1.00 8.79  ? 131  ARG A CG  1 
ATOM   928  C  CD  . ARG A 1 134 ? -4.766  -8.718  11.359  1.00 11.99 ? 131  ARG A CD  1 
ATOM   929  N  NE  . ARG A 1 134 ? -3.500  -8.663  10.644  1.00 12.26 ? 131  ARG A NE  1 
ATOM   930  C  CZ  . ARG A 1 134 ? -2.390  -8.087  11.062  1.00 13.12 ? 131  ARG A CZ  1 
ATOM   931  N  NH1 . ARG A 1 134 ? -1.317  -8.110  10.247  1.00 9.65  ? 131  ARG A NH1 1 
ATOM   932  N  NH2 . ARG A 1 134 ? -2.335  -7.501  12.276  1.00 15.96 ? 131  ARG A NH2 1 
ATOM   933  N  N   . GLY A 1 135 ? -8.605  -6.143  9.940   1.00 6.37  ? 132  GLY A N   1 
ATOM   934  C  CA  . GLY A 1 135 ? -9.908  -6.104  10.583  1.00 5.59  ? 132  GLY A CA  1 
ATOM   935  C  C   . GLY A 1 135 ? -10.825 -5.006  10.078  1.00 6.75  ? 132  GLY A C   1 
ATOM   936  O  O   . GLY A 1 135 ? -12.029 -5.084  10.320  1.00 9.34  ? 132  GLY A O   1 
ATOM   937  N  N   . ASN A 1 136 ? -10.280 -3.961  9.445   1.00 5.62  ? 133  ASN A N   1 
ATOM   938  C  CA  . ASN A 1 136 ? -11.097 -2.895  8.903   1.00 5.28  ? 133  ASN A CA  1 
ATOM   939  C  C   . ASN A 1 136 ? -11.274 -3.081  7.407   1.00 4.45  ? 133  ASN A C   1 
ATOM   940  O  O   . ASN A 1 136 ? -12.379 -3.050  6.907   1.00 7.02  ? 133  ASN A O   1 
ATOM   941  C  CB  . ASN A 1 136 ? -10.461 -1.538  9.182   1.00 5.02  ? 133  ASN A CB  1 
ATOM   942  C  CG  . ASN A 1 136 ? -10.384 -1.226  10.647  1.00 7.29  ? 133  ASN A CG  1 
ATOM   943  O  OD1 . ASN A 1 136 ? -11.329 -1.549  11.381  1.00 11.43 ? 133  ASN A OD1 1 
ATOM   944  N  ND2 . ASN A 1 136 ? -9.268  -0.663  11.101  1.00 7.79  ? 133  ASN A ND2 1 
ATOM   945  N  N   . ILE A 1 137 ? -10.167 -3.248  6.715   1.00 3.85  ? 134  ILE A N   1 
ATOM   946  C  CA  . ILE A 1 137 ? -10.169 -3.587  5.293   1.00 4.55  ? 134  ILE A CA  1 
ATOM   947  C  C   . ILE A 1 137 ? -9.898  -5.092  5.195   1.00 4.94  ? 134  ILE A C   1 
ATOM   948  O  O   . ILE A 1 137 ? -8.937  -5.606  5.769   1.00 5.64  ? 134  ILE A O   1 
ATOM   949  C  CB  . ILE A 1 137 ? -9.075  -2.841  4.503   1.00 4.16  ? 134  ILE A CB  1 
ATOM   950  C  CG1 . ILE A 1 137 ? -9.210  -1.312  4.656   1.00 5.33  ? 134  ILE A CG1 1 
ATOM   951  C  CG2 . ILE A 1 137 ? -9.110  -3.308  3.002   1.00 4.97  ? 134  ILE A CG2 1 
ATOM   952  C  CD1 . ILE A 1 137 ? -8.227  -0.559  3.843   1.00 6.62  ? 134  ILE A CD1 1 
ATOM   953  N  N   . ASP A 1 138 ? -10.782 -5.792  4.473   1.00 4.71  ? 135  ASP A N   1 
ATOM   954  C  CA  . ASP A 1 138 ? -10.572 -7.200  4.187   1.00 4.76  ? 135  ASP A CA  1 
ATOM   955  C  C   . ASP A 1 138 ? -9.684  -7.267  2.950   1.00 3.57  ? 135  ASP A C   1 
ATOM   956  O  O   . ASP A 1 138 ? -10.176 -7.274  1.823   1.00 3.15  ? 135  ASP A O   1 
ATOM   957  C  CB  . ASP A 1 138 ? -11.916 -7.891  3.959   1.00 5.88  ? 135  ASP A CB  1 
ATOM   958  C  CG  . ASP A 1 138 ? -11.784 -9.374  3.803   1.00 9.17  ? 135  ASP A CG  1 
ATOM   959  O  OD1 . ASP A 1 138 ? -10.680 -9.903  3.922   1.00 12.78 ? 135  ASP A OD1 1 
ATOM   960  O  OD2 . ASP A 1 138 ? -12.814 -10.022 3.552   1.00 15.24 ? 135  ASP A OD2 1 
ATOM   961  N  N   . VAL A 1 139 ? -8.384  -7.250  3.159   1.00 2.56  ? 136  VAL A N   1 
ATOM   962  C  CA  . VAL A 1 139 ? -7.420  -7.210  2.061   1.00 2.59  ? 136  VAL A CA  1 
ATOM   963  C  C   . VAL A 1 139 ? -7.499  -8.555  1.346   1.00 2.68  ? 136  VAL A C   1 
ATOM   964  O  O   . VAL A 1 139 ? -7.347  -9.607  1.957   1.00 4.15  ? 136  VAL A O   1 
ATOM   965  C  CB  . VAL A 1 139 ? -6.012  -6.919  2.553   1.00 2.67  ? 136  VAL A CB  1 
ATOM   966  C  CG1 . VAL A 1 139 ? -5.028  -6.869  1.431   1.00 3.06  ? 136  VAL A CG1 1 
ATOM   967  C  CG2 . VAL A 1 139 ? -5.953  -5.553  3.323   1.00 3.48  ? 136  VAL A CG2 1 
ATOM   968  N  N   . GLN A 1 140 ? -7.712  -8.498  0.040   1.00 2.68  ? 137  GLN A N   1 
ATOM   969  C  CA  . GLN A 1 140 ? -7.795  -9.700  -0.792  1.00 2.86  ? 137  GLN A CA  1 
ATOM   970  C  C   . GLN A 1 140 ? -6.419  -10.006 -1.346  1.00 2.99  ? 137  GLN A C   1 
ATOM   971  O  O   . GLN A 1 140 ? -5.947  -9.329  -2.254  1.00 3.95  ? 137  GLN A O   1 
ATOM   972  C  CB  . GLN A 1 140 ? -8.793  -9.475  -1.904  1.00 2.98  ? 137  GLN A CB  1 
ATOM   973  C  CG  . GLN A 1 140 ? -10.166 -9.060  -1.450  1.00 6.29  ? 137  GLN A CG  1 
ATOM   974  C  CD  . GLN A 1 140 ? -10.838 -10.084 -0.594  1.00 10.34 ? 137  GLN A CD  1 
ATOM   975  O  OE1 . GLN A 1 140 ? -11.135 -9.821  0.590   1.00 14.12 ? 137  GLN A OE1 1 
ATOM   976  N  NE2 . GLN A 1 140 ? -11.150 -11.241 -1.179  1.00 11.87 ? 137  GLN A NE2 1 
ATOM   977  N  N   . VAL A 1 141 ? -5.826  -11.060 -0.833  1.00 2.69  ? 138  VAL A N   1 
ATOM   978  C  CA  . VAL A 1 141 ? -4.456  -11.436 -1.143  1.00 2.00  ? 138  VAL A CA  1 
ATOM   979  C  C   . VAL A 1 141 ? -4.439  -12.617 -2.113  1.00 2.00  ? 138  VAL A C   1 
ATOM   980  O  O   . VAL A 1 141 ? -5.105  -13.621 -1.884  1.00 2.76  ? 138  VAL A O   1 
ATOM   981  C  CB  . VAL A 1 141 ? -3.635  -11.765 0.107   1.00 2.00  ? 138  VAL A CB  1 
ATOM   982  C  CG1 . VAL A 1 141 ? -2.135  -11.978 -0.265  1.00 3.35  ? 138  VAL A CG1 1 
ATOM   983  C  CG2 . VAL A 1 141 ? -3.770  -10.641 1.199   1.00 2.96  ? 138  VAL A CG2 1 
ATOM   984  N  N   . SER A 1 142 ? -3.641  -12.440 -3.167  1.00 2.01  ? 139  SER A N   1 
ATOM   985  C  CA  . SER A 1 142 ? -3.344  -13.502 -4.142  1.00 2.77  ? 139  SER A CA  1 
ATOM   986  C  C   . SER A 1 142 ? -1.838  -13.784 -4.135  1.00 2.41  ? 139  SER A C   1 
ATOM   987  O  O   . SER A 1 142 ? -1.023  -12.865 -3.853  1.00 2.00  ? 139  SER A O   1 
ATOM   988  C  CB  . SER A 1 142 ? -3.872  -13.135 -5.543  1.00 3.85  ? 139  SER A CB  1 
ATOM   989  O  OG  . SER A 1 142 ? -5.271  -12.830 -5.514  1.00 4.53  ? 139  SER A OG  1 
ATOM   990  N  N   . VAL A 1 143 ? -1.490  -15.021 -4.453  1.00 2.00  ? 140  VAL A N   1 
ATOM   991  C  CA  . VAL A 1 143 ? -0.092  -15.452 -4.565  1.00 2.00  ? 140  VAL A CA  1 
ATOM   992  C  C   . VAL A 1 143 ? 0.058   -16.221 -5.880  1.00 2.00  ? 140  VAL A C   1 
ATOM   993  O  O   . VAL A 1 143 ? -0.598  -17.227 -6.107  1.00 2.71  ? 140  VAL A O   1 
ATOM   994  C  CB  . VAL A 1 143 ? 0.318   -16.345 -3.386  1.00 2.43  ? 140  VAL A CB  1 
ATOM   995  C  CG1 . VAL A 1 143 ? 1.792   -16.760 -3.542  1.00 4.84  ? 140  VAL A CG1 1 
ATOM   996  C  CG2 . VAL A 1 143 ? 0.071   -15.591 -2.095  1.00 2.77  ? 140  VAL A CG2 1 
ATOM   997  N  N   . ASN A 1 144 ? 0.908   -15.698 -6.762  1.00 2.00  ? 141  ASN A N   1 
ATOM   998  C  CA  . ASN A 1 144 ? 1.218   -16.330 -8.049  1.00 2.00  ? 141  ASN A CA  1 
ATOM   999  C  C   . ASN A 1 144 ? -0.034  -16.582 -8.878  1.00 2.13  ? 141  ASN A C   1 
ATOM   1000 O  O   . ASN A 1 144 ? -0.124  -17.550 -9.635  1.00 2.43  ? 141  ASN A O   1 
ATOM   1001 C  CB  . ASN A 1 144 ? 2.069   -17.598 -7.860  1.00 2.17  ? 141  ASN A CB  1 
ATOM   1002 C  CG  . ASN A 1 144 ? 3.419   -17.302 -7.273  1.00 2.00  ? 141  ASN A CG  1 
ATOM   1003 O  OD1 . ASN A 1 144 ? 3.807   -16.136 -7.146  1.00 3.09  ? 141  ASN A OD1 1 
ATOM   1004 N  ND2 . ASN A 1 144 ? 4.148   -18.366 -6.891  1.00 2.58  ? 141  ASN A ND2 1 
ATOM   1005 N  N   . GLY A 1 145 ? -0.998  -15.661 -8.746  1.00 2.00  ? 142  GLY A N   1 
ATOM   1006 C  CA  . GLY A 1 145 ? -2.206  -15.739 -9.542  1.00 2.00  ? 142  GLY A CA  1 
ATOM   1007 C  C   . GLY A 1 145 ? -3.359  -16.494 -8.937  1.00 2.00  ? 142  GLY A C   1 
ATOM   1008 O  O   . GLY A 1 145 ? -4.437  -16.505 -9.523  1.00 2.00  ? 142  GLY A O   1 
ATOM   1009 N  N   . LEU A 1 146 ? -3.129  -17.127 -7.787  1.00 2.00  ? 143  LEU A N   1 
ATOM   1010 C  CA  . LEU A 1 146 ? -4.179  -17.866 -7.071  1.00 2.46  ? 143  LEU A CA  1 
ATOM   1011 C  C   . LEU A 1 146 ? -4.493  -17.221 -5.742  1.00 3.20  ? 143  LEU A C   1 
ATOM   1012 O  O   . LEU A 1 146 ? -3.762  -16.404 -5.241  1.00 4.34  ? 143  LEU A O   1 
ATOM   1013 C  CB  . LEU A 1 146 ? -3.747  -19.304 -6.909  1.00 2.51  ? 143  LEU A CB  1 
ATOM   1014 C  CG  . LEU A 1 146 ? -3.445  -20.068 -8.200  1.00 5.63  ? 143  LEU A CG  1 
ATOM   1015 C  CD1 . LEU A 1 146 ? -2.750  -21.395 -7.877  1.00 7.98  ? 143  LEU A CD1 1 
ATOM   1016 C  CD2 . LEU A 1 146 ? -4.728  -20.301 -8.993  1.00 7.42  ? 143  LEU A CD2 1 
ATOM   1017 N  N   . ALA A 1 147 ? -5.590  -17.599 -5.128  1.00 3.85  ? 144  ALA A N   1 
ATOM   1018 C  CA  . ALA A 1 147 ? -5.906  -17.037 -3.830  1.00 3.70  ? 144  ALA A CA  1 
ATOM   1019 C  C   . ALA A 1 147 ? -4.851  -17.452 -2.819  1.00 3.97  ? 144  ALA A C   1 
ATOM   1020 O  O   . ALA A 1 147 ? -4.319  -18.559 -2.860  1.00 4.71  ? 144  ALA A O   1 
ATOM   1021 C  CB  . ALA A 1 147 ? -7.289  -17.556 -3.369  1.00 4.47  ? 144  ALA A CB  1 
ATOM   1022 N  N   . LEU A 1 148 ? -4.523  -16.551 -1.906  1.00 4.65  ? 145  LEU A N   1 
ATOM   1023 C  CA  . LEU A 1 148 ? -3.690  -16.919 -0.769  1.00 5.00  ? 145  LEU A CA  1 
ATOM   1024 C  C   . LEU A 1 148 ? -4.287  -18.112 -0.076  1.00 6.77  ? 145  LEU A C   1 
ATOM   1025 O  O   . LEU A 1 148 ? -5.512  -18.169 0.093   1.00 8.20  ? 145  LEU A O   1 
ATOM   1026 C  CB  . LEU A 1 148 ? -3.552  -15.735 0.171   1.00 4.41  ? 145  LEU A CB  1 
ATOM   1027 C  CG  . LEU A 1 148 ? -2.793  -15.958 1.470   1.00 3.96  ? 145  LEU A CG  1 
ATOM   1028 C  CD1 . LEU A 1 148 ? -1.384  -16.460 1.176   1.00 5.93  ? 145  LEU A CD1 1 
ATOM   1029 C  CD2 . LEU A 1 148 ? -2.768  -14.778 2.411   1.00 5.71  ? 145  LEU A CD2 1 
ATOM   1030 O  OXT . LEU A 1 148 ? -3.513  -19.028 0.319   1.00 3.28  ? 145  LEU A OXT 1 
HETATM 1031 C  C   . ACT B 2 .   ? -7.685  9.417   -13.506 1.00 13.23 ? 1001 ACT A C   1 
HETATM 1032 O  O   . ACT B 2 .   ? -7.981  8.172   -13.447 1.00 12.79 ? 1001 ACT A O   1 
HETATM 1033 O  OXT . ACT B 2 .   ? -8.501  10.187  -14.028 1.00 13.86 ? 1001 ACT A OXT 1 
HETATM 1034 C  CH3 . ACT B 2 .   ? -6.467  9.972   -12.815 1.00 13.55 ? 1001 ACT A CH3 1 
HETATM 1035 C  C   . ACT C 2 .   ? 8.160   -4.302  5.553   1.00 8.28  ? 1002 ACT A C   1 
HETATM 1036 O  O   . ACT C 2 .   ? 6.908   -4.472  5.616   1.00 8.08  ? 1002 ACT A O   1 
HETATM 1037 O  OXT . ACT C 2 .   ? 8.646   -3.402  4.809   1.00 9.12  ? 1002 ACT A OXT 1 
HETATM 1038 C  CH3 . ACT C 2 .   ? 9.040   -5.183  6.386   1.00 9.42  ? 1002 ACT A CH3 1 
HETATM 1039 C  C   . ACT D 2 .   ? 14.274  -6.303  4.044   1.00 12.75 ? 1003 ACT A C   1 
HETATM 1040 O  O   . ACT D 2 .   ? 14.862  -7.101  4.786   1.00 14.39 ? 1003 ACT A O   1 
HETATM 1041 O  OXT . ACT D 2 .   ? 13.553  -5.464  4.630   1.00 12.82 ? 1003 ACT A OXT 1 
HETATM 1042 C  CH3 . ACT D 2 .   ? 14.382  -6.339  2.552   1.00 14.67 ? 1003 ACT A CH3 1 
HETATM 1043 C  C   . ACT E 2 .   ? -3.186  -11.748 -9.918  1.00 7.90  ? 1004 ACT A C   1 
HETATM 1044 O  O   . ACT E 2 .   ? -3.276  -11.355 -11.089 1.00 7.68  ? 1004 ACT A O   1 
HETATM 1045 O  OXT . ACT E 2 .   ? -2.042  -11.968 -9.454  1.00 6.76  ? 1004 ACT A OXT 1 
HETATM 1046 C  CH3 . ACT E 2 .   ? -4.397  -11.881 -9.051  1.00 9.70  ? 1004 ACT A CH3 1 
HETATM 1047 C  C   . ACT F 2 .   ? 2.488   -25.413 -10.466 1.00 14.89 ? 1005 ACT A C   1 
HETATM 1048 O  O   . ACT F 2 .   ? 2.104   -24.951 -9.351  1.00 17.33 ? 1005 ACT A O   1 
HETATM 1049 O  OXT . ACT F 2 .   ? 1.812   -25.125 -11.465 1.00 13.99 ? 1005 ACT A OXT 1 
HETATM 1050 C  CH3 . ACT F 2 .   ? 3.720   -26.278 -10.589 1.00 15.38 ? 1005 ACT A CH3 1 
HETATM 1051 C  C   . ACT G 2 .   ? 9.982   18.290  12.030  1.00 34.01 ? 1006 ACT A C   1 
HETATM 1052 O  O   . ACT G 2 .   ? 10.920  18.037  11.245  1.00 34.12 ? 1006 ACT A O   1 
HETATM 1053 O  OXT . ACT G 2 .   ? 8.831   18.198  11.539  1.00 32.37 ? 1006 ACT A OXT 1 
HETATM 1054 C  CH3 . ACT G 2 .   ? 10.230  18.675  13.451  1.00 33.89 ? 1006 ACT A CH3 1 
HETATM 1055 C  C   . ACT H 2 .   ? 12.173  -2.857  6.795   1.00 17.27 ? 1007 ACT A C   1 
HETATM 1056 O  O   . ACT H 2 .   ? 12.077  -4.064  7.065   1.00 17.50 ? 1007 ACT A O   1 
HETATM 1057 O  OXT . ACT H 2 .   ? 13.067  -2.489  6.005   1.00 18.63 ? 1007 ACT A OXT 1 
HETATM 1058 C  CH3 . ACT H 2 .   ? 11.148  -1.946  7.384   1.00 17.56 ? 1007 ACT A CH3 1 
HETATM 1059 ZN ZN  . ZN  I 3 .   ? -9.526  7.556   -14.435 1.00 14.17 ? 2001 ZN  A ZN  1 
HETATM 1060 ZN ZN  . ZN  J 3 .   ? 13.469  -5.455  6.606   0.90 13.61 ? 2002 ZN  A ZN  1 
HETATM 1061 ZN ZN  . ZN  K 3 .   ? 11.431  -12.725 -11.691 0.90 10.98 ? 2003 ZN  A ZN  1 
HETATM 1062 ZN ZN  . ZN  L 3 .   ? 5.547   -3.530  4.520   0.95 7.05  ? 2004 ZN  A ZN  1 
HETATM 1063 ZN ZN  . ZN  M 3 .   ? -0.539  -11.777 -10.721 0.50 6.88  ? 2005 ZN  A ZN  1 
HETATM 1064 ZN ZN  . ZN  N 3 .   ? -4.244  -20.393 1.464   0.90 12.61 ? 2006 ZN  A ZN  1 
HETATM 1065 N  N1  . IMD O 4 .   ? 9.733   -12.918 -10.663 1.00 10.97 ? 3001 IMD A N1  1 
HETATM 1066 C  C2  . IMD O 4 .   ? 8.500   -12.742 -11.241 1.00 9.49  ? 3001 IMD A C2  1 
HETATM 1067 N  N3  . IMD O 4 .   ? 7.585   -13.004 -10.322 1.00 10.83 ? 3001 IMD A N3  1 
HETATM 1068 C  C4  . IMD O 4 .   ? 8.189   -13.278 -9.151  1.00 10.15 ? 3001 IMD A C4  1 
HETATM 1069 C  C5  . IMD O 4 .   ? 9.531   -13.217 -9.368  1.00 9.77  ? 3001 IMD A C5  1 
HETATM 1070 O  O   . HOH P 5 .   ? -6.567  11.825  -9.765  1.00 5.28  ? 3002 HOH A O   1 
HETATM 1071 O  O   . HOH P 5 .   ? 3.034   -7.669  -9.279  1.00 4.98  ? 3003 HOH A O   1 
HETATM 1072 O  O   . HOH P 5 .   ? -6.940  13.810  -5.273  1.00 5.06  ? 3004 HOH A O   1 
HETATM 1073 O  O   . HOH P 5 .   ? -0.978  -13.201 -7.193  1.00 4.05  ? 3005 HOH A O   1 
HETATM 1074 O  O   . HOH P 5 .   ? -3.893  -6.230  -7.597  1.00 6.08  ? 3006 HOH A O   1 
HETATM 1075 O  O   . HOH P 5 .   ? 3.304   -15.541 -10.587 0.50 4.58  ? 3007 HOH A O   1 
HETATM 1076 O  O   . HOH P 5 .   ? -10.809 -5.092  0.259   1.00 8.51  ? 3008 HOH A O   1 
HETATM 1077 O  O   . HOH P 5 .   ? -11.273 2.473   4.639   1.00 5.08  ? 3009 HOH A O   1 
HETATM 1078 O  O   . HOH P 5 .   ? 10.719  -14.121 -6.245  1.00 6.22  ? 3010 HOH A O   1 
HETATM 1079 O  O   . HOH P 5 .   ? 13.385  -14.511 -6.916  1.00 7.83  ? 3011 HOH A O   1 
HETATM 1080 O  O   . HOH P 5 .   ? -9.382  12.286  -5.310  1.00 4.49  ? 3012 HOH A O   1 
HETATM 1081 O  O   . HOH P 5 .   ? 2.430   16.224  -8.988  1.00 11.73 ? 3013 HOH A O   1 
HETATM 1082 O  O   . HOH P 5 .   ? -4.175  19.902  -0.657  1.00 6.60  ? 3014 HOH A O   1 
HETATM 1083 O  O   . HOH P 5 .   ? 11.472  13.007  8.123   1.00 12.89 ? 3015 HOH A O   1 
HETATM 1084 O  O   . HOH P 5 .   ? -5.866  -10.314 -4.950  1.00 9.16  ? 3016 HOH A O   1 
HETATM 1085 O  O   . HOH P 5 .   ? -9.185  9.560   -6.099  1.00 8.42  ? 3017 HOH A O   1 
HETATM 1086 O  O   . HOH P 5 .   ? -2.024  22.253  0.271   1.00 7.33  ? 3018 HOH A O   1 
HETATM 1087 O  O   . HOH P 5 .   ? -4.354  -6.751  7.031   1.00 8.71  ? 3019 HOH A O   1 
HETATM 1088 O  O   . HOH P 5 .   ? 5.809   -15.451 -9.433  1.00 9.25  ? 3020 HOH A O   1 
HETATM 1089 O  O   . HOH P 5 .   ? 12.414  10.276  14.933  0.50 11.07 ? 3021 HOH A O   1 
HETATM 1090 O  O   . HOH P 5 .   ? -3.104  -9.113  7.970   1.00 12.02 ? 3022 HOH A O   1 
HETATM 1091 O  O   . HOH P 5 .   ? 0.387   -26.379 -3.534  1.00 30.39 ? 3023 HOH A O   1 
HETATM 1092 O  O   A HOH P 5 .   ? 11.800  -11.543 12.275  0.50 2.00  ? 3024 HOH A O   1 
HETATM 1093 O  O   B HOH P 5 .   ? 12.888  -10.540 12.369  0.50 2.00  ? 3024 HOH A O   1 
HETATM 1094 O  O   . HOH P 5 .   ? -5.905  24.059  -4.391  1.00 15.71 ? 3025 HOH A O   1 
HETATM 1095 O  O   . HOH P 5 .   ? 12.655  12.183  5.746   1.00 7.28  ? 3026 HOH A O   1 
HETATM 1096 O  O   . HOH P 5 .   ? 15.204  14.404  4.199   1.00 16.56 ? 3027 HOH A O   1 
HETATM 1097 O  O   . HOH P 5 .   ? 13.122  10.130  11.829  1.00 10.17 ? 3028 HOH A O   1 
HETATM 1098 O  O   . HOH P 5 .   ? 16.726  5.267   13.563  1.00 14.20 ? 3029 HOH A O   1 
HETATM 1099 O  O   . HOH P 5 .   ? 0.208   14.398  -9.709  1.00 13.41 ? 3030 HOH A O   1 
HETATM 1100 O  O   . HOH P 5 .   ? -9.579  10.134  -20.472 1.00 36.05 ? 3031 HOH A O   1 
HETATM 1101 O  O   . HOH P 5 .   ? -12.999 -4.424  3.092   1.00 14.60 ? 3032 HOH A O   1 
HETATM 1102 O  O   . HOH P 5 .   ? 5.762   20.149  9.256   1.00 36.96 ? 3033 HOH A O   1 
HETATM 1103 O  O   . HOH P 5 .   ? 8.498   15.217  -5.560  1.00 16.05 ? 3034 HOH A O   1 
HETATM 1104 O  O   . HOH P 5 .   ? -6.780  -7.339  6.149   1.00 15.94 ? 3035 HOH A O   1 
HETATM 1105 O  O   . HOH P 5 .   ? 12.585  -16.168 10.090  1.00 19.34 ? 3036 HOH A O   1 
HETATM 1106 O  O   . HOH P 5 .   ? -16.228 2.392   6.554   1.00 17.18 ? 3037 HOH A O   1 
HETATM 1107 O  O   . HOH P 5 .   ? 9.615   15.168  5.744   1.00 19.39 ? 3038 HOH A O   1 
HETATM 1108 O  O   . HOH P 5 .   ? -9.494  -3.178  -4.399  1.00 14.29 ? 3039 HOH A O   1 
HETATM 1109 O  O   . HOH P 5 .   ? -1.321  -13.413 7.231   1.00 19.03 ? 3040 HOH A O   1 
HETATM 1110 O  O   . HOH P 5 .   ? -5.665  -12.756 4.242   1.00 31.76 ? 3041 HOH A O   1 
HETATM 1111 O  O   . HOH P 5 .   ? 3.999   -25.001 -7.328  1.00 14.00 ? 3042 HOH A O   1 
HETATM 1112 O  O   . HOH P 5 .   ? -7.155  -12.918 1.124   1.00 11.70 ? 3043 HOH A O   1 
HETATM 1113 O  O   . HOH P 5 .   ? 5.163   20.301  3.985   1.00 18.75 ? 3044 HOH A O   1 
HETATM 1114 O  O   . HOH P 5 .   ? 12.915  -5.851  -9.256  1.00 17.88 ? 3045 HOH A O   1 
HETATM 1115 O  O   . HOH P 5 .   ? -3.158  23.910  -3.369  1.00 12.27 ? 3046 HOH A O   1 
HETATM 1116 O  O   . HOH P 5 .   ? 7.807   -20.188 -10.082 0.50 29.98 ? 3047 HOH A O   1 
HETATM 1117 O  O   . HOH P 5 .   ? -13.894 0.214   -3.401  1.00 19.58 ? 3048 HOH A O   1 
HETATM 1118 O  O   . HOH P 5 .   ? -9.367  18.610  -11.832 1.00 18.03 ? 3049 HOH A O   1 
HETATM 1119 O  O   . HOH P 5 .   ? 16.229  -8.751  -3.523  1.00 25.97 ? 3050 HOH A O   1 
HETATM 1120 O  O   . HOH P 5 .   ? -8.667  -10.334 -5.477  1.00 13.74 ? 3051 HOH A O   1 
HETATM 1121 O  O   . HOH P 5 .   ? -10.380 -5.626  -2.947  1.00 19.64 ? 3052 HOH A O   1 
HETATM 1122 O  O   . HOH P 5 .   ? -8.638  -7.996  7.902   1.00 23.21 ? 3053 HOH A O   1 
HETATM 1123 O  O   . HOH P 5 .   ? -11.411 18.774  -2.738  1.00 14.78 ? 3054 HOH A O   1 
HETATM 1124 O  O   . HOH P 5 .   ? -20.773 8.555   1.539   1.00 18.09 ? 3055 HOH A O   1 
HETATM 1125 O  O   . HOH P 5 .   ? -3.233  -7.396  -10.120 1.00 5.52  ? 3056 HOH A O   1 
HETATM 1126 O  O   . HOH P 5 .   ? -5.442  -8.572  -7.082  1.00 9.73  ? 3057 HOH A O   1 
HETATM 1127 O  O   . HOH P 5 .   ? 4.069   -8.495  13.405  1.00 11.73 ? 3058 HOH A O   1 
HETATM 1128 O  O   . HOH P 5 .   ? -1.932  -19.034 -4.034  1.00 21.71 ? 3059 HOH A O   1 
HETATM 1129 O  O   . HOH P 5 .   ? 12.140  -8.050  12.161  1.00 35.37 ? 3060 HOH A O   1 
HETATM 1130 O  O   . HOH P 5 .   ? -1.001  -0.911  13.528  1.00 15.36 ? 3061 HOH A O   1 
HETATM 1131 O  O   . HOH P 5 .   ? -5.177  -22.797 -5.791  1.00 21.63 ? 3062 HOH A O   1 
HETATM 1132 O  O   . HOH P 5 .   ? -2.108  21.457  -7.107  1.00 19.40 ? 3063 HOH A O   1 
HETATM 1133 O  O   . HOH P 5 .   ? -1.510  -24.212 -5.830  1.00 14.95 ? 3064 HOH A O   1 
HETATM 1134 O  O   . HOH P 5 .   ? 14.541  -6.590  -7.089  1.00 11.50 ? 3065 HOH A O   1 
HETATM 1135 O  O   . HOH P 5 .   ? -7.345  -16.136 0.371   1.00 12.86 ? 3066 HOH A O   1 
HETATM 1136 O  O   . HOH P 5 .   ? -14.780 0.636   -0.889  1.00 21.38 ? 3067 HOH A O   1 
HETATM 1137 O  O   . HOH P 5 .   ? -3.878  -13.834 7.984   1.00 29.37 ? 3068 HOH A O   1 
HETATM 1138 O  O   . HOH P 5 .   ? -2.873  -4.604  13.823  1.00 21.08 ? 3069 HOH A O   1 
HETATM 1139 O  O   . HOH P 5 .   ? 4.996   -27.314 -2.890  1.00 34.77 ? 3070 HOH A O   1 
HETATM 1140 O  O   . HOH P 5 .   ? -9.935  21.804  -2.351  1.00 17.79 ? 3071 HOH A O   1 
HETATM 1141 O  O   . HOH P 5 .   ? -7.304  25.859  -2.841  1.00 22.55 ? 3072 HOH A O   1 
HETATM 1142 O  O   . HOH P 5 .   ? 9.510   15.356  8.349   1.00 22.95 ? 3073 HOH A O   1 
HETATM 1143 O  O   . HOH P 5 .   ? -13.295 -1.962  2.885   1.00 21.01 ? 3074 HOH A O   1 
HETATM 1144 O  O   . HOH P 5 .   ? 19.411  -14.735 -5.311  1.00 42.75 ? 3075 HOH A O   1 
HETATM 1145 O  O   . HOH P 5 .   ? -4.104  20.170  -8.397  1.00 17.21 ? 3076 HOH A O   1 
HETATM 1146 O  O   . HOH P 5 .   ? 13.626  -18.824 -7.501  1.00 23.82 ? 3077 HOH A O   1 
HETATM 1147 O  O   . HOH P 5 .   ? -22.300 6.456   2.351   1.00 21.13 ? 3078 HOH A O   1 
HETATM 1148 O  O   . HOH P 5 .   ? -9.582  23.489  -4.704  1.00 30.19 ? 3079 HOH A O   1 
HETATM 1149 O  O   . HOH P 5 .   ? -6.913  -15.629 -8.300  1.00 19.80 ? 3080 HOH A O   1 
HETATM 1150 O  O   . HOH P 5 .   ? -2.982  24.645  -0.802  1.00 17.96 ? 3081 HOH A O   1 
HETATM 1151 O  O   . HOH P 5 .   ? -10.436 4.334   -13.055 1.00 25.90 ? 3082 HOH A O   1 
HETATM 1152 O  O   . HOH P 5 .   ? -6.532  5.394   -15.645 1.00 24.52 ? 3083 HOH A O   1 
HETATM 1153 O  O   . HOH P 5 .   ? -3.431  -5.568  -12.328 1.00 12.68 ? 3084 HOH A O   1 
HETATM 1154 O  O   . HOH P 5 .   ? 6.689   -24.031 -9.090  0.50 14.90 ? 3085 HOH A O   1 
HETATM 1155 O  O   . HOH P 5 .   ? 0.975   21.730  1.262   1.00 28.77 ? 3086 HOH A O   1 
HETATM 1156 O  O   . HOH P 5 .   ? 8.134   -2.937  20.891  1.00 33.85 ? 3087 HOH A O   1 
HETATM 1157 O  O   . HOH P 5 .   ? 14.799  -16.736 -6.514  1.00 15.00 ? 3088 HOH A O   1 
HETATM 1158 O  O   . HOH P 5 .   ? 3.800   20.732  -6.872  1.00 44.90 ? 3089 HOH A O   1 
HETATM 1159 O  O   . HOH P 5 .   ? -10.688 -3.784  13.487  1.00 39.36 ? 3090 HOH A O   1 
HETATM 1160 O  O   . HOH P 5 .   ? -11.888 -7.759  7.696   1.00 30.35 ? 3091 HOH A O   1 
HETATM 1161 O  O   . HOH P 5 .   ? 15.205  3.997   17.017  1.00 19.56 ? 3092 HOH A O   1 
HETATM 1162 O  O   . HOH P 5 .   ? -26.260 4.701   7.409   1.00 20.09 ? 3093 HOH A O   1 
HETATM 1163 O  O   . HOH P 5 .   ? 11.100  -9.751  11.146  1.00 28.89 ? 3094 HOH A O   1 
HETATM 1164 O  O   . HOH P 5 .   ? -9.795  -18.157 -0.307  1.00 34.03 ? 3095 HOH A O   1 
HETATM 1165 O  O   . HOH P 5 .   ? 8.415   5.895   19.813  1.00 24.03 ? 3096 HOH A O   1 
HETATM 1166 O  O   . HOH P 5 .   ? -5.270  -23.106 -1.525  1.00 29.31 ? 3097 HOH A O   1 
HETATM 1167 O  O   . HOH P 5 .   ? 13.333  8.163   16.490  1.00 17.90 ? 3098 HOH A O   1 
HETATM 1168 O  O   . HOH P 5 .   ? 10.274  -12.722 9.483   1.00 27.69 ? 3099 HOH A O   1 
HETATM 1169 O  O   . HOH P 5 .   ? -6.883  -6.113  14.154  1.00 30.53 ? 3100 HOH A O   1 
HETATM 1170 O  O   . HOH P 5 .   ? -5.497  -15.098 10.547  1.00 43.01 ? 3101 HOH A O   1 
HETATM 1171 O  O   . HOH P 5 .   ? 3.324   -24.825 4.107   1.00 33.88 ? 3102 HOH A O   1 
HETATM 1172 O  O   . HOH P 5 .   ? 7.396   -17.980 6.012   1.00 34.82 ? 3103 HOH A O   1 
HETATM 1173 O  O   . HOH P 5 .   ? -2.538  -21.500 2.420   0.50 9.86  ? 3104 HOH A O   1 
HETATM 1174 O  O   . HOH P 5 .   ? 9.733   -1.168  20.933  1.00 35.65 ? 3105 HOH A O   1 
HETATM 1175 O  O   . HOH P 5 .   ? 10.183  -20.896 3.445   1.00 31.77 ? 3106 HOH A O   1 
HETATM 1176 O  O   . HOH P 5 .   ? -14.483 19.064  -3.995  1.00 32.53 ? 3107 HOH A O   1 
HETATM 1177 O  O   . HOH P 5 .   ? 15.603  -11.309 -11.853 1.00 47.27 ? 3108 HOH A O   1 
HETATM 1178 O  O   . HOH P 5 .   ? 8.603   14.440  11.612  1.00 20.13 ? 3109 HOH A O   1 
HETATM 1179 O  O   . HOH P 5 .   ? -7.801  -14.314 -1.431  1.00 22.31 ? 3110 HOH A O   1 
HETATM 1180 O  O   . HOH P 5 .   ? 0.333   -8.887  13.274  1.00 24.21 ? 3111 HOH A O   1 
HETATM 1181 O  O   . HOH P 5 .   ? 20.178  -11.338 6.825   1.00 21.00 ? 3112 HOH A O   1 
HETATM 1182 O  O   . HOH P 5 .   ? -13.112 -7.254  11.484  1.00 36.93 ? 3113 HOH A O   1 
HETATM 1183 O  O   . HOH P 5 .   ? -0.316  23.758  2.702   1.00 30.71 ? 3114 HOH A O   1 
HETATM 1184 O  O   . HOH P 5 .   ? 8.979   -25.910 -2.112  1.00 28.88 ? 3115 HOH A O   1 
HETATM 1185 O  O   . HOH P 5 .   ? -6.988  -20.210 -6.015  1.00 20.29 ? 3116 HOH A O   1 
HETATM 1186 O  O   . HOH P 5 .   ? 17.530  -19.809 -0.999  1.00 25.08 ? 3117 HOH A O   1 
HETATM 1187 O  O   . HOH P 5 .   ? -9.320  -12.756 -5.647  1.00 13.65 ? 3118 HOH A O   1 
HETATM 1188 O  O   . HOH P 5 .   ? -17.788 1.064   -0.965  1.00 26.36 ? 3119 HOH A O   1 
HETATM 1189 O  O   . HOH P 5 .   ? 2.831   22.532  -10.502 1.00 33.91 ? 3120 HOH A O   1 
HETATM 1190 O  O   . HOH P 5 .   ? -17.129 11.255  -14.566 1.00 44.18 ? 3121 HOH A O   1 
HETATM 1191 O  O   . HOH P 5 .   ? -13.979 -0.820  8.194   1.00 26.67 ? 3122 HOH A O   1 
HETATM 1192 O  O   . HOH P 5 .   ? -13.812 -1.285  5.385   1.00 25.53 ? 3123 HOH A O   1 
HETATM 1193 O  O   . HOH P 5 .   ? 17.888  -8.456  -7.307  1.00 23.01 ? 3124 HOH A O   1 
HETATM 1194 O  O   . HOH P 5 .   ? -16.771 17.544  -3.750  1.00 28.86 ? 3125 HOH A O   1 
HETATM 1195 O  O   . HOH P 5 .   ? -7.750  -19.687 -0.566  1.00 25.87 ? 3126 HOH A O   1 
HETATM 1196 O  O   . HOH P 5 .   ? 3.188   21.926  -0.158  1.00 30.17 ? 3127 HOH A O   1 
HETATM 1197 O  O   . HOH P 5 .   ? -15.562 -1.449  3.995   1.00 19.59 ? 3128 HOH A O   1 
HETATM 1198 O  O   . HOH P 5 .   ? 19.254  -13.899 7.287   1.00 41.07 ? 3129 HOH A O   1 
HETATM 1199 O  O   . HOH P 5 .   ? -11.002 -10.674 -4.086  1.00 36.91 ? 3130 HOH A O   1 
HETATM 1200 O  O   . HOH P 5 .   ? -17.694 -0.928  4.534   1.00 35.04 ? 3131 HOH A O   1 
HETATM 1201 O  O   . HOH P 5 .   ? -18.681 12.085  -12.559 1.00 47.54 ? 3132 HOH A O   1 
HETATM 1202 O  O   . HOH P 5 .   ? -9.500  24.278  -0.059  1.00 34.12 ? 3133 HOH A O   1 
HETATM 1203 O  O   . HOH P 5 .   ? 15.692  -19.532 -3.843  1.00 35.00 ? 3134 HOH A O   1 
HETATM 1204 O  O   . HOH P 5 .   ? -14.964 -1.660  0.872   1.00 31.78 ? 3135 HOH A O   1 
HETATM 1205 O  O   . HOH P 5 .   ? -14.768 13.983  -15.389 1.00 27.96 ? 3136 HOH A O   1 
HETATM 1206 O  O   . HOH P 5 .   ? -19.889 0.319   6.898   1.00 31.73 ? 3137 HOH A O   1 
HETATM 1207 O  O   . HOH P 5 .   ? 6.642   17.514  12.881  1.00 49.75 ? 3138 HOH A O   1 
HETATM 1208 O  O   . HOH P 5 .   ? 16.189  -8.754  -0.754  1.00 28.76 ? 3139 HOH A O   1 
HETATM 1209 O  O   . HOH P 5 .   ? 16.504  -1.222  11.881  1.00 18.71 ? 3140 HOH A O   1 
HETATM 1210 O  O   . HOH P 5 .   ? -10.610 18.176  -9.671  1.00 25.10 ? 3141 HOH A O   1 
HETATM 1211 O  O   . HOH P 5 .   ? 8.768   9.142   18.732  1.00 27.02 ? 3142 HOH A O   1 
HETATM 1212 O  O   . HOH P 5 .   ? -13.886 -5.597  7.182   1.00 38.91 ? 3143 HOH A O   1 
HETATM 1213 O  O   . HOH P 5 .   ? -7.853  -14.037 -7.039  1.00 40.70 ? 3144 HOH A O   1 
HETATM 1214 O  O   . HOH P 5 .   ? -1.273  25.694  -5.005  1.00 27.58 ? 3145 HOH A O   1 
HETATM 1215 O  O   . HOH P 5 .   ? 0.990   -12.466 14.086  1.00 40.63 ? 3146 HOH A O   1 
HETATM 1216 O  O   . HOH P 5 .   ? -18.230 -0.223  2.417   1.00 33.64 ? 3147 HOH A O   1 
HETATM 1217 O  O   . HOH P 5 .   ? -15.994 -0.276  6.072   1.00 23.27 ? 3148 HOH A O   1 
HETATM 1218 O  O   . HOH P 5 .   ? -13.033 20.538  -6.828  1.00 46.46 ? 3149 HOH A O   1 
HETATM 1219 O  O   . HOH P 5 .   ? 10.355  17.154  -5.009  1.00 27.90 ? 3150 HOH A O   1 
HETATM 1220 O  O   . HOH P 5 .   ? -0.634  14.523  -16.107 1.00 27.88 ? 3151 HOH A O   1 
HETATM 1221 O  O   . HOH P 5 .   ? -9.010  5.648   -14.512 1.00 13.99 ? 3152 HOH A O   1 
HETATM 1222 O  O   A HOH P 5 .   ? 15.353  -5.126  7.452   0.50 2.00  ? 3153 HOH A O   1 
HETATM 1223 O  O   B HOH P 5 .   ? 14.869  -1.712  9.863   0.50 17.42 ? 3153 HOH A O   1 
HETATM 1224 O  O   . HOH P 5 .   ? 4.778   19.001  6.630   1.00 13.25 ? 3154 HOH A O   1 
HETATM 1225 O  O   . HOH P 5 .   ? -9.532  8.268   -16.385 1.00 11.36 ? 3155 HOH A O   1 
HETATM 1226 O  O   . HOH P 5 .   ? 14.569  -5.943  11.959  1.00 29.08 ? 3156 HOH A O   1 
HETATM 1227 O  O   . HOH P 5 .   ? 13.285  -4.903  13.937  1.00 26.27 ? 3157 HOH A O   1 
HETATM 1228 O  O   . HOH P 5 .   ? 10.991  -15.218 8.051   1.00 15.73 ? 3158 HOH A O   1 
HETATM 1229 O  O   . HOH P 5 .   ? 19.087  -13.337 1.242   1.00 40.27 ? 3159 HOH A O   1 
HETATM 1230 O  O   . HOH P 5 .   ? 14.861  -11.135 0.085   1.00 16.90 ? 3160 HOH A O   1 
HETATM 1231 O  O   . HOH P 5 .   ? 12.519  -8.427  -13.720 1.00 18.22 ? 3161 HOH A O   1 
HETATM 1232 O  O   . HOH P 5 .   ? -0.356  -24.268 -2.000  1.00 15.45 ? 3162 HOH A O   1 
HETATM 1233 O  O   . HOH P 5 .   ? 3.099   -25.982 -3.981  1.00 14.07 ? 3163 HOH A O   1 
HETATM 1234 O  O   . HOH P 5 .   ? 8.335   -13.139 11.432  1.00 37.68 ? 3164 HOH A O   1 
HETATM 1235 O  O   . HOH P 5 .   ? 8.915   -17.114 7.991   1.00 27.43 ? 3165 HOH A O   1 
HETATM 1236 O  O   . HOH P 5 .   ? -6.345  -10.225 4.396   1.00 12.17 ? 3166 HOH A O   1 
HETATM 1237 O  O   . HOH P 5 .   ? -4.759  -11.281 8.088   1.00 22.83 ? 3167 HOH A O   1 
HETATM 1238 O  O   . HOH P 5 .   ? -7.949  -13.668 -3.778  1.00 37.97 ? 3168 HOH A O   1 
HETATM 1239 O  O   . HOH P 5 .   ? 14.737  -4.826  9.555   1.00 38.92 ? 3169 HOH A O   1 
HETATM 1240 O  O   . HOH P 5 .   ? 14.029  -2.279  13.680  1.00 26.38 ? 3170 HOH A O   1 
HETATM 1241 O  O   . HOH P 5 .   ? 16.484  -1.091  7.958   1.00 30.37 ? 3171 HOH A O   1 
HETATM 1242 O  O   . HOH P 5 .   ? 16.332  -13.117 -0.282  1.00 20.89 ? 3172 HOH A O   1 
HETATM 1243 O  O   . HOH P 5 .   ? 4.584   -21.079 -8.070  1.00 19.29 ? 3173 HOH A O   1 
HETATM 1244 O  O   . HOH P 5 .   ? 13.701  -22.292 -0.610  1.00 36.38 ? 3174 HOH A O   1 
HETATM 1245 O  O   . HOH P 5 .   ? 9.881   -23.587 -3.757  1.00 18.55 ? 3175 HOH A O   1 
HETATM 1246 O  O   . HOH P 5 .   ? 6.166   -25.573 -1.751  1.00 14.92 ? 3176 HOH A O   1 
HETATM 1247 O  O   . HOH P 5 .   ? 7.628   -22.977 3.798   1.00 32.11 ? 3177 HOH A O   1 
HETATM 1248 O  O   . HOH P 5 .   ? -8.413  -7.828  13.368  1.00 36.75 ? 3178 HOH A O   1 
HETATM 1249 O  O   . HOH P 5 .   ? -4.237  -6.913  14.440  1.00 31.80 ? 3179 HOH A O   1 
HETATM 1250 O  O   . HOH P 5 .   ? 5.142   -19.730 -10.260 1.00 12.02 ? 3180 HOH A O   1 
HETATM 1251 O  O   . HOH P 5 .   ? 5.746   -27.049 0.630   1.00 30.97 ? 3181 HOH A O   1 
HETATM 1252 O  O   . HOH P 5 .   ? 5.904   -24.894 2.618   1.00 31.72 ? 3182 HOH A O   1 
HETATM 1253 O  O   . HOH P 5 .   ? -4.478  -21.915 0.257   1.00 13.88 ? 3183 HOH A O   1 
# 
